data_6IDW
#
_entry.id   6IDW
#
_cell.length_a   310.369
_cell.length_b   86.594
_cell.length_c   82.314
_cell.angle_alpha   90.000
_cell.angle_beta   93.670
_cell.angle_gamma   90.000
#
_symmetry.space_group_name_H-M   'C 1 2 1'
#
loop_
_entity.id
_entity.type
_entity.pdbx_description
1 polymer Glucanase
2 branched beta-D-glucopyranose-(1-4)-beta-D-glucopyranose
3 non-polymer GLYCEROL
4 non-polymer 'PHOSPHATE ION'
5 non-polymer 1,2-ETHANEDIOL
6 non-polymer (4S)-2-METHYL-2,4-PENTANEDIOL
7 water water
#
_entity_poly.entity_id   1
_entity_poly.type   'polypeptide(L)'
_entity_poly.pdbx_seq_one_letter_code
;TSDNFFENELYSNYKFQGEVDQSIQRLSGSLQEKAKKVKYVPTAAWLAWSGATNEVARYLNEAGSKTVVFVLYMIPTRDC
NAGGSNGGADNLSTYQGYVNSIYNTINQYPNSRIVMIIEPDTIGNLVTANNANCRNVHDMHKQALSYAISKFGTQKNVRV
YLDAAHGGWLNSSADRTAEVIAEILRNAGNGKIRGISTNVSNYQPVYSEYQYHQNLNRALESRGVRGMKFIVDTSRNGRN
PSSATWCNLKGAGLGARPQANPDPNMPLLDAYVWIKTPGESDSASSADPVCRNSDSLQGAPAAGSWFHDYFVMLLENANP
PF
;
_entity_poly.pdbx_strand_id   A,B,C,D
#
# COMPACT_ATOMS: atom_id res chain seq x y z
N THR A 1 -39.98 -17.37 8.65
CA THR A 1 -40.37 -17.27 7.25
C THR A 1 -40.06 -15.88 6.68
N SER A 2 -38.88 -15.36 7.00
CA SER A 2 -38.49 -14.01 6.60
C SER A 2 -38.58 -13.82 5.10
N ASP A 3 -39.08 -12.66 4.69
CA ASP A 3 -39.31 -12.38 3.26
C ASP A 3 -38.04 -12.00 2.47
N ASN A 4 -36.92 -11.92 3.17
CA ASN A 4 -35.62 -11.71 2.59
C ASN A 4 -34.91 -13.05 2.54
N PHE A 5 -35.04 -13.72 1.39
CA PHE A 5 -34.47 -15.06 1.24
C PHE A 5 -32.94 -15.09 1.29
N PHE A 6 -32.30 -13.91 1.27
CA PHE A 6 -30.84 -13.86 1.32
C PHE A 6 -30.34 -14.02 2.73
N GLU A 7 -31.23 -13.95 3.72
CA GLU A 7 -30.85 -14.18 5.11
C GLU A 7 -30.51 -15.64 5.35
N ASN A 8 -31.15 -16.52 4.61
CA ASN A 8 -30.71 -17.91 4.44
C ASN A 8 -29.31 -18.03 3.79
N GLU A 9 -28.61 -19.15 4.01
CA GLU A 9 -27.37 -19.53 3.30
C GLU A 9 -27.57 -19.61 1.78
N LEU A 10 -26.59 -19.17 0.99
CA LEU A 10 -26.82 -19.06 -0.45
C LEU A 10 -26.18 -20.21 -1.19
N TYR A 11 -26.82 -20.60 -2.29
CA TYR A 11 -26.41 -21.75 -3.09
C TYR A 11 -25.34 -21.41 -4.14
N SER A 12 -24.20 -22.11 -4.03
CA SER A 12 -23.09 -22.07 -4.99
C SER A 12 -23.26 -23.19 -6.07
N ASN A 13 -23.31 -22.83 -7.35
CA ASN A 13 -23.69 -23.80 -8.36
C ASN A 13 -22.56 -24.37 -9.17
N TYR A 14 -22.75 -25.60 -9.64
CA TYR A 14 -21.75 -26.37 -10.36
C TYR A 14 -21.26 -25.66 -11.61
N LYS A 15 -22.06 -24.77 -12.18
CA LYS A 15 -21.68 -24.21 -13.45
C LYS A 15 -20.58 -23.18 -13.26
N PHE A 16 -20.82 -22.24 -12.34
CA PHE A 16 -19.80 -21.26 -12.03
C PHE A 16 -18.53 -22.00 -11.46
N GLN A 17 -18.74 -23.01 -10.61
CA GLN A 17 -17.64 -23.77 -10.05
C GLN A 17 -16.74 -24.28 -11.21
N GLY A 18 -17.36 -24.88 -12.21
CA GLY A 18 -16.67 -25.39 -13.38
C GLY A 18 -15.98 -24.31 -14.19
N GLU A 19 -16.59 -23.12 -14.22
CA GLU A 19 -15.99 -21.97 -14.90
C GLU A 19 -14.74 -21.48 -14.19
N VAL A 20 -14.78 -21.39 -12.86
CA VAL A 20 -13.62 -20.94 -12.13
C VAL A 20 -12.52 -22.03 -12.24
N ASP A 21 -12.92 -23.30 -12.34
CA ASP A 21 -11.97 -24.41 -12.44
C ASP A 21 -11.14 -24.27 -13.67
N GLN A 22 -11.75 -23.79 -14.73
CA GLN A 22 -11.00 -23.60 -15.96
C GLN A 22 -9.88 -22.59 -15.75
N SER A 23 -10.18 -21.56 -14.95
CA SER A 23 -9.18 -20.55 -14.64
C SER A 23 -8.11 -21.08 -13.68
N ILE A 24 -8.54 -21.77 -12.61
CA ILE A 24 -7.63 -22.38 -11.66
C ILE A 24 -6.49 -23.15 -12.40
N GLN A 25 -6.88 -23.97 -13.36
CA GLN A 25 -5.98 -24.76 -14.12
C GLN A 25 -5.04 -23.99 -14.99
N ARG A 26 -5.35 -22.76 -15.33
CA ARG A 26 -4.39 -21.92 -16.06
C ARG A 26 -3.60 -20.92 -15.18
N LEU A 27 -3.68 -21.08 -13.86
CA LEU A 27 -3.08 -20.13 -12.96
C LEU A 27 -2.15 -20.80 -12.01
N SER A 28 -1.16 -20.03 -11.50
CA SER A 28 -0.26 -20.51 -10.44
C SER A 28 -0.10 -19.53 -9.28
N GLY A 29 0.29 -20.07 -8.13
CA GLY A 29 0.70 -19.25 -7.02
C GLY A 29 -0.43 -18.35 -6.54
N SER A 30 -0.14 -17.04 -6.48
CA SER A 30 -0.95 -16.09 -5.77
C SER A 30 -2.38 -16.03 -6.35
N LEU A 31 -2.44 -15.87 -7.66
CA LEU A 31 -3.73 -15.72 -8.36
C LEU A 31 -4.58 -16.99 -8.37
N GLN A 32 -3.89 -18.12 -8.45
CA GLN A 32 -4.56 -19.38 -8.25
C GLN A 32 -5.18 -19.50 -6.84
N GLU A 33 -4.48 -19.03 -5.80
CA GLU A 33 -5.02 -19.11 -4.47
C GLU A 33 -6.29 -18.28 -4.35
N LYS A 34 -6.30 -17.11 -5.02
CA LYS A 34 -7.40 -16.16 -5.03
C LYS A 34 -8.61 -16.74 -5.75
N ALA A 35 -8.35 -17.20 -6.97
CA ALA A 35 -9.34 -17.93 -7.75
C ALA A 35 -9.99 -19.07 -6.99
N LYS A 36 -9.21 -19.84 -6.24
CA LYS A 36 -9.78 -20.89 -5.43
C LYS A 36 -10.80 -20.40 -4.43
N LYS A 37 -10.69 -19.14 -3.94
CA LYS A 37 -11.62 -18.60 -2.93
C LYS A 37 -12.88 -18.03 -3.65
N VAL A 38 -12.71 -17.61 -4.91
CA VAL A 38 -13.81 -17.10 -5.71
C VAL A 38 -14.76 -18.25 -6.17
N LYS A 39 -14.20 -19.41 -6.46
CA LYS A 39 -14.93 -20.61 -6.84
C LYS A 39 -16.23 -20.91 -6.03
N TYR A 40 -16.23 -20.74 -4.70
CA TYR A 40 -17.42 -21.08 -3.89
C TYR A 40 -18.32 -19.90 -3.55
N VAL A 41 -18.00 -18.72 -4.11
CA VAL A 41 -18.77 -17.51 -3.85
C VAL A 41 -20.05 -17.67 -4.66
N PRO A 42 -21.24 -17.72 -3.96
CA PRO A 42 -22.56 -17.91 -4.66
C PRO A 42 -22.77 -16.90 -5.78
N THR A 43 -23.16 -17.37 -6.95
CA THR A 43 -23.54 -16.51 -8.10
C THR A 43 -24.91 -16.91 -8.63
N ALA A 44 -25.61 -15.99 -9.26
CA ALA A 44 -26.97 -16.31 -9.74
C ALA A 44 -26.87 -17.20 -10.96
N ALA A 45 -27.84 -18.10 -11.14
CA ALA A 45 -27.94 -18.97 -12.31
C ALA A 45 -28.89 -18.32 -13.33
N TRP A 46 -28.39 -18.12 -14.54
CA TRP A 46 -29.16 -17.49 -15.60
C TRP A 46 -29.96 -18.50 -16.44
N LEU A 47 -31.24 -18.20 -16.59
CA LEU A 47 -32.11 -18.88 -17.53
C LEU A 47 -32.19 -18.11 -18.88
N ALA A 48 -31.26 -18.32 -19.79
CA ALA A 48 -31.09 -17.35 -20.88
C ALA A 48 -31.19 -17.91 -22.29
N TRP A 49 -31.74 -19.11 -22.41
CA TRP A 49 -32.02 -19.75 -23.72
C TRP A 49 -33.18 -20.78 -23.54
N SER A 50 -33.78 -21.19 -24.65
CA SER A 50 -34.98 -22.09 -24.63
C SER A 50 -34.78 -23.40 -23.85
N GLY A 51 -33.61 -24.03 -23.98
CA GLY A 51 -33.30 -25.19 -23.16
C GLY A 51 -33.25 -25.03 -21.65
N ALA A 52 -33.18 -23.78 -21.16
CA ALA A 52 -32.93 -23.54 -19.74
C ALA A 52 -34.02 -24.12 -18.82
N THR A 53 -35.21 -24.34 -19.39
CA THR A 53 -36.30 -24.97 -18.63
C THR A 53 -35.92 -26.39 -18.11
N ASN A 54 -35.00 -27.06 -18.81
CA ASN A 54 -34.48 -28.35 -18.33
C ASN A 54 -33.43 -28.20 -17.24
N GLU A 55 -32.79 -27.02 -17.19
CA GLU A 55 -31.75 -26.80 -16.19
C GLU A 55 -32.27 -26.62 -14.76
N VAL A 56 -33.52 -26.17 -14.63
CA VAL A 56 -34.07 -25.72 -13.34
C VAL A 56 -34.04 -26.84 -12.32
N ALA A 57 -34.41 -28.06 -12.73
CA ALA A 57 -34.54 -29.13 -11.75
C ALA A 57 -33.17 -29.47 -11.11
N ARG A 58 -32.11 -29.52 -11.95
CA ARG A 58 -30.80 -29.90 -11.46
C ARG A 58 -30.41 -28.95 -10.34
N TYR A 59 -30.49 -27.63 -10.64
CA TYR A 59 -30.16 -26.58 -9.67
C TYR A 59 -30.89 -26.80 -8.35
N LEU A 60 -32.19 -27.03 -8.45
CA LEU A 60 -33.02 -27.17 -7.31
C LEU A 60 -32.72 -28.44 -6.50
N ASN A 61 -32.39 -29.55 -7.18
CA ASN A 61 -31.93 -30.77 -6.49
C ASN A 61 -30.64 -30.57 -5.73
N GLU A 62 -29.68 -29.87 -6.34
CA GLU A 62 -28.33 -29.73 -5.79
C GLU A 62 -28.26 -28.67 -4.69
N ALA A 63 -29.36 -27.92 -4.52
CA ALA A 63 -29.29 -26.76 -3.65
C ALA A 63 -29.79 -27.05 -2.27
N GLY A 64 -30.68 -28.04 -2.15
CA GLY A 64 -31.29 -28.38 -0.87
C GLY A 64 -32.07 -27.20 -0.32
N SER A 65 -31.78 -26.86 0.94
CA SER A 65 -32.48 -25.76 1.60
C SER A 65 -31.81 -24.38 1.38
N LYS A 66 -30.72 -24.35 0.60
CA LYS A 66 -30.00 -23.08 0.28
C LYS A 66 -30.77 -22.21 -0.74
N THR A 67 -30.72 -20.89 -0.56
CA THR A 67 -31.37 -19.95 -1.49
C THR A 67 -30.78 -20.08 -2.90
N VAL A 68 -31.67 -20.31 -3.85
CA VAL A 68 -31.27 -20.33 -5.25
C VAL A 68 -31.67 -19.01 -5.89
N VAL A 69 -30.80 -18.40 -6.69
CA VAL A 69 -31.15 -17.16 -7.31
C VAL A 69 -31.14 -17.41 -8.78
N PHE A 70 -32.31 -17.25 -9.41
CA PHE A 70 -32.52 -17.44 -10.87
C PHE A 70 -32.70 -16.12 -11.57
N VAL A 71 -32.16 -15.98 -12.77
CA VAL A 71 -32.35 -14.74 -13.51
C VAL A 71 -33.09 -15.14 -14.78
N LEU A 72 -34.34 -14.72 -14.87
CA LEU A 72 -35.14 -15.05 -16.06
C LEU A 72 -34.80 -14.11 -17.18
N TYR A 73 -34.22 -14.61 -18.25
CA TYR A 73 -33.69 -13.75 -19.33
C TYR A 73 -33.98 -14.33 -20.72
N MET A 74 -35.25 -14.54 -20.95
CA MET A 74 -35.71 -15.29 -22.10
C MET A 74 -36.87 -14.61 -22.81
N ILE A 75 -36.97 -13.26 -22.68
CA ILE A 75 -38.02 -12.41 -23.36
C ILE A 75 -37.83 -12.39 -24.92
N PRO A 76 -38.86 -12.16 -25.78
CA PRO A 76 -38.76 -12.26 -27.26
C PRO A 76 -37.83 -11.37 -28.08
N THR A 77 -37.85 -10.07 -27.81
CA THR A 77 -36.95 -9.10 -28.50
C THR A 77 -36.06 -8.47 -27.44
N ARG A 78 -34.80 -8.22 -27.81
CA ARG A 78 -33.85 -7.57 -26.89
C ARG A 78 -33.47 -6.15 -27.37
N ASP A 79 -33.72 -5.86 -28.64
CA ASP A 79 -33.46 -4.59 -29.25
C ASP A 79 -34.53 -4.40 -30.32
N CYS A 80 -35.13 -3.22 -30.38
CA CYS A 80 -36.11 -2.95 -31.41
C CYS A 80 -35.23 -2.19 -32.41
N ASN A 81 -34.38 -2.97 -33.07
CA ASN A 81 -33.42 -2.55 -34.07
C ASN A 81 -33.16 -3.71 -35.04
N ALA A 82 -32.61 -3.42 -36.22
CA ALA A 82 -32.34 -4.44 -37.21
C ALA A 82 -31.26 -5.46 -36.81
N GLY A 83 -31.41 -6.68 -37.32
CA GLY A 83 -30.48 -7.77 -37.08
C GLY A 83 -30.25 -8.28 -35.66
N GLY A 84 -31.30 -8.35 -34.86
CA GLY A 84 -31.19 -8.84 -33.50
C GLY A 84 -32.04 -10.08 -33.24
N SER A 85 -31.44 -11.12 -32.66
CA SER A 85 -32.18 -12.34 -32.37
C SER A 85 -31.28 -13.31 -31.60
N ASN A 86 -31.71 -14.58 -31.56
CA ASN A 86 -30.97 -15.70 -30.94
C ASN A 86 -31.04 -15.96 -29.41
N GLY A 87 -31.80 -15.17 -28.65
CA GLY A 87 -31.93 -15.41 -27.22
C GLY A 87 -33.35 -15.42 -26.64
N GLY A 88 -34.32 -14.94 -27.44
CA GLY A 88 -35.74 -14.76 -27.12
C GLY A 88 -36.66 -15.48 -27.97
N ALA A 89 -37.82 -15.53 -27.39
CA ALA A 89 -38.93 -16.19 -27.90
C ALA A 89 -39.57 -15.59 -29.14
N ASP A 90 -40.26 -16.47 -29.84
CA ASP A 90 -40.99 -16.11 -31.06
C ASP A 90 -42.00 -15.03 -30.70
N ASN A 91 -42.67 -15.30 -29.61
CA ASN A 91 -43.62 -14.33 -29.06
C ASN A 91 -44.19 -14.62 -27.72
N LEU A 92 -45.01 -13.68 -27.29
CA LEU A 92 -45.67 -13.81 -26.09
C LEU A 92 -46.10 -15.20 -25.69
N SER A 93 -46.71 -15.93 -26.61
CA SER A 93 -47.19 -17.25 -26.23
C SER A 93 -46.07 -18.26 -26.06
N THR A 94 -44.99 -18.11 -26.83
CA THR A 94 -43.80 -18.93 -26.65
C THR A 94 -43.19 -18.60 -25.27
N TYR A 95 -43.14 -17.30 -24.94
CA TYR A 95 -42.66 -16.82 -23.64
C TYR A 95 -43.49 -17.37 -22.49
N GLN A 96 -44.81 -17.29 -22.62
CA GLN A 96 -45.71 -17.82 -21.62
C GLN A 96 -45.51 -19.32 -21.41
N GLY A 97 -45.17 -20.03 -22.47
CA GLY A 97 -44.70 -21.41 -22.40
C GLY A 97 -43.53 -21.59 -21.47
N TYR A 98 -42.50 -20.79 -21.70
CA TYR A 98 -41.26 -20.88 -20.89
C TYR A 98 -41.60 -20.58 -19.40
N VAL A 99 -42.42 -19.55 -19.20
CA VAL A 99 -42.81 -19.13 -17.85
C VAL A 99 -43.57 -20.26 -17.13
N ASN A 100 -44.50 -20.87 -17.84
CA ASN A 100 -45.30 -21.94 -17.27
C ASN A 100 -44.46 -23.14 -16.91
N SER A 101 -43.57 -23.50 -17.84
CA SER A 101 -42.64 -24.59 -17.62
C SER A 101 -41.85 -24.35 -16.34
N ILE A 102 -41.25 -23.15 -16.19
CA ILE A 102 -40.34 -22.87 -15.04
C ILE A 102 -41.14 -22.84 -13.72
N TYR A 103 -42.30 -22.20 -13.82
CA TYR A 103 -43.32 -22.11 -12.75
C TYR A 103 -43.73 -23.50 -12.23
N ASN A 104 -43.97 -24.42 -13.20
CA ASN A 104 -44.40 -25.79 -12.92
C ASN A 104 -43.31 -26.55 -12.20
N THR A 105 -42.06 -26.52 -12.74
CA THR A 105 -40.92 -27.15 -12.08
C THR A 105 -40.85 -26.61 -10.69
N ILE A 106 -40.88 -25.27 -10.54
CA ILE A 106 -40.75 -24.66 -9.19
C ILE A 106 -41.73 -25.25 -8.18
N ASN A 107 -42.97 -25.47 -8.63
CA ASN A 107 -44.06 -26.06 -7.82
C ASN A 107 -43.79 -27.44 -7.22
N GLN A 108 -42.93 -28.21 -7.88
CA GLN A 108 -42.49 -29.51 -7.38
C GLN A 108 -41.54 -29.39 -6.17
N TYR A 109 -41.12 -28.17 -5.82
CA TYR A 109 -40.14 -27.93 -4.77
C TYR A 109 -40.67 -26.95 -3.72
N PRO A 110 -41.69 -27.37 -2.96
CA PRO A 110 -42.25 -26.44 -1.95
C PRO A 110 -41.27 -26.02 -0.87
N ASN A 111 -40.18 -26.76 -0.67
CA ASN A 111 -39.24 -26.40 0.44
C ASN A 111 -37.98 -25.60 0.04
N SER A 112 -37.72 -25.53 -1.26
CA SER A 112 -36.67 -24.70 -1.79
C SER A 112 -37.01 -23.24 -1.54
N ARG A 113 -35.98 -22.38 -1.44
CA ARG A 113 -36.18 -20.94 -1.34
C ARG A 113 -35.57 -20.35 -2.58
N ILE A 114 -36.39 -19.70 -3.37
CA ILE A 114 -36.00 -19.27 -4.70
C ILE A 114 -36.18 -17.79 -4.89
N VAL A 115 -35.11 -17.16 -5.35
CA VAL A 115 -35.14 -15.75 -5.75
C VAL A 115 -35.18 -15.68 -7.28
N MET A 116 -36.21 -15.04 -7.81
CA MET A 116 -36.35 -14.90 -9.25
C MET A 116 -36.20 -13.45 -9.63
N ILE A 117 -35.20 -13.17 -10.46
CA ILE A 117 -34.97 -11.81 -10.90
C ILE A 117 -35.60 -11.74 -12.32
N ILE A 118 -36.59 -10.87 -12.56
CA ILE A 118 -37.27 -10.73 -13.89
C ILE A 118 -36.28 -10.12 -14.89
N GLU A 119 -36.60 -10.19 -16.17
CA GLU A 119 -35.56 -9.87 -17.13
C GLU A 119 -34.78 -8.61 -16.94
N PRO A 120 -33.47 -8.79 -16.90
CA PRO A 120 -32.56 -7.66 -16.96
C PRO A 120 -32.66 -6.85 -18.30
N ASP A 121 -32.50 -5.52 -18.27
CA ASP A 121 -32.49 -4.62 -19.43
C ASP A 121 -33.82 -4.50 -20.19
N THR A 122 -34.95 -4.92 -19.59
CA THR A 122 -36.25 -4.68 -20.23
C THR A 122 -36.90 -3.34 -19.83
N ILE A 123 -37.06 -3.10 -18.54
CA ILE A 123 -37.54 -1.80 -18.06
C ILE A 123 -36.63 -0.67 -18.60
N GLY A 124 -35.31 -0.77 -18.42
CA GLY A 124 -34.42 0.24 -18.95
C GLY A 124 -34.78 0.66 -20.38
N ASN A 125 -34.95 -0.32 -21.28
CA ASN A 125 -35.28 -0.07 -22.67
C ASN A 125 -36.67 0.53 -22.83
N LEU A 126 -37.64 0.12 -22.00
CA LEU A 126 -39.01 0.65 -22.08
C LEU A 126 -39.09 2.15 -21.77
N VAL A 127 -38.17 2.60 -20.92
CA VAL A 127 -38.08 4.00 -20.54
C VAL A 127 -37.25 4.83 -21.54
N THR A 128 -36.12 4.30 -22.02
CA THR A 128 -35.16 5.15 -22.73
C THR A 128 -35.08 4.88 -24.22
N ALA A 129 -35.34 3.64 -24.65
CA ALA A 129 -35.28 3.33 -26.09
C ALA A 129 -36.44 4.01 -26.77
N ASN A 130 -36.21 4.42 -28.02
CA ASN A 130 -37.14 5.17 -28.87
C ASN A 130 -38.44 4.46 -29.25
N ASN A 131 -39.47 5.27 -29.51
CA ASN A 131 -40.80 4.72 -29.80
C ASN A 131 -41.43 4.89 -31.22
N ALA A 132 -40.68 5.01 -32.30
CA ALA A 132 -41.34 5.22 -33.60
C ALA A 132 -41.92 3.94 -34.22
N ASN A 133 -41.07 2.95 -34.39
CA ASN A 133 -41.50 1.67 -34.94
C ASN A 133 -41.28 0.60 -33.89
N CYS A 134 -41.24 0.96 -32.61
CA CYS A 134 -40.90 -0.05 -31.66
C CYS A 134 -42.03 -0.13 -30.74
N ARG A 135 -43.17 0.25 -31.26
CA ARG A 135 -44.36 0.30 -30.48
C ARG A 135 -44.83 -1.09 -30.07
N ASN A 136 -44.75 -2.03 -31.01
CA ASN A 136 -45.30 -3.38 -30.87
C ASN A 136 -44.58 -4.20 -29.81
N VAL A 137 -43.23 -4.20 -29.92
CA VAL A 137 -42.33 -4.96 -29.02
C VAL A 137 -42.40 -4.41 -27.58
N HIS A 138 -42.41 -3.08 -27.49
CA HIS A 138 -42.69 -2.30 -26.29
C HIS A 138 -43.89 -2.87 -25.51
N ASP A 139 -45.06 -2.92 -26.16
CA ASP A 139 -46.30 -3.41 -25.55
C ASP A 139 -46.29 -4.88 -25.17
N MET A 140 -45.64 -5.65 -26.01
CA MET A 140 -45.41 -7.08 -25.74
C MET A 140 -44.44 -7.23 -24.54
N HIS A 141 -43.41 -6.42 -24.45
CA HIS A 141 -42.52 -6.64 -23.31
C HIS A 141 -43.30 -6.42 -22.01
N LYS A 142 -44.14 -5.37 -21.98
CA LYS A 142 -44.92 -5.06 -20.81
C LYS A 142 -45.85 -6.20 -20.42
N GLN A 143 -46.43 -6.84 -21.42
CA GLN A 143 -47.27 -8.03 -21.21
C GLN A 143 -46.42 -9.21 -20.70
N ALA A 144 -45.25 -9.40 -21.31
CA ALA A 144 -44.32 -10.42 -20.95
C ALA A 144 -44.00 -10.32 -19.44
N LEU A 145 -43.61 -9.12 -19.00
CA LEU A 145 -43.21 -8.91 -17.60
C LEU A 145 -44.39 -9.07 -16.66
N SER A 146 -45.53 -8.49 -17.00
CA SER A 146 -46.77 -8.74 -16.24
C SER A 146 -47.13 -10.24 -16.10
N TYR A 147 -47.04 -10.98 -17.21
CA TYR A 147 -47.25 -12.40 -17.13
C TYR A 147 -46.29 -13.05 -16.15
N ALA A 148 -44.97 -12.82 -16.33
CA ALA A 148 -43.97 -13.49 -15.50
C ALA A 148 -44.28 -13.24 -14.02
N ILE A 149 -44.64 -11.99 -13.71
CA ILE A 149 -44.89 -11.61 -12.33
C ILE A 149 -46.16 -12.24 -11.80
N SER A 150 -47.19 -12.32 -12.65
CA SER A 150 -48.48 -13.01 -12.34
C SER A 150 -48.30 -14.48 -11.92
N LYS A 151 -47.29 -15.14 -12.53
CA LYS A 151 -46.99 -16.53 -12.15
C LYS A 151 -46.08 -16.66 -10.94
N PHE A 152 -44.87 -16.07 -11.02
CA PHE A 152 -43.81 -16.29 -10.00
C PHE A 152 -44.18 -15.51 -8.75
N GLY A 153 -44.91 -14.40 -9.00
CA GLY A 153 -45.42 -13.51 -7.97
C GLY A 153 -46.47 -14.12 -7.07
N THR A 154 -46.91 -15.34 -7.39
CA THR A 154 -47.86 -16.01 -6.50
C THR A 154 -47.29 -17.20 -5.76
N GLN A 155 -46.09 -17.69 -6.10
CA GLN A 155 -45.54 -18.91 -5.48
C GLN A 155 -44.89 -18.61 -4.14
N LYS A 156 -45.28 -19.29 -3.07
CA LYS A 156 -44.73 -18.99 -1.76
C LYS A 156 -43.21 -19.19 -1.65
N ASN A 157 -42.71 -20.25 -2.27
CA ASN A 157 -41.29 -20.57 -2.21
C ASN A 157 -40.47 -19.66 -3.18
N VAL A 158 -41.11 -18.61 -3.73
CA VAL A 158 -40.41 -17.65 -4.60
C VAL A 158 -40.50 -16.21 -4.11
N ARG A 159 -39.42 -15.46 -4.31
CA ARG A 159 -39.40 -14.02 -4.05
C ARG A 159 -38.94 -13.31 -5.32
N VAL A 160 -39.78 -12.43 -5.85
CA VAL A 160 -39.51 -11.81 -7.14
C VAL A 160 -38.87 -10.41 -7.02
N TYR A 161 -37.79 -10.20 -7.78
CA TYR A 161 -37.21 -8.89 -7.90
C TYR A 161 -37.28 -8.53 -9.35
N LEU A 162 -38.07 -7.50 -9.64
CA LEU A 162 -38.13 -6.96 -10.99
C LEU A 162 -36.87 -6.13 -11.28
N ASP A 163 -36.24 -6.32 -12.43
CA ASP A 163 -35.00 -5.60 -12.67
C ASP A 163 -35.30 -4.22 -13.18
N ALA A 164 -34.61 -3.22 -12.61
CA ALA A 164 -34.79 -1.81 -13.03
C ALA A 164 -33.46 -1.08 -13.29
N ALA A 165 -32.70 -1.56 -14.26
CA ALA A 165 -31.46 -0.93 -14.72
C ALA A 165 -30.39 -0.57 -13.70
N HIS A 166 -29.92 0.67 -13.78
CA HIS A 166 -28.94 1.19 -12.84
C HIS A 166 -29.08 2.72 -12.88
N GLY A 167 -28.49 3.34 -11.85
CA GLY A 167 -28.49 4.79 -11.69
C GLY A 167 -27.97 5.54 -12.89
N GLY A 168 -26.87 5.06 -13.48
CA GLY A 168 -26.30 5.70 -14.65
C GLY A 168 -27.28 5.77 -15.82
N TRP A 169 -28.28 4.90 -15.81
CA TRP A 169 -29.23 4.77 -16.90
C TRP A 169 -30.59 5.47 -16.61
N LEU A 170 -31.13 5.26 -15.41
CA LEU A 170 -32.49 5.67 -15.10
C LEU A 170 -32.68 6.67 -13.94
N ASN A 171 -31.62 7.01 -13.21
CA ASN A 171 -31.78 7.93 -12.04
C ASN A 171 -32.41 9.30 -12.40
N SER A 172 -32.08 9.79 -13.58
CA SER A 172 -32.70 11.01 -14.04
C SER A 172 -34.16 10.83 -14.69
N SER A 173 -34.73 9.61 -14.55
CA SER A 173 -36.03 9.22 -15.10
C SER A 173 -36.74 8.32 -14.10
N ALA A 174 -36.55 8.60 -12.81
CA ALA A 174 -37.19 7.78 -11.79
C ALA A 174 -38.70 7.87 -11.88
N ASP A 175 -39.26 9.05 -12.24
CA ASP A 175 -40.73 9.24 -12.37
C ASP A 175 -41.40 8.40 -13.47
N ARG A 176 -40.83 8.44 -14.67
CA ARG A 176 -41.21 7.58 -15.79
C ARG A 176 -41.00 6.06 -15.49
N THR A 177 -39.90 5.72 -14.82
CA THR A 177 -39.61 4.35 -14.46
C THR A 177 -40.67 3.84 -13.52
N ALA A 178 -41.01 4.59 -12.49
CA ALA A 178 -42.10 4.19 -11.59
C ALA A 178 -43.42 4.06 -12.34
N GLU A 179 -43.71 4.99 -13.25
CA GLU A 179 -44.90 4.90 -14.07
C GLU A 179 -45.02 3.53 -14.77
N VAL A 180 -43.96 3.07 -15.45
CA VAL A 180 -43.89 1.77 -16.17
C VAL A 180 -44.04 0.63 -15.19
N ILE A 181 -43.25 0.63 -14.11
CA ILE A 181 -43.32 -0.44 -13.08
C ILE A 181 -44.74 -0.57 -12.51
N ALA A 182 -45.35 0.58 -12.19
CA ALA A 182 -46.73 0.61 -11.63
C ALA A 182 -47.83 0.05 -12.56
N GLU A 183 -47.70 0.24 -13.87
CA GLU A 183 -48.60 -0.34 -14.85
C GLU A 183 -48.38 -1.83 -14.96
N ILE A 184 -47.15 -2.28 -15.20
CA ILE A 184 -46.85 -3.70 -15.16
C ILE A 184 -47.47 -4.35 -13.92
N LEU A 185 -47.34 -3.77 -12.74
CA LEU A 185 -47.83 -4.46 -11.56
C LEU A 185 -49.34 -4.49 -11.49
N ARG A 186 -49.98 -3.50 -12.12
CA ARG A 186 -51.45 -3.47 -12.25
C ARG A 186 -52.05 -4.58 -13.10
N ASN A 187 -51.32 -5.04 -14.13
CA ASN A 187 -51.71 -6.17 -14.97
C ASN A 187 -51.19 -7.55 -14.54
N ALA A 188 -50.66 -7.64 -13.32
CA ALA A 188 -49.90 -8.83 -12.93
C ALA A 188 -50.72 -9.72 -12.03
N GLY A 189 -52.03 -9.56 -12.14
CA GLY A 189 -52.97 -10.42 -11.44
C GLY A 189 -52.70 -10.32 -9.97
N ASN A 190 -52.60 -11.45 -9.29
CA ASN A 190 -52.33 -11.47 -7.86
C ASN A 190 -50.84 -11.62 -7.54
N GLY A 191 -49.98 -11.45 -8.54
CA GLY A 191 -48.55 -11.56 -8.36
C GLY A 191 -48.01 -10.35 -7.63
N LYS A 192 -47.18 -10.60 -6.60
CA LYS A 192 -46.50 -9.54 -5.83
C LYS A 192 -44.99 -9.63 -6.06
N ILE A 193 -44.33 -8.48 -6.14
CA ILE A 193 -42.86 -8.46 -6.14
C ILE A 193 -42.38 -8.11 -4.73
N ARG A 194 -41.23 -8.68 -4.37
CA ARG A 194 -40.52 -8.29 -3.16
C ARG A 194 -39.81 -6.96 -3.37
N GLY A 195 -39.17 -6.78 -4.53
CA GLY A 195 -38.59 -5.50 -4.86
C GLY A 195 -38.00 -5.36 -6.22
N ILE A 196 -36.97 -4.51 -6.28
CA ILE A 196 -36.25 -4.20 -7.48
C ILE A 196 -34.77 -4.62 -7.39
N SER A 197 -34.21 -5.13 -8.50
CA SER A 197 -32.78 -5.38 -8.63
C SER A 197 -32.18 -4.30 -9.50
N THR A 198 -30.98 -3.84 -9.12
CA THR A 198 -30.26 -2.90 -9.97
C THR A 198 -28.79 -3.31 -10.23
N ASN A 199 -28.25 -2.65 -11.26
CA ASN A 199 -26.83 -2.65 -11.52
C ASN A 199 -26.44 -4.00 -12.09
N VAL A 200 -27.48 -4.70 -12.59
CA VAL A 200 -27.28 -6.05 -13.15
C VAL A 200 -26.40 -5.94 -14.39
N SER A 201 -25.24 -6.63 -14.29
CA SER A 201 -24.27 -6.62 -15.38
C SER A 201 -23.68 -5.26 -15.61
N ASN A 202 -23.67 -4.41 -14.56
CA ASN A 202 -23.07 -3.06 -14.62
C ASN A 202 -22.13 -2.79 -13.42
N TYR A 203 -21.35 -1.74 -13.56
CA TYR A 203 -20.28 -1.43 -12.59
C TYR A 203 -20.49 -0.34 -11.54
N GLN A 204 -21.69 0.19 -11.47
CA GLN A 204 -21.98 1.30 -10.55
C GLN A 204 -21.65 1.02 -9.08
N PRO A 205 -21.12 2.02 -8.38
CA PRO A 205 -20.84 1.89 -6.95
C PRO A 205 -22.13 1.71 -6.19
N VAL A 206 -22.08 0.91 -5.11
CA VAL A 206 -23.19 0.79 -4.18
C VAL A 206 -23.65 2.17 -3.68
N TYR A 207 -22.71 3.09 -3.39
CA TYR A 207 -23.10 4.45 -2.95
C TYR A 207 -24.12 5.13 -3.89
N SER A 208 -23.76 5.28 -5.18
CA SER A 208 -24.68 5.95 -6.07
C SER A 208 -25.96 5.12 -6.35
N GLU A 209 -25.83 3.78 -6.35
CA GLU A 209 -26.95 2.88 -6.60
C GLU A 209 -27.98 3.05 -5.53
N TYR A 210 -27.53 3.16 -4.28
CA TYR A 210 -28.48 3.37 -3.19
C TYR A 210 -29.23 4.72 -3.25
N GLN A 211 -28.54 5.71 -3.80
CA GLN A 211 -29.11 7.03 -4.04
C GLN A 211 -30.22 6.83 -5.10
N TYR A 212 -29.93 6.00 -6.12
CA TYR A 212 -30.90 5.69 -7.17
C TYR A 212 -32.09 4.93 -6.58
N HIS A 213 -31.81 3.97 -5.70
CA HIS A 213 -32.86 3.24 -5.00
C HIS A 213 -33.78 4.18 -4.28
N GLN A 214 -33.21 5.19 -3.62
CA GLN A 214 -34.02 6.14 -2.86
C GLN A 214 -34.96 6.97 -3.74
N ASN A 215 -34.42 7.53 -4.81
CA ASN A 215 -35.23 8.31 -5.73
C ASN A 215 -36.30 7.48 -6.43
N LEU A 216 -35.92 6.29 -6.89
CA LEU A 216 -36.87 5.38 -7.54
C LEU A 216 -37.93 4.92 -6.54
N ASN A 217 -37.50 4.60 -5.34
CA ASN A 217 -38.41 4.15 -4.29
C ASN A 217 -39.51 5.18 -4.01
N ARG A 218 -39.14 6.44 -3.98
CA ARG A 218 -40.05 7.53 -3.79
C ARG A 218 -41.04 7.66 -4.95
N ALA A 219 -40.58 7.52 -6.17
CA ALA A 219 -41.42 7.59 -7.35
C ALA A 219 -42.51 6.51 -7.31
N LEU A 220 -42.11 5.30 -6.92
CA LEU A 220 -43.05 4.18 -6.81
C LEU A 220 -44.05 4.44 -5.71
N GLU A 221 -43.59 4.98 -4.59
CA GLU A 221 -44.46 5.29 -3.45
C GLU A 221 -45.56 6.27 -3.86
N SER A 222 -45.18 7.33 -4.58
CA SER A 222 -46.14 8.33 -5.03
C SER A 222 -47.04 7.76 -6.13
N ARG A 223 -46.89 6.47 -6.41
CA ARG A 223 -47.69 5.81 -7.43
C ARG A 223 -48.60 4.74 -6.82
N GLY A 224 -48.35 4.42 -5.55
CA GLY A 224 -49.13 3.42 -4.85
C GLY A 224 -48.36 2.14 -4.60
N VAL A 225 -47.15 2.09 -5.12
CA VAL A 225 -46.33 0.88 -4.99
C VAL A 225 -45.50 1.11 -3.73
N ARG A 226 -45.80 0.34 -2.69
CA ARG A 226 -45.16 0.55 -1.39
C ARG A 226 -44.41 -0.68 -0.90
N GLY A 227 -43.42 -0.44 -0.05
CA GLY A 227 -42.71 -1.52 0.62
C GLY A 227 -41.61 -2.17 -0.17
N MET A 228 -41.23 -1.55 -1.29
CA MET A 228 -40.18 -2.09 -2.16
C MET A 228 -38.83 -2.20 -1.44
N LYS A 229 -38.19 -3.37 -1.55
CA LYS A 229 -36.85 -3.57 -1.13
C LYS A 229 -35.99 -3.66 -2.39
N PHE A 230 -34.66 -3.65 -2.22
CA PHE A 230 -33.72 -3.63 -3.31
C PHE A 230 -32.58 -4.63 -3.16
N ILE A 231 -32.06 -5.08 -4.29
CA ILE A 231 -30.81 -5.83 -4.34
C ILE A 231 -29.94 -5.16 -5.40
N VAL A 232 -28.63 -5.23 -5.17
CA VAL A 232 -27.72 -4.58 -6.11
C VAL A 232 -26.68 -5.59 -6.56
N ASP A 233 -26.42 -5.62 -7.87
CA ASP A 233 -25.38 -6.50 -8.38
C ASP A 233 -24.01 -5.95 -8.04
N THR A 234 -23.26 -6.67 -7.20
CA THR A 234 -21.92 -6.24 -6.82
C THR A 234 -20.82 -7.09 -7.45
N SER A 235 -21.15 -7.86 -8.48
CA SER A 235 -20.17 -8.79 -9.09
C SER A 235 -18.98 -8.10 -9.73
N ARG A 236 -19.19 -6.92 -10.31
CA ARG A 236 -18.15 -6.23 -11.04
C ARG A 236 -18.05 -4.78 -10.71
N ASN A 237 -18.34 -4.41 -9.47
CA ASN A 237 -18.36 -2.97 -9.16
C ASN A 237 -17.40 -2.54 -8.09
N GLY A 238 -16.25 -3.23 -8.01
CA GLY A 238 -15.20 -2.89 -7.07
C GLY A 238 -14.50 -1.57 -7.34
N ARG A 239 -14.49 -1.11 -8.59
CA ARG A 239 -13.77 0.12 -8.94
C ARG A 239 -14.72 0.95 -9.74
N ASN A 240 -14.78 2.26 -9.50
CA ASN A 240 -15.64 3.17 -10.26
C ASN A 240 -15.35 3.02 -11.75
N PRO A 241 -16.39 2.96 -12.60
CA PRO A 241 -16.20 2.83 -14.02
C PRO A 241 -15.60 4.09 -14.61
N SER A 242 -14.72 3.90 -15.60
CA SER A 242 -14.07 5.00 -16.30
C SER A 242 -15.06 5.68 -17.24
N SER A 243 -16.07 4.98 -17.74
CA SER A 243 -17.10 5.56 -18.67
C SER A 243 -18.42 4.78 -18.60
N ALA A 244 -19.36 5.13 -19.50
CA ALA A 244 -20.61 4.36 -19.70
C ALA A 244 -20.52 3.07 -20.61
N THR A 245 -19.32 2.67 -21.04
CA THR A 245 -19.11 1.39 -21.73
C THR A 245 -19.63 0.25 -20.81
N TRP A 246 -20.58 -0.53 -21.34
CA TRP A 246 -21.23 -1.62 -20.58
C TRP A 246 -20.58 -2.98 -20.91
N CYS A 247 -19.98 -3.04 -22.10
CA CYS A 247 -19.44 -4.29 -22.62
C CYS A 247 -17.99 -4.56 -22.16
N ASN A 248 -17.79 -5.57 -21.32
CA ASN A 248 -16.42 -6.02 -20.92
C ASN A 248 -15.46 -4.88 -20.50
N LEU A 249 -15.87 -4.12 -19.48
CA LEU A 249 -15.19 -2.90 -19.14
C LEU A 249 -13.83 -3.15 -18.53
N LYS A 250 -12.80 -2.50 -19.07
CA LYS A 250 -11.43 -2.59 -18.54
C LYS A 250 -11.37 -1.94 -17.18
N GLY A 251 -10.53 -2.43 -16.30
CA GLY A 251 -10.36 -1.79 -15.02
C GLY A 251 -11.40 -2.14 -13.98
N ALA A 252 -12.42 -2.93 -14.33
CA ALA A 252 -13.43 -3.36 -13.37
C ALA A 252 -12.85 -4.40 -12.41
N GLY A 253 -13.48 -4.50 -11.26
CA GLY A 253 -12.99 -5.40 -10.22
C GLY A 253 -14.18 -6.03 -9.55
N LEU A 254 -14.00 -7.24 -9.05
CA LEU A 254 -14.99 -7.87 -8.20
C LEU A 254 -15.35 -6.94 -7.07
N GLY A 255 -16.64 -6.81 -6.78
CA GLY A 255 -17.07 -5.97 -5.70
C GLY A 255 -17.36 -6.81 -4.47
N ALA A 256 -18.16 -6.27 -3.55
CA ALA A 256 -18.41 -6.88 -2.25
C ALA A 256 -18.94 -8.31 -2.40
N ARG A 257 -18.58 -9.20 -1.49
CA ARG A 257 -19.08 -10.57 -1.55
C ARG A 257 -20.57 -10.57 -1.18
N PRO A 258 -21.37 -11.43 -1.81
CA PRO A 258 -22.78 -11.47 -1.50
C PRO A 258 -23.04 -11.57 0.03
N GLN A 259 -24.09 -10.87 0.47
CA GLN A 259 -24.38 -10.65 1.88
C GLN A 259 -25.84 -10.16 1.93
N ALA A 260 -26.55 -10.57 2.99
CA ALA A 260 -27.85 -10.00 3.32
C ALA A 260 -27.63 -8.76 4.22
N ASN A 261 -28.52 -7.77 4.11
CA ASN A 261 -28.60 -6.61 5.00
C ASN A 261 -27.28 -5.96 5.29
N PRO A 262 -26.54 -5.57 4.23
CA PRO A 262 -25.13 -5.29 4.44
C PRO A 262 -24.82 -4.00 5.19
N ASP A 263 -25.81 -3.10 5.29
CA ASP A 263 -25.62 -1.76 5.87
C ASP A 263 -26.89 -1.22 6.54
N PRO A 264 -26.86 -1.04 7.88
CA PRO A 264 -28.06 -0.51 8.57
C PRO A 264 -28.41 0.95 8.13
N ASN A 265 -27.42 1.66 7.57
CA ASN A 265 -27.67 2.96 6.92
C ASN A 265 -28.27 2.87 5.53
N MET A 266 -28.42 1.63 5.04
CA MET A 266 -29.16 1.36 3.81
C MET A 266 -30.36 0.41 4.08
N PRO A 267 -31.42 0.91 4.75
CA PRO A 267 -32.51 0.00 5.18
C PRO A 267 -33.40 -0.53 4.03
N LEU A 268 -33.41 0.16 2.88
CA LEU A 268 -34.08 -0.36 1.68
C LEU A 268 -33.41 -1.57 0.98
N LEU A 269 -32.14 -1.83 1.31
CA LEU A 269 -31.31 -2.76 0.56
C LEU A 269 -31.30 -4.15 1.19
N ASP A 270 -32.04 -5.10 0.60
CA ASP A 270 -31.99 -6.52 1.02
C ASP A 270 -30.62 -7.20 0.97
N ALA A 271 -29.82 -6.96 -0.07
CA ALA A 271 -28.60 -7.69 -0.25
C ALA A 271 -27.76 -7.22 -1.41
N TYR A 272 -26.46 -7.51 -1.26
CA TYR A 272 -25.45 -7.49 -2.30
C TYR A 272 -25.58 -8.88 -2.89
N VAL A 273 -25.64 -8.96 -4.23
CA VAL A 273 -25.83 -10.24 -4.91
C VAL A 273 -24.88 -10.26 -6.10
N TRP A 274 -24.31 -11.42 -6.43
CA TRP A 274 -23.51 -11.52 -7.66
C TRP A 274 -24.46 -12.02 -8.74
N ILE A 275 -25.02 -11.11 -9.51
CA ILE A 275 -26.06 -11.48 -10.45
C ILE A 275 -25.51 -11.79 -11.84
N LYS A 276 -24.74 -10.88 -12.43
CA LYS A 276 -23.96 -11.20 -13.63
C LYS A 276 -22.83 -12.11 -13.14
N THR A 277 -22.48 -13.08 -13.99
CA THR A 277 -21.40 -14.02 -13.67
C THR A 277 -20.09 -13.34 -13.96
N PRO A 278 -19.31 -13.10 -12.90
CA PRO A 278 -18.05 -12.45 -13.08
C PRO A 278 -17.14 -13.38 -13.87
N GLY A 279 -16.68 -12.92 -15.03
CA GLY A 279 -15.81 -13.70 -15.89
C GLY A 279 -16.46 -14.13 -17.19
N GLU A 280 -17.78 -14.17 -17.19
CA GLU A 280 -18.52 -14.45 -18.45
C GLU A 280 -18.59 -13.25 -19.36
N SER A 281 -18.18 -13.42 -20.61
CA SER A 281 -18.19 -12.31 -21.51
C SER A 281 -19.56 -11.64 -21.61
N ASP A 282 -19.57 -10.33 -21.84
CA ASP A 282 -20.83 -9.57 -22.00
C ASP A 282 -21.30 -9.83 -23.40
N SER A 283 -20.32 -9.95 -24.29
CA SER A 283 -20.49 -10.05 -25.71
C SER A 283 -19.12 -10.23 -26.40
N ALA A 284 -19.12 -10.91 -27.55
CA ALA A 284 -17.91 -11.06 -28.37
C ALA A 284 -17.47 -9.70 -28.91
N SER A 285 -16.21 -9.41 -28.95
CA SER A 285 -15.80 -8.08 -29.30
C SER A 285 -16.28 -7.70 -30.66
N SER A 286 -16.31 -8.68 -31.54
CA SER A 286 -16.79 -8.50 -32.88
C SER A 286 -18.27 -8.12 -32.98
N ALA A 287 -19.07 -8.59 -32.05
CA ALA A 287 -20.53 -8.42 -32.06
C ALA A 287 -21.18 -7.06 -32.02
N ASP A 288 -20.65 -6.15 -31.24
CA ASP A 288 -21.24 -4.82 -31.18
C ASP A 288 -20.12 -3.82 -31.14
N PRO A 289 -20.20 -2.82 -31.98
CA PRO A 289 -19.19 -1.72 -31.97
C PRO A 289 -18.79 -1.19 -30.59
N VAL A 290 -19.75 -1.15 -29.67
CA VAL A 290 -19.52 -0.78 -28.27
C VAL A 290 -18.51 -1.72 -27.58
N CYS A 291 -18.46 -2.99 -28.00
CA CYS A 291 -17.46 -3.94 -27.52
C CYS A 291 -16.06 -3.65 -28.06
N ARG A 292 -15.97 -2.69 -28.97
CA ARG A 292 -14.69 -2.32 -29.56
C ARG A 292 -14.21 -0.94 -28.98
N ASN A 293 -14.94 -0.37 -28.01
CA ASN A 293 -14.52 0.89 -27.35
C ASN A 293 -13.12 0.80 -26.78
N SER A 294 -12.49 1.93 -26.56
CA SER A 294 -11.12 1.93 -26.07
C SER A 294 -11.02 1.26 -24.69
N ASP A 295 -12.08 1.34 -23.87
CA ASP A 295 -12.06 0.79 -22.52
C ASP A 295 -12.89 -0.50 -22.36
N SER A 296 -13.13 -1.17 -23.48
CA SER A 296 -13.61 -2.54 -23.47
C SER A 296 -12.46 -3.55 -23.76
N LEU A 297 -12.33 -4.60 -22.93
CA LEU A 297 -11.22 -5.56 -23.06
C LEU A 297 -11.44 -6.37 -24.32
N GLN A 298 -10.41 -6.49 -25.16
CA GLN A 298 -10.50 -7.21 -26.43
C GLN A 298 -10.29 -8.74 -26.40
N GLY A 299 -10.76 -9.44 -27.45
CA GLY A 299 -10.61 -10.91 -27.53
C GLY A 299 -11.68 -11.65 -26.72
N ALA A 300 -12.78 -10.96 -26.54
CA ALA A 300 -13.91 -11.47 -25.78
C ALA A 300 -14.58 -12.58 -26.55
N PRO A 301 -14.80 -13.72 -25.90
CA PRO A 301 -15.61 -14.76 -26.52
C PRO A 301 -17.09 -14.31 -26.62
N ALA A 302 -17.95 -15.18 -27.17
CA ALA A 302 -19.36 -14.88 -27.22
C ALA A 302 -19.95 -14.70 -25.83
N ALA A 303 -21.05 -13.93 -25.80
CA ALA A 303 -21.80 -13.65 -24.60
C ALA A 303 -22.08 -14.96 -23.85
N GLY A 304 -21.83 -14.97 -22.54
CA GLY A 304 -22.07 -16.17 -21.71
C GLY A 304 -20.86 -17.06 -21.59
N SER A 305 -19.88 -16.93 -22.50
CA SER A 305 -18.67 -17.78 -22.44
C SER A 305 -17.61 -17.25 -21.49
N TRP A 306 -16.86 -18.17 -20.89
CA TRP A 306 -15.82 -17.84 -19.97
C TRP A 306 -14.76 -17.03 -20.70
N PHE A 307 -14.40 -15.92 -20.08
CA PHE A 307 -13.42 -15.00 -20.59
C PHE A 307 -12.26 -14.96 -19.59
N HIS A 308 -11.32 -15.91 -19.70
CA HIS A 308 -10.26 -16.05 -18.73
C HIS A 308 -9.55 -14.77 -18.38
N ASP A 309 -9.11 -14.02 -19.39
CA ASP A 309 -8.32 -12.81 -19.16
C ASP A 309 -9.03 -11.77 -18.33
N TYR A 310 -10.35 -11.67 -18.58
CA TYR A 310 -11.24 -10.76 -17.87
C TYR A 310 -11.40 -11.17 -16.41
N PHE A 311 -11.71 -12.43 -16.18
CA PHE A 311 -11.73 -12.95 -14.83
C PHE A 311 -10.45 -12.54 -14.08
N VAL A 312 -9.28 -12.64 -14.73
CA VAL A 312 -8.01 -12.39 -14.04
C VAL A 312 -7.98 -10.92 -13.62
N MET A 313 -8.31 -10.05 -14.58
CA MET A 313 -8.42 -8.60 -14.32
C MET A 313 -9.35 -8.33 -13.10
N LEU A 314 -10.54 -8.96 -13.10
CA LEU A 314 -11.45 -8.86 -12.00
C LEU A 314 -10.84 -9.28 -10.68
N LEU A 315 -9.98 -10.31 -10.73
CA LEU A 315 -9.33 -10.86 -9.53
C LEU A 315 -8.31 -9.85 -8.96
N GLU A 316 -7.50 -9.31 -9.85
CA GLU A 316 -6.49 -8.36 -9.49
C GLU A 316 -7.12 -7.08 -8.96
N ASN A 317 -8.24 -6.65 -9.57
CA ASN A 317 -8.85 -5.38 -9.20
C ASN A 317 -9.86 -5.46 -8.11
N ALA A 318 -10.08 -6.63 -7.54
CA ALA A 318 -11.00 -6.86 -6.43
C ALA A 318 -11.00 -5.84 -5.32
N ASN A 319 -12.22 -5.50 -4.95
CA ASN A 319 -12.42 -4.53 -3.87
C ASN A 319 -13.65 -4.96 -2.97
N PRO A 320 -13.58 -5.20 -1.63
CA PRO A 320 -12.37 -5.30 -0.79
C PRO A 320 -11.37 -6.39 -1.22
N PRO A 321 -10.11 -6.00 -1.19
CA PRO A 321 -9.00 -6.90 -1.53
C PRO A 321 -8.97 -8.17 -0.67
N PHE A 322 -8.08 -9.11 -1.01
CA PHE A 322 -7.95 -10.38 -0.25
C PHE A 322 -7.08 -10.34 1.02
N THR B 1 15.65 -21.76 36.43
CA THR B 1 16.36 -22.86 35.76
C THR B 1 16.94 -22.40 34.42
N SER B 2 16.14 -21.67 33.66
CA SER B 2 16.57 -21.16 32.34
C SER B 2 17.72 -20.14 32.48
N ASP B 3 18.79 -20.31 31.70
CA ASP B 3 19.83 -19.26 31.63
C ASP B 3 19.52 -18.08 30.70
N ASN B 4 18.34 -18.12 30.06
CA ASN B 4 17.86 -17.04 29.23
C ASN B 4 16.77 -16.30 30.00
N PHE B 5 17.15 -15.23 30.68
CA PHE B 5 16.21 -14.51 31.52
C PHE B 5 15.10 -13.83 30.70
N PHE B 6 15.20 -13.83 29.38
CA PHE B 6 14.16 -13.16 28.58
C PHE B 6 12.97 -14.09 28.37
N GLU B 7 13.14 -15.37 28.70
CA GLU B 7 11.99 -16.29 28.72
C GLU B 7 10.97 -15.95 29.81
N ASN B 8 11.41 -15.37 30.91
CA ASN B 8 10.53 -14.80 31.90
C ASN B 8 9.84 -13.55 31.31
N GLU B 9 8.71 -13.11 31.87
CA GLU B 9 8.09 -11.81 31.56
C GLU B 9 9.02 -10.61 31.82
N LEU B 10 8.93 -9.58 30.99
CA LEU B 10 9.84 -8.47 31.08
C LEU B 10 9.26 -7.27 31.85
N TYR B 11 10.11 -6.56 32.56
CA TYR B 11 9.72 -5.39 33.31
C TYR B 11 9.67 -4.11 32.44
N SER B 12 8.51 -3.46 32.48
CA SER B 12 8.28 -2.15 31.90
C SER B 12 8.44 -1.05 32.97
N ASN B 13 9.35 -0.09 32.76
CA ASN B 13 9.71 0.83 33.85
C ASN B 13 9.01 2.17 33.80
N TYR B 14 8.82 2.77 34.98
CA TYR B 14 8.17 4.08 35.18
C TYR B 14 8.82 5.22 34.33
N LYS B 15 10.12 5.13 34.01
CA LYS B 15 10.80 6.22 33.37
C LYS B 15 10.35 6.29 31.90
N PHE B 16 10.40 5.14 31.23
CA PHE B 16 9.95 5.09 29.87
C PHE B 16 8.46 5.40 29.74
N GLN B 17 7.68 4.87 30.69
CA GLN B 17 6.23 5.17 30.72
C GLN B 17 5.95 6.68 30.81
N GLY B 18 6.71 7.40 31.65
CA GLY B 18 6.56 8.84 31.77
C GLY B 18 6.97 9.51 30.48
N GLU B 19 8.03 9.02 29.86
CA GLU B 19 8.50 9.59 28.60
C GLU B 19 7.43 9.48 27.53
N VAL B 20 6.85 8.29 27.39
CA VAL B 20 5.79 8.12 26.42
C VAL B 20 4.48 8.90 26.75
N ASP B 21 4.19 9.11 28.04
CA ASP B 21 3.12 10.04 28.48
C ASP B 21 3.29 11.45 27.98
N GLN B 22 4.52 11.97 28.02
CA GLN B 22 4.80 13.32 27.47
C GLN B 22 4.32 13.40 26.02
N SER B 23 4.58 12.33 25.25
CA SER B 23 4.23 12.28 23.85
C SER B 23 2.74 12.10 23.64
N ILE B 24 2.15 11.12 24.32
CA ILE B 24 0.68 10.97 24.36
C ILE B 24 -0.10 12.30 24.55
N GLN B 25 0.31 13.12 25.50
CA GLN B 25 -0.40 14.37 25.73
C GLN B 25 -0.36 15.28 24.49
N ARG B 26 0.73 15.21 23.75
CA ARG B 26 0.95 16.11 22.60
C ARG B 26 0.39 15.55 21.29
N LEU B 27 -0.30 14.42 21.38
CA LEU B 27 -0.81 13.75 20.17
C LEU B 27 -2.33 13.57 20.18
N SER B 28 -2.88 13.40 19.00
CA SER B 28 -4.29 13.04 18.96
C SER B 28 -4.60 11.93 17.97
N GLY B 29 -5.73 11.26 18.20
CA GLY B 29 -6.30 10.29 17.26
C GLY B 29 -5.37 9.11 17.07
N SER B 30 -4.97 8.90 15.81
CA SER B 30 -4.30 7.70 15.38
C SER B 30 -2.91 7.47 16.05
N LEU B 31 -2.06 8.50 16.02
CA LEU B 31 -0.72 8.41 16.59
C LEU B 31 -0.77 8.26 18.09
N GLN B 32 -1.75 8.93 18.72
CA GLN B 32 -1.95 8.80 20.15
C GLN B 32 -2.26 7.36 20.53
N GLU B 33 -3.09 6.72 19.71
CA GLU B 33 -3.46 5.35 19.97
C GLU B 33 -2.29 4.42 19.88
N LYS B 34 -1.44 4.68 18.90
CA LYS B 34 -0.21 3.93 18.72
C LYS B 34 0.74 4.11 19.88
N ALA B 35 0.93 5.37 20.29
CA ALA B 35 1.85 5.71 21.36
C ALA B 35 1.41 5.02 22.63
N LYS B 36 0.10 4.93 22.83
CA LYS B 36 -0.47 4.25 23.97
C LYS B 36 -0.10 2.76 24.03
N LYS B 37 0.14 2.16 22.90
CA LYS B 37 0.57 0.78 22.85
C LYS B 37 2.06 0.60 23.07
N VAL B 38 2.85 1.59 22.66
CA VAL B 38 4.29 1.58 22.84
C VAL B 38 4.62 1.77 24.31
N LYS B 39 3.77 2.52 25.03
CA LYS B 39 3.96 2.88 26.48
C LYS B 39 4.39 1.68 27.35
N TYR B 40 3.75 0.51 27.14
CA TYR B 40 4.03 -0.67 27.98
C TYR B 40 5.04 -1.68 27.42
N VAL B 41 5.63 -1.35 26.29
CA VAL B 41 6.64 -2.21 25.72
C VAL B 41 7.92 -2.10 26.55
N PRO B 42 8.36 -3.21 27.15
CA PRO B 42 9.57 -3.17 28.00
C PRO B 42 10.81 -2.58 27.32
N THR B 43 11.52 -1.68 28.02
CA THR B 43 12.78 -1.07 27.54
C THR B 43 13.83 -1.19 28.64
N ALA B 44 15.12 -1.30 28.28
CA ALA B 44 16.22 -1.42 29.24
C ALA B 44 16.31 -0.13 30.03
N ALA B 45 16.72 -0.21 31.30
CA ALA B 45 17.02 0.96 32.13
C ALA B 45 18.52 1.22 32.11
N TRP B 46 18.91 2.47 31.83
CA TRP B 46 20.29 2.86 31.66
C TRP B 46 20.88 3.41 32.94
N LEU B 47 22.04 2.89 33.31
CA LEU B 47 22.79 3.43 34.42
C LEU B 47 23.94 4.24 33.86
N ALA B 48 23.70 5.53 33.63
CA ALA B 48 24.60 6.33 32.76
C ALA B 48 25.15 7.61 33.37
N TRP B 49 25.13 7.75 34.70
CA TRP B 49 25.71 8.90 35.41
C TRP B 49 25.91 8.50 36.86
N SER B 50 26.67 9.29 37.64
CA SER B 50 27.15 8.83 38.96
C SER B 50 26.02 8.57 39.98
N GLY B 51 24.96 9.36 39.86
CA GLY B 51 23.75 9.21 40.67
C GLY B 51 22.86 8.00 40.38
N ALA B 52 23.14 7.28 39.30
CA ALA B 52 22.39 6.05 38.93
C ALA B 52 22.47 4.92 39.98
N THR B 53 23.55 4.86 40.77
CA THR B 53 23.65 3.90 41.85
C THR B 53 22.44 3.97 42.78
N ASN B 54 21.89 5.17 42.93
CA ASN B 54 20.65 5.39 43.72
C ASN B 54 19.39 4.77 43.01
N GLU B 55 19.36 4.82 41.67
CA GLU B 55 18.18 4.38 40.91
C GLU B 55 17.90 2.86 40.99
N VAL B 56 18.95 2.05 41.15
CA VAL B 56 18.88 0.59 41.06
C VAL B 56 17.77 0.05 41.94
N ALA B 57 17.73 0.46 43.20
CA ALA B 57 16.82 -0.18 44.15
C ALA B 57 15.34 0.05 43.74
N ARG B 58 15.03 1.26 43.28
CA ARG B 58 13.67 1.56 42.92
C ARG B 58 13.21 0.60 41.83
N TYR B 59 14.05 0.43 40.77
CA TYR B 59 13.69 -0.47 39.66
C TYR B 59 13.44 -1.91 40.21
N LEU B 60 14.41 -2.43 40.93
CA LEU B 60 14.26 -3.74 41.55
C LEU B 60 13.02 -3.91 42.45
N ASN B 61 12.62 -2.89 43.22
CA ASN B 61 11.35 -2.98 43.97
C ASN B 61 10.10 -2.98 43.12
N GLU B 62 10.08 -2.19 42.04
CA GLU B 62 8.88 -2.09 41.19
C GLU B 62 8.69 -3.25 40.21
N ALA B 63 9.75 -4.04 40.01
CA ALA B 63 9.76 -5.06 38.99
C ALA B 63 9.24 -6.36 39.46
N GLY B 64 9.48 -6.69 40.75
CA GLY B 64 9.07 -7.95 41.35
C GLY B 64 9.84 -9.10 40.72
N SER B 65 9.10 -10.06 40.16
CA SER B 65 9.74 -11.23 39.56
C SER B 65 10.00 -11.09 38.07
N LYS B 66 9.62 -9.95 37.48
CA LYS B 66 9.91 -9.63 36.07
C LYS B 66 11.42 -9.42 35.80
N THR B 67 11.84 -9.80 34.61
CA THR B 67 13.20 -9.55 34.19
C THR B 67 13.49 -8.05 33.99
N VAL B 68 14.55 -7.57 34.63
CA VAL B 68 14.98 -6.18 34.59
C VAL B 68 16.21 -6.26 33.76
N VAL B 69 16.33 -5.30 32.84
CA VAL B 69 17.48 -5.21 31.97
C VAL B 69 18.11 -3.89 32.27
N PHE B 70 19.39 -3.95 32.66
CA PHE B 70 20.18 -2.77 33.03
C PHE B 70 21.20 -2.59 31.98
N VAL B 71 21.55 -1.35 31.68
CA VAL B 71 22.70 -1.07 30.80
C VAL B 71 23.72 -0.30 31.61
N LEU B 72 24.91 -0.87 31.82
CA LEU B 72 25.96 -0.21 32.58
C LEU B 72 26.73 0.78 31.72
N TYR B 73 26.45 2.07 31.90
CA TYR B 73 27.11 3.12 31.15
C TYR B 73 27.81 4.24 31.90
N MET B 74 28.79 3.83 32.71
CA MET B 74 29.61 4.74 33.52
C MET B 74 31.16 4.74 33.28
N ILE B 75 31.67 4.28 32.11
CA ILE B 75 33.14 4.27 31.88
C ILE B 75 33.57 5.79 31.91
N PRO B 76 34.77 6.15 32.43
CA PRO B 76 35.24 7.55 32.55
C PRO B 76 35.36 8.44 31.29
N THR B 77 35.80 7.85 30.16
CA THR B 77 35.97 8.59 28.89
C THR B 77 35.28 7.92 27.73
N ARG B 78 34.83 8.80 26.86
CA ARG B 78 34.22 8.40 25.59
C ARG B 78 35.23 8.51 24.44
N ASP B 79 36.27 9.32 24.65
CA ASP B 79 37.38 9.56 23.71
C ASP B 79 38.69 9.62 24.50
N CYS B 80 39.83 9.42 23.83
CA CYS B 80 41.13 9.51 24.52
C CYS B 80 42.18 10.55 24.05
N ASN B 81 42.14 10.97 22.79
CA ASN B 81 43.17 11.90 22.25
C ASN B 81 43.35 13.38 22.73
N ALA B 82 42.28 14.15 22.88
CA ALA B 82 42.40 15.58 23.28
C ALA B 82 41.70 15.90 24.61
N GLY B 83 41.45 14.85 25.35
CA GLY B 83 40.73 14.78 26.60
C GLY B 83 39.27 15.16 26.78
N GLY B 84 38.37 14.40 26.16
CA GLY B 84 36.94 14.64 26.30
C GLY B 84 36.58 14.20 27.70
N SER B 85 36.33 15.16 28.62
CA SER B 85 36.06 14.81 30.04
C SER B 85 34.64 15.00 30.66
N ASN B 86 33.73 15.37 29.76
CA ASN B 86 32.31 15.78 30.05
C ASN B 86 31.41 14.68 30.66
N GLY B 87 31.60 13.43 30.23
CA GLY B 87 30.82 12.32 30.77
C GLY B 87 31.18 12.28 32.27
N GLY B 88 30.24 12.08 33.20
CA GLY B 88 30.51 12.15 34.64
C GLY B 88 31.17 10.88 35.31
N ALA B 89 32.42 10.72 34.91
CA ALA B 89 33.16 9.69 35.67
C ALA B 89 34.71 9.89 35.49
N ASP B 90 35.48 9.32 36.42
CA ASP B 90 36.98 9.58 36.63
C ASP B 90 38.14 8.48 36.28
N ASN B 91 38.09 7.35 36.93
CA ASN B 91 39.19 6.40 36.66
C ASN B 91 38.90 4.99 37.12
N LEU B 92 39.89 4.12 37.09
CA LEU B 92 39.62 2.73 37.43
C LEU B 92 39.03 2.49 38.83
N SER B 93 39.50 3.23 39.83
CA SER B 93 39.02 3.06 41.17
C SER B 93 37.64 3.73 41.35
N THR B 94 37.42 4.89 40.73
CA THR B 94 36.07 5.49 40.76
C THR B 94 35.05 4.50 40.23
N TYR B 95 35.40 3.92 39.08
CA TYR B 95 34.56 3.00 38.33
C TYR B 95 34.29 1.74 39.13
N GLN B 96 35.35 1.15 39.67
CA GLN B 96 35.22 0.09 40.64
C GLN B 96 34.20 0.40 41.75
N GLY B 97 34.20 1.63 42.27
CA GLY B 97 33.20 2.13 43.21
C GLY B 97 31.80 1.99 42.72
N TYR B 98 31.57 2.34 41.46
CA TYR B 98 30.25 2.29 40.87
C TYR B 98 29.79 0.87 40.72
N VAL B 99 30.69 0.02 40.25
CA VAL B 99 30.44 -1.40 40.09
C VAL B 99 30.06 -2.04 41.46
N ASN B 100 30.87 -1.77 42.50
CA ASN B 100 30.69 -2.32 43.80
C ASN B 100 29.36 -1.87 44.32
N SER B 101 29.08 -0.60 44.18
CA SER B 101 27.82 -0.11 44.62
C SER B 101 26.60 -0.84 44.00
N ILE B 102 26.59 -0.92 42.68
CA ILE B 102 25.50 -1.64 41.94
C ILE B 102 25.42 -3.15 42.29
N TYR B 103 26.59 -3.80 42.32
CA TYR B 103 26.77 -5.20 42.73
C TYR B 103 26.12 -5.43 44.13
N ASN B 104 26.45 -4.55 45.06
CA ASN B 104 25.97 -4.67 46.45
C ASN B 104 24.45 -4.52 46.49
N THR B 105 23.92 -3.54 45.76
CA THR B 105 22.47 -3.40 45.73
C THR B 105 21.85 -4.71 45.20
N ILE B 106 22.36 -5.20 44.06
CA ILE B 106 21.82 -6.41 43.45
C ILE B 106 21.78 -7.60 44.47
N ASN B 107 22.86 -7.78 45.22
CA ASN B 107 22.86 -8.76 46.30
C ASN B 107 21.64 -8.69 47.23
N GLN B 108 21.03 -7.55 47.45
CA GLN B 108 19.90 -7.50 48.33
C GLN B 108 18.66 -8.09 47.66
N TYR B 109 18.78 -8.60 46.45
CA TYR B 109 17.58 -9.01 45.68
C TYR B 109 17.76 -10.40 45.07
N PRO B 110 17.91 -11.44 45.94
CA PRO B 110 18.28 -12.76 45.41
C PRO B 110 17.16 -13.39 44.54
N ASN B 111 15.94 -12.84 44.59
CA ASN B 111 14.88 -13.39 43.74
C ASN B 111 14.57 -12.61 42.48
N SER B 112 15.17 -11.42 42.30
CA SER B 112 15.02 -10.70 41.05
C SER B 112 15.79 -11.43 39.99
N ARG B 113 15.38 -11.20 38.75
CA ARG B 113 16.10 -11.73 37.57
C ARG B 113 16.61 -10.55 36.77
N ILE B 114 17.93 -10.45 36.69
CA ILE B 114 18.55 -9.23 36.18
C ILE B 114 19.49 -9.52 35.03
N VAL B 115 19.29 -8.78 33.91
CA VAL B 115 20.17 -8.85 32.78
C VAL B 115 20.96 -7.57 32.85
N MET B 116 22.29 -7.72 32.79
CA MET B 116 23.21 -6.63 32.86
C MET B 116 24.03 -6.53 31.55
N ILE B 117 23.81 -5.46 30.79
CA ILE B 117 24.55 -5.27 29.54
C ILE B 117 25.76 -4.40 29.82
N ILE B 118 26.98 -4.95 29.64
CA ILE B 118 28.22 -4.21 29.91
C ILE B 118 28.85 -3.24 28.85
N GLU B 119 28.68 -1.95 29.12
CA GLU B 119 29.36 -0.87 28.37
C GLU B 119 29.34 -0.85 26.86
N PRO B 120 28.16 -0.52 26.32
CA PRO B 120 28.02 -0.10 24.90
C PRO B 120 29.12 0.82 24.40
N ASP B 121 29.71 0.45 23.25
CA ASP B 121 30.75 1.23 22.52
C ASP B 121 32.20 1.06 22.98
N THR B 122 32.44 0.30 24.03
CA THR B 122 33.77 0.24 24.56
C THR B 122 34.60 -0.75 23.73
N ILE B 123 34.13 -1.99 23.57
CA ILE B 123 34.80 -2.93 22.67
C ILE B 123 34.96 -2.37 21.24
N GLY B 124 33.89 -1.81 20.68
CA GLY B 124 33.95 -1.14 19.38
C GLY B 124 35.18 -0.26 19.28
N ASN B 125 35.29 0.68 20.22
CA ASN B 125 36.44 1.60 20.30
C ASN B 125 37.80 0.92 20.53
N LEU B 126 37.82 -0.17 21.27
CA LEU B 126 39.08 -0.90 21.54
C LEU B 126 39.63 -1.53 20.27
N VAL B 127 38.72 -1.88 19.36
CA VAL B 127 39.11 -2.53 18.13
C VAL B 127 39.45 -1.48 17.04
N THR B 128 38.70 -0.40 16.93
CA THR B 128 38.83 0.43 15.76
C THR B 128 39.46 1.79 16.04
N ALA B 129 39.26 2.36 17.21
CA ALA B 129 39.89 3.66 17.54
C ALA B 129 41.41 3.47 17.56
N ASN B 130 42.10 4.56 17.19
CA ASN B 130 43.55 4.68 17.02
C ASN B 130 44.40 4.54 18.28
N ASN B 131 45.69 4.25 18.11
CA ASN B 131 46.52 3.97 19.29
C ASN B 131 47.92 4.62 19.39
N ALA B 132 48.02 5.90 19.04
CA ALA B 132 49.27 6.63 19.22
C ALA B 132 49.47 7.03 20.68
N ASN B 133 48.51 7.79 21.19
CA ASN B 133 48.54 8.23 22.59
C ASN B 133 47.30 7.79 23.39
N CYS B 134 46.54 6.82 22.89
CA CYS B 134 45.36 6.43 23.56
C CYS B 134 45.62 5.13 24.18
N ARG B 135 46.88 4.95 24.51
CA ARG B 135 47.32 3.69 25.02
C ARG B 135 46.86 3.44 26.45
N ASN B 136 46.86 4.51 27.24
CA ASN B 136 46.49 4.47 28.67
C ASN B 136 45.01 4.16 28.90
N VAL B 137 44.14 4.93 28.26
CA VAL B 137 42.69 4.79 28.36
C VAL B 137 42.22 3.41 27.87
N HIS B 138 42.73 3.03 26.72
CA HIS B 138 42.66 1.67 26.17
C HIS B 138 42.84 0.60 27.27
N ASP B 139 44.03 0.54 27.88
CA ASP B 139 44.32 -0.44 28.95
C ASP B 139 43.42 -0.36 30.18
N MET B 140 43.05 0.87 30.54
CA MET B 140 42.09 1.14 31.59
C MET B 140 40.74 0.54 31.24
N HIS B 141 40.25 0.80 30.03
CA HIS B 141 38.95 0.28 29.58
C HIS B 141 38.89 -1.24 29.69
N LYS B 142 39.98 -1.92 29.34
CA LYS B 142 40.02 -3.38 29.41
C LYS B 142 39.87 -3.85 30.85
N GLN B 143 40.56 -3.16 31.75
CA GLN B 143 40.48 -3.45 33.19
C GLN B 143 39.08 -3.16 33.72
N ALA B 144 38.53 -2.01 33.31
CA ALA B 144 37.19 -1.63 33.68
C ALA B 144 36.19 -2.73 33.33
N LEU B 145 36.21 -3.21 32.09
CA LEU B 145 35.27 -4.27 31.63
C LEU B 145 35.48 -5.61 32.37
N SER B 146 36.75 -5.97 32.57
CA SER B 146 37.12 -7.16 33.28
C SER B 146 36.63 -7.08 34.75
N TYR B 147 36.82 -5.91 35.37
CA TYR B 147 36.38 -5.73 36.71
C TYR B 147 34.88 -5.91 36.77
N ALA B 148 34.13 -5.20 35.90
CA ALA B 148 32.65 -5.34 35.95
C ALA B 148 32.20 -6.79 35.78
N ILE B 149 32.88 -7.53 34.91
CA ILE B 149 32.49 -8.91 34.64
C ILE B 149 32.81 -9.78 35.85
N SER B 150 33.95 -9.51 36.49
CA SER B 150 34.37 -10.24 37.70
C SER B 150 33.37 -10.13 38.86
N LYS B 151 32.67 -9.00 38.93
CA LYS B 151 31.57 -8.84 39.86
C LYS B 151 30.14 -9.28 39.49
N PHE B 152 29.60 -8.78 38.38
CA PHE B 152 28.23 -9.14 37.98
C PHE B 152 28.21 -10.56 37.38
N GLY B 153 29.36 -11.02 36.86
CA GLY B 153 29.52 -12.37 36.33
C GLY B 153 29.51 -13.46 37.36
N THR B 154 29.43 -13.11 38.66
CA THR B 154 29.39 -14.14 39.71
C THR B 154 28.09 -14.20 40.42
N GLN B 155 27.21 -13.24 40.23
CA GLN B 155 25.90 -13.22 40.86
C GLN B 155 24.88 -14.10 40.16
N LYS B 156 24.20 -14.95 40.91
CA LYS B 156 23.29 -15.96 40.35
C LYS B 156 21.93 -15.39 39.97
N ASN B 157 21.58 -14.20 40.45
CA ASN B 157 20.37 -13.50 39.94
C ASN B 157 20.69 -12.53 38.74
N VAL B 158 21.91 -12.63 38.20
CA VAL B 158 22.33 -11.81 37.09
C VAL B 158 22.83 -12.60 35.89
N ARG B 159 22.53 -12.07 34.71
CA ARG B 159 23.02 -12.60 33.45
C ARG B 159 23.75 -11.43 32.79
N VAL B 160 25.01 -11.64 32.42
CA VAL B 160 25.78 -10.59 31.79
C VAL B 160 25.88 -10.74 30.24
N TYR B 161 25.59 -9.61 29.58
CA TYR B 161 25.81 -9.59 28.17
C TYR B 161 26.91 -8.48 27.90
N LEU B 162 28.08 -8.88 27.46
CA LEU B 162 29.10 -7.93 27.08
C LEU B 162 28.77 -7.29 25.70
N ASP B 163 28.79 -5.97 25.60
CA ASP B 163 28.42 -5.35 24.33
C ASP B 163 29.53 -5.42 23.30
N ALA B 164 29.19 -5.83 22.08
CA ALA B 164 30.19 -5.88 21.04
C ALA B 164 29.79 -5.16 19.73
N ALA B 165 29.41 -3.91 19.87
CA ALA B 165 29.12 -3.05 18.75
C ALA B 165 27.98 -3.53 17.84
N HIS B 166 28.26 -3.54 16.52
CA HIS B 166 27.34 -3.97 15.51
C HIS B 166 28.14 -4.37 14.28
N GLY B 167 27.45 -5.03 13.35
CA GLY B 167 28.05 -5.60 12.18
C GLY B 167 28.62 -4.56 11.25
N GLY B 168 27.99 -3.39 11.16
CA GLY B 168 28.46 -2.28 10.35
C GLY B 168 29.82 -1.80 10.81
N TRP B 169 30.16 -2.18 12.04
CA TRP B 169 31.30 -1.63 12.74
C TRP B 169 32.45 -2.63 12.82
N LEU B 170 32.13 -3.89 13.13
CA LEU B 170 33.13 -4.87 13.54
C LEU B 170 33.06 -6.19 12.79
N ASN B 171 32.05 -6.34 11.90
CA ASN B 171 31.95 -7.62 11.17
C ASN B 171 33.24 -7.95 10.44
N SER B 172 33.89 -6.91 9.94
CA SER B 172 35.08 -7.14 9.19
C SER B 172 36.36 -7.26 10.11
N SER B 173 36.14 -7.37 11.42
CA SER B 173 37.25 -7.41 12.38
C SER B 173 36.86 -8.34 13.45
N ALA B 174 36.16 -9.42 13.12
CA ALA B 174 35.62 -10.35 14.09
C ALA B 174 36.75 -11.03 14.82
N ASP B 175 37.84 -11.36 14.14
CA ASP B 175 38.91 -11.99 14.88
C ASP B 175 39.61 -11.12 15.94
N ARG B 176 39.95 -9.90 15.56
CA ARG B 176 40.47 -8.92 16.50
C ARG B 176 39.49 -8.70 17.66
N THR B 177 38.19 -8.57 17.33
CA THR B 177 37.14 -8.40 18.33
C THR B 177 37.12 -9.59 19.32
N ALA B 178 37.18 -10.82 18.80
CA ALA B 178 37.28 -12.00 19.65
C ALA B 178 38.56 -11.99 20.45
N GLU B 179 39.67 -11.56 19.87
CA GLU B 179 40.92 -11.46 20.63
C GLU B 179 40.71 -10.64 21.93
N VAL B 180 40.20 -9.39 21.79
CA VAL B 180 39.90 -8.47 22.88
C VAL B 180 38.96 -9.10 23.92
N ILE B 181 37.82 -9.62 23.47
CA ILE B 181 36.86 -10.27 24.36
C ILE B 181 37.49 -11.42 25.14
N ALA B 182 38.17 -12.34 24.48
CA ALA B 182 38.91 -13.42 25.18
C ALA B 182 39.88 -12.92 26.24
N GLU B 183 40.59 -11.86 25.98
CA GLU B 183 41.50 -11.29 26.93
C GLU B 183 40.79 -10.78 28.14
N ILE B 184 39.73 -10.03 27.93
CA ILE B 184 38.89 -9.45 28.97
C ILE B 184 38.35 -10.55 29.87
N LEU B 185 37.87 -11.63 29.26
CA LEU B 185 37.33 -12.72 30.04
C LEU B 185 38.39 -13.48 30.81
N ARG B 186 39.62 -13.52 30.30
CA ARG B 186 40.74 -14.15 31.01
C ARG B 186 41.08 -13.40 32.31
N ASN B 187 40.89 -12.07 32.36
CA ASN B 187 41.12 -11.20 33.52
C ASN B 187 39.90 -10.87 34.34
N ALA B 188 38.83 -11.65 34.15
CA ALA B 188 37.59 -11.35 34.85
C ALA B 188 37.33 -12.25 36.11
N GLY B 189 38.41 -12.81 36.69
CA GLY B 189 38.32 -13.75 37.83
C GLY B 189 37.36 -14.89 37.55
N ASN B 190 36.36 -15.07 38.40
CA ASN B 190 35.38 -16.12 38.23
C ASN B 190 34.08 -15.66 37.57
N GLY B 191 34.12 -14.49 36.96
CA GLY B 191 32.95 -14.01 36.28
C GLY B 191 32.76 -14.73 34.94
N LYS B 192 31.51 -15.05 34.64
CA LYS B 192 31.09 -15.66 33.36
C LYS B 192 30.07 -14.71 32.67
N ILE B 193 30.20 -14.58 31.35
CA ILE B 193 29.15 -13.92 30.59
C ILE B 193 28.24 -14.97 29.95
N ARG B 194 26.95 -14.62 29.84
CA ARG B 194 26.00 -15.41 29.11
C ARG B 194 26.23 -15.21 27.62
N GLY B 195 26.50 -13.97 27.20
CA GLY B 195 26.74 -13.68 25.81
C GLY B 195 27.08 -12.23 25.49
N ILE B 196 26.83 -11.87 24.24
CA ILE B 196 27.16 -10.61 23.68
C ILE B 196 25.86 -9.93 23.29
N SER B 197 25.74 -8.61 23.55
CA SER B 197 24.71 -7.79 22.89
C SER B 197 25.26 -7.05 21.65
N THR B 198 24.43 -6.87 20.64
CA THR B 198 24.86 -6.03 19.51
C THR B 198 23.80 -5.03 19.10
N ASN B 199 24.22 -4.09 18.27
CA ASN B 199 23.32 -3.17 17.59
C ASN B 199 22.79 -2.20 18.57
N VAL B 200 23.46 -2.07 19.71
CA VAL B 200 22.95 -1.17 20.70
C VAL B 200 22.97 0.25 20.15
N SER B 201 21.83 0.91 20.24
CA SER B 201 21.73 2.28 19.83
C SER B 201 22.06 2.47 18.33
N ASN B 202 22.01 1.38 17.56
CA ASN B 202 22.15 1.41 16.17
C ASN B 202 21.01 0.78 15.38
N TYR B 203 21.03 0.93 14.06
CA TYR B 203 19.86 0.51 13.25
C TYR B 203 19.95 -0.73 12.37
N GLN B 204 21.00 -1.48 12.54
CA GLN B 204 21.23 -2.61 11.68
C GLN B 204 20.05 -3.57 11.62
N PRO B 205 19.76 -4.11 10.44
CA PRO B 205 18.75 -5.21 10.33
C PRO B 205 19.12 -6.47 11.09
N VAL B 206 18.11 -7.20 11.52
CA VAL B 206 18.36 -8.42 12.28
C VAL B 206 19.11 -9.39 11.36
N TYR B 207 18.80 -9.31 10.05
CA TYR B 207 19.39 -10.24 9.08
C TYR B 207 20.91 -10.15 9.09
N SER B 208 21.44 -8.94 8.99
CA SER B 208 22.88 -8.79 8.92
C SER B 208 23.52 -8.91 10.28
N GLU B 209 22.89 -8.37 11.31
CA GLU B 209 23.33 -8.63 12.70
C GLU B 209 23.53 -10.12 12.95
N TYR B 210 22.58 -10.97 12.54
CA TYR B 210 22.76 -12.38 12.82
C TYR B 210 23.99 -13.01 12.17
N GLN B 211 24.21 -12.57 10.93
CA GLN B 211 25.38 -12.92 10.17
C GLN B 211 26.68 -12.51 10.96
N TYR B 212 26.68 -11.27 11.51
CA TYR B 212 27.74 -10.82 12.36
C TYR B 212 27.89 -11.75 13.58
N HIS B 213 26.78 -12.09 14.25
CA HIS B 213 26.84 -12.99 15.43
C HIS B 213 27.56 -14.29 15.09
N GLN B 214 27.24 -14.86 13.92
CA GLN B 214 27.84 -16.15 13.48
C GLN B 214 29.35 -16.01 13.26
N ASN B 215 29.74 -14.86 12.70
CA ASN B 215 31.10 -14.57 12.41
C ASN B 215 31.85 -14.42 13.75
N LEU B 216 31.31 -13.55 14.59
CA LEU B 216 31.87 -13.34 15.93
C LEU B 216 31.91 -14.66 16.73
N ASN B 217 30.82 -15.41 16.68
CA ASN B 217 30.82 -16.69 17.33
C ASN B 217 31.94 -17.65 16.94
N ARG B 218 32.18 -17.78 15.64
CA ARG B 218 33.24 -18.65 15.14
C ARG B 218 34.61 -18.17 15.60
N ALA B 219 34.83 -16.86 15.53
CA ALA B 219 36.08 -16.27 16.00
C ALA B 219 36.25 -16.55 17.51
N LEU B 220 35.18 -16.32 18.31
CA LEU B 220 35.22 -16.62 19.77
C LEU B 220 35.53 -18.09 20.05
N GLU B 221 34.86 -19.00 19.32
CA GLU B 221 35.08 -20.44 19.50
C GLU B 221 36.52 -20.86 19.24
N SER B 222 37.17 -20.27 18.26
CA SER B 222 38.53 -20.63 17.93
C SER B 222 39.52 -20.11 19.00
N ARG B 223 39.04 -19.31 19.97
CA ARG B 223 39.87 -18.73 21.03
C ARG B 223 39.41 -19.25 22.40
N GLY B 224 38.68 -20.37 22.35
CA GLY B 224 38.29 -21.08 23.55
C GLY B 224 37.06 -20.55 24.26
N VAL B 225 36.44 -19.47 23.73
CA VAL B 225 35.25 -18.89 24.36
C VAL B 225 34.05 -19.53 23.72
N ARG B 226 33.43 -20.45 24.44
CA ARG B 226 32.36 -21.31 23.88
C ARG B 226 30.96 -21.06 24.46
N GLY B 227 29.93 -21.50 23.77
CA GLY B 227 28.55 -21.37 24.21
C GLY B 227 27.93 -19.98 24.25
N MET B 228 28.55 -18.98 23.60
CA MET B 228 28.00 -17.60 23.59
C MET B 228 26.62 -17.51 22.97
N LYS B 229 25.72 -16.81 23.64
CA LYS B 229 24.43 -16.48 23.05
C LYS B 229 24.43 -14.98 22.70
N PHE B 230 23.37 -14.46 22.09
CA PHE B 230 23.35 -13.08 21.58
C PHE B 230 21.97 -12.41 21.82
N ILE B 231 22.01 -11.11 22.03
CA ILE B 231 20.82 -10.32 22.03
C ILE B 231 21.09 -9.17 21.08
N VAL B 232 20.02 -8.61 20.52
CA VAL B 232 20.19 -7.61 19.49
C VAL B 232 19.22 -6.51 19.75
N ASP B 233 19.69 -5.28 19.73
CA ASP B 233 18.82 -4.18 20.01
C ASP B 233 17.90 -3.98 18.80
N THR B 234 16.60 -4.14 18.99
CA THR B 234 15.66 -3.90 17.91
C THR B 234 14.79 -2.64 18.12
N SER B 235 15.21 -1.74 19.01
CA SER B 235 14.45 -0.47 19.27
C SER B 235 14.34 0.44 18.05
N ARG B 236 15.36 0.47 17.22
CA ARG B 236 15.26 1.43 16.15
C ARG B 236 15.57 0.89 14.79
N ASN B 237 15.38 -0.40 14.59
CA ASN B 237 15.90 -0.96 13.34
C ASN B 237 14.83 -1.47 12.41
N GLY B 238 13.67 -0.83 12.44
CA GLY B 238 12.58 -1.23 11.60
C GLY B 238 12.84 -1.05 10.12
N ARG B 239 13.63 -0.04 9.74
CA ARG B 239 13.94 0.28 8.33
C ARG B 239 15.45 0.30 8.14
N ASN B 240 15.92 -0.20 6.99
CA ASN B 240 17.38 -0.20 6.72
C ASN B 240 17.94 1.21 6.78
N PRO B 241 19.08 1.40 7.47
CA PRO B 241 19.62 2.75 7.60
C PRO B 241 20.13 3.30 6.29
N SER B 242 19.97 4.60 6.07
CA SER B 242 20.40 5.22 4.81
C SER B 242 21.92 5.42 4.72
N SER B 243 22.57 5.55 5.88
CA SER B 243 24.03 5.56 6.04
C SER B 243 24.50 5.10 7.43
N ALA B 244 25.82 5.24 7.67
CA ALA B 244 26.44 4.96 8.96
C ALA B 244 26.25 6.09 10.01
N THR B 245 25.50 7.16 9.68
CA THR B 245 25.12 8.15 10.67
C THR B 245 24.53 7.40 11.89
N TRP B 246 25.09 7.64 13.06
CA TRP B 246 24.65 7.00 14.31
C TRP B 246 23.75 7.88 15.17
N CYS B 247 23.91 9.18 15.04
CA CYS B 247 23.23 10.18 15.85
C CYS B 247 21.87 10.56 15.24
N ASN B 248 20.79 10.15 15.90
CA ASN B 248 19.41 10.57 15.60
C ASN B 248 19.04 10.39 14.12
N LEU B 249 19.11 9.16 13.63
CA LEU B 249 18.96 8.88 12.23
C LEU B 249 17.51 9.14 11.75
N LYS B 250 17.39 9.96 10.66
CA LYS B 250 16.12 10.19 9.96
C LYS B 250 15.67 8.89 9.30
N GLY B 251 14.36 8.73 9.18
CA GLY B 251 13.83 7.55 8.53
C GLY B 251 13.85 6.27 9.34
N ALA B 252 14.35 6.29 10.58
CA ALA B 252 14.44 5.07 11.40
C ALA B 252 13.07 4.79 11.85
N GLY B 253 12.79 3.51 12.09
CA GLY B 253 11.52 3.05 12.66
C GLY B 253 11.70 2.07 13.81
N LEU B 254 10.69 2.00 14.68
CA LEU B 254 10.69 0.97 15.73
C LEU B 254 10.79 -0.37 15.01
N GLY B 255 11.57 -1.29 15.58
CA GLY B 255 11.76 -2.64 15.04
C GLY B 255 10.90 -3.60 15.81
N ALA B 256 11.14 -4.89 15.66
CA ALA B 256 10.42 -5.95 16.38
C ALA B 256 10.25 -5.71 17.87
N ARG B 257 9.11 -6.09 18.43
CA ARG B 257 8.89 -5.95 19.87
C ARG B 257 9.75 -6.97 20.62
N PRO B 258 10.24 -6.61 21.81
CA PRO B 258 11.08 -7.52 22.60
C PRO B 258 10.44 -8.91 22.65
N GLN B 259 11.27 -9.95 22.59
CA GLN B 259 10.83 -11.32 22.49
C GLN B 259 12.02 -12.22 22.76
N ALA B 260 11.78 -13.32 23.52
CA ALA B 260 12.79 -14.37 23.69
C ALA B 260 12.73 -15.27 22.47
N ASN B 261 13.89 -15.83 22.09
CA ASN B 261 13.97 -16.97 21.13
C ASN B 261 13.15 -16.73 19.89
N PRO B 262 13.35 -15.59 19.21
CA PRO B 262 12.34 -15.15 18.25
C PRO B 262 12.38 -15.92 16.93
N ASP B 263 13.42 -16.75 16.69
CA ASP B 263 13.59 -17.48 15.43
C ASP B 263 14.38 -18.79 15.57
N PRO B 264 13.72 -19.93 15.29
CA PRO B 264 14.43 -21.24 15.42
C PRO B 264 15.56 -21.41 14.40
N ASN B 265 15.48 -20.69 13.28
CA ASN B 265 16.61 -20.56 12.35
C ASN B 265 17.75 -19.65 12.81
N MET B 266 17.55 -18.99 13.97
CA MET B 266 18.60 -18.18 14.62
C MET B 266 18.86 -18.70 16.01
N PRO B 267 19.48 -19.92 16.12
CA PRO B 267 19.62 -20.59 17.43
C PRO B 267 20.61 -19.92 18.39
N LEU B 268 21.51 -19.07 17.89
CA LEU B 268 22.46 -18.33 18.74
C LEU B 268 21.83 -17.09 19.42
N LEU B 269 20.61 -16.77 18.99
CA LEU B 269 19.98 -15.52 19.38
C LEU B 269 18.98 -15.65 20.52
N ASP B 270 19.38 -15.28 21.74
CA ASP B 270 18.47 -15.27 22.94
C ASP B 270 17.21 -14.43 22.82
N ALA B 271 17.32 -13.25 22.18
CA ALA B 271 16.24 -12.25 22.19
C ALA B 271 16.45 -11.03 21.28
N TYR B 272 15.32 -10.46 20.91
CA TYR B 272 15.17 -9.08 20.53
C TYR B 272 14.95 -8.31 21.83
N VAL B 273 15.70 -7.24 22.02
CA VAL B 273 15.57 -6.43 23.24
C VAL B 273 15.44 -4.96 22.79
N TRP B 274 14.71 -4.12 23.52
CA TRP B 274 14.82 -2.67 23.25
C TRP B 274 15.87 -2.13 24.24
N ILE B 275 17.13 -2.11 23.81
CA ILE B 275 18.17 -1.60 24.65
C ILE B 275 18.29 -0.06 24.70
N LYS B 276 18.50 0.62 23.55
CA LYS B 276 18.43 2.08 23.49
C LYS B 276 16.95 2.46 23.68
N THR B 277 16.71 3.59 24.32
CA THR B 277 15.33 4.00 24.60
C THR B 277 14.83 4.77 23.41
N PRO B 278 13.85 4.20 22.70
CA PRO B 278 13.36 4.80 21.43
C PRO B 278 12.63 6.07 21.80
N GLY B 279 13.09 7.19 21.25
CA GLY B 279 12.54 8.52 21.61
C GLY B 279 13.52 9.42 22.36
N GLU B 280 14.58 8.86 22.95
CA GLU B 280 15.60 9.64 23.67
C GLU B 280 16.68 10.03 22.70
N SER B 281 16.97 11.34 22.63
CA SER B 281 18.06 11.83 21.80
C SER B 281 19.36 11.05 22.02
N ASP B 282 20.15 10.89 20.95
CA ASP B 282 21.48 10.24 21.03
C ASP B 282 22.47 11.28 21.53
N SER B 283 22.15 12.55 21.28
CA SER B 283 23.01 13.72 21.50
C SER B 283 22.22 14.97 21.10
N ALA B 284 22.68 16.16 21.53
CA ALA B 284 22.07 17.45 21.07
C ALA B 284 22.66 17.85 19.71
N SER B 285 21.81 18.42 18.84
CA SER B 285 22.23 18.74 17.45
C SER B 285 23.49 19.62 17.42
N SER B 286 23.67 20.43 18.47
CA SER B 286 24.86 21.28 18.60
C SER B 286 26.06 20.69 19.35
N ALA B 287 26.00 19.44 19.76
CA ALA B 287 27.11 18.85 20.54
C ALA B 287 28.20 18.12 19.75
N ASP B 288 27.94 17.74 18.51
CA ASP B 288 28.89 16.97 17.67
C ASP B 288 28.49 17.30 16.24
N PRO B 289 29.47 17.68 15.39
CA PRO B 289 29.19 17.85 13.95
C PRO B 289 28.44 16.66 13.29
N VAL B 290 28.65 15.43 13.74
CA VAL B 290 27.97 14.29 13.15
C VAL B 290 26.47 14.50 13.31
N CYS B 291 26.06 15.04 14.45
CA CYS B 291 24.66 15.28 14.71
C CYS B 291 24.05 16.29 13.80
N ARG B 292 24.86 16.92 12.96
CA ARG B 292 24.35 17.80 11.96
C ARG B 292 24.52 17.17 10.56
N ASN B 293 24.61 15.84 10.47
CA ASN B 293 24.65 15.10 9.21
C ASN B 293 23.36 15.25 8.42
N SER B 294 23.40 14.98 7.12
CA SER B 294 22.23 15.28 6.30
C SER B 294 21.03 14.47 6.77
N ASP B 295 21.31 13.25 7.22
CA ASP B 295 20.26 12.30 7.61
C ASP B 295 20.15 12.17 9.15
N SER B 296 20.54 13.23 9.82
CA SER B 296 20.39 13.30 11.23
C SER B 296 19.25 14.28 11.57
N LEU B 297 18.29 13.88 12.40
CA LEU B 297 17.13 14.73 12.68
C LEU B 297 17.51 15.94 13.57
N GLN B 298 17.27 17.16 13.09
CA GLN B 298 17.62 18.41 13.80
C GLN B 298 16.71 18.85 14.98
N GLY B 299 17.26 19.68 15.88
CA GLY B 299 16.48 20.17 17.00
C GLY B 299 16.49 19.19 18.18
N ALA B 300 17.51 18.34 18.21
CA ALA B 300 17.62 17.29 19.21
C ALA B 300 17.97 17.92 20.53
N PRO B 301 17.25 17.55 21.60
CA PRO B 301 17.70 17.91 22.95
C PRO B 301 18.95 17.10 23.31
N ALA B 302 19.39 17.24 24.58
CA ALA B 302 20.66 16.68 25.00
C ALA B 302 20.52 15.17 25.07
N ALA B 303 21.67 14.47 25.05
CA ALA B 303 21.72 13.02 25.12
C ALA B 303 20.87 12.53 26.29
N GLY B 304 19.98 11.60 26.07
CA GLY B 304 19.21 11.07 27.17
C GLY B 304 17.85 11.73 27.22
N SER B 305 17.69 12.96 26.73
CA SER B 305 16.38 13.61 26.88
C SER B 305 15.37 13.23 25.81
N TRP B 306 14.09 13.32 26.20
CA TRP B 306 12.97 12.95 25.32
C TRP B 306 12.92 13.83 24.08
N PHE B 307 12.85 13.21 22.91
CA PHE B 307 12.90 13.93 21.66
C PHE B 307 11.58 13.56 20.97
N HIS B 308 10.52 14.30 21.32
CA HIS B 308 9.20 14.03 20.84
C HIS B 308 9.09 13.86 19.31
N ASP B 309 9.68 14.78 18.52
CA ASP B 309 9.56 14.67 17.05
C ASP B 309 10.11 13.36 16.55
N TYR B 310 11.24 12.92 17.14
CA TYR B 310 11.92 11.65 16.79
C TYR B 310 11.07 10.43 17.12
N PHE B 311 10.52 10.43 18.30
CA PHE B 311 9.61 9.39 18.71
C PHE B 311 8.42 9.24 17.75
N VAL B 312 7.82 10.35 17.34
CA VAL B 312 6.75 10.36 16.33
C VAL B 312 7.21 9.69 15.01
N MET B 313 8.43 10.01 14.55
CA MET B 313 8.98 9.45 13.32
C MET B 313 9.15 7.93 13.51
N LEU B 314 9.58 7.52 14.72
CA LEU B 314 9.78 6.09 15.03
C LEU B 314 8.47 5.37 14.99
N LEU B 315 7.47 6.10 15.43
CA LEU B 315 6.10 5.55 15.46
C LEU B 315 5.46 5.32 14.05
N GLU B 316 5.58 6.34 13.22
CA GLU B 316 5.15 6.28 11.82
C GLU B 316 5.86 5.25 11.01
N ASN B 317 7.18 5.11 11.22
CA ASN B 317 8.01 4.18 10.47
C ASN B 317 8.12 2.79 11.02
N ALA B 318 7.41 2.50 12.11
CA ALA B 318 7.45 1.20 12.78
C ALA B 318 7.33 0.07 11.80
N ASN B 319 8.24 -0.90 11.98
CA ASN B 319 8.29 -2.18 11.23
C ASN B 319 8.39 -3.37 12.26
N PRO B 320 7.55 -4.43 12.31
CA PRO B 320 6.21 -4.54 11.73
C PRO B 320 5.22 -3.48 12.24
N PRO B 321 4.39 -3.04 11.31
CA PRO B 321 3.39 -1.99 11.53
C PRO B 321 2.31 -2.40 12.56
N PHE B 322 1.47 -1.46 12.94
CA PHE B 322 0.37 -1.70 13.92
C PHE B 322 -0.92 -2.37 13.35
N THR C 1 37.84 3.76 -21.21
CA THR C 1 37.72 5.05 -20.44
C THR C 1 37.83 4.85 -18.90
N SER C 2 36.96 3.96 -18.38
CA SER C 2 36.74 3.61 -16.96
C SER C 2 37.09 2.12 -16.77
N ASP C 3 37.47 1.71 -15.56
CA ASP C 3 37.77 0.31 -15.28
C ASP C 3 36.52 -0.48 -14.85
N ASN C 4 35.41 0.24 -14.74
CA ASN C 4 34.13 -0.30 -14.31
C ASN C 4 33.24 -0.30 -15.57
N PHE C 5 33.20 -1.45 -16.24
CA PHE C 5 32.52 -1.58 -17.51
C PHE C 5 31.02 -1.42 -17.40
N PHE C 6 30.54 -1.29 -16.16
CA PHE C 6 29.10 -1.21 -15.93
C PHE C 6 28.66 0.23 -16.06
N GLU C 7 29.62 1.14 -16.12
CA GLU C 7 29.29 2.54 -16.36
C GLU C 7 28.92 2.78 -17.84
N ASN C 8 29.34 1.89 -18.72
CA ASN C 8 28.78 1.85 -20.04
C ASN C 8 27.31 1.31 -20.04
N GLU C 9 26.52 1.56 -21.09
CA GLU C 9 25.22 0.93 -21.31
C GLU C 9 25.33 -0.60 -21.44
N LEU C 10 24.35 -1.34 -20.93
CA LEU C 10 24.48 -2.83 -20.82
C LEU C 10 23.72 -3.58 -21.89
N TYR C 11 24.29 -4.69 -22.33
CA TYR C 11 23.74 -5.51 -23.38
C TYR C 11 22.62 -6.44 -22.90
N SER C 12 21.46 -6.34 -23.53
CA SER C 12 20.31 -7.21 -23.32
C SER C 12 20.29 -8.25 -24.47
N ASN C 13 20.38 -9.54 -24.13
CA ASN C 13 20.59 -10.61 -25.12
C ASN C 13 19.31 -11.30 -25.59
N TYR C 14 19.38 -11.83 -26.80
CA TYR C 14 18.26 -12.51 -27.46
C TYR C 14 17.78 -13.70 -26.63
N LYS C 15 18.66 -14.33 -25.87
CA LYS C 15 18.25 -15.53 -25.18
C LYS C 15 17.23 -15.26 -24.08
N PHE C 16 17.52 -14.24 -23.30
CA PHE C 16 16.68 -13.91 -22.20
C PHE C 16 15.40 -13.24 -22.76
N GLN C 17 15.57 -12.49 -23.86
CA GLN C 17 14.40 -11.88 -24.51
C GLN C 17 13.43 -12.96 -25.00
N GLY C 18 13.96 -14.03 -25.61
CA GLY C 18 13.15 -15.18 -25.98
C GLY C 18 12.51 -15.90 -24.79
N GLU C 19 13.24 -16.00 -23.67
CA GLU C 19 12.72 -16.65 -22.44
C GLU C 19 11.57 -15.87 -21.88
N VAL C 20 11.70 -14.54 -21.80
CA VAL C 20 10.60 -13.72 -21.33
C VAL C 20 9.37 -13.71 -22.27
N ASP C 21 9.59 -13.84 -23.59
CA ASP C 21 8.52 -13.90 -24.59
C ASP C 21 7.64 -15.13 -24.37
N GLN C 22 8.27 -16.24 -23.93
CA GLN C 22 7.48 -17.45 -23.64
C GLN C 22 6.51 -17.17 -22.55
N SER C 23 6.94 -16.38 -21.55
CA SER C 23 6.07 -15.98 -20.46
C SER C 23 5.00 -14.94 -20.84
N ILE C 24 5.41 -13.89 -21.57
CA ILE C 24 4.50 -12.89 -22.13
C ILE C 24 3.32 -13.54 -22.87
N GLN C 25 3.60 -14.52 -23.73
CA GLN C 25 2.55 -15.32 -24.42
C GLN C 25 1.59 -16.03 -23.53
N ARG C 26 2.02 -16.37 -22.32
CA ARG C 26 1.15 -17.09 -21.41
C ARG C 26 0.44 -16.20 -20.41
N LEU C 27 0.58 -14.88 -20.53
CA LEU C 27 0.11 -13.92 -19.51
C LEU C 27 -0.84 -12.86 -20.07
N SER C 28 -1.67 -12.29 -19.21
CA SER C 28 -2.51 -11.18 -19.66
C SER C 28 -2.47 -10.02 -18.72
N GLY C 29 -2.86 -8.85 -19.23
CA GLY C 29 -3.21 -7.71 -18.41
C GLY C 29 -2.03 -7.19 -17.66
N SER C 30 -2.20 -7.06 -16.35
CA SER C 30 -1.21 -6.47 -15.46
C SER C 30 0.20 -7.22 -15.52
N LEU C 31 0.22 -8.55 -15.33
CA LEU C 31 1.48 -9.29 -15.25
C LEU C 31 2.16 -9.31 -16.59
N GLN C 32 1.39 -9.44 -17.66
CA GLN C 32 1.93 -9.26 -19.00
C GLN C 32 2.63 -7.91 -19.21
N GLU C 33 2.02 -6.83 -18.72
CA GLU C 33 2.64 -5.49 -18.81
C GLU C 33 4.00 -5.45 -18.13
N LYS C 34 4.07 -6.01 -16.92
CA LYS C 34 5.26 -6.09 -16.12
C LYS C 34 6.34 -6.96 -16.79
N ALA C 35 5.94 -8.13 -17.26
CA ALA C 35 6.84 -9.01 -17.96
C ALA C 35 7.43 -8.31 -19.16
N LYS C 36 6.63 -7.50 -19.85
CA LYS C 36 7.18 -6.72 -21.01
C LYS C 36 8.30 -5.77 -20.65
N LYS C 37 8.29 -5.24 -19.42
CA LYS C 37 9.34 -4.36 -18.93
C LYS C 37 10.56 -5.17 -18.47
N VAL C 38 10.36 -6.40 -18.01
CA VAL C 38 11.48 -7.23 -17.58
C VAL C 38 12.28 -7.75 -18.77
N LYS C 39 11.58 -8.03 -19.87
CA LYS C 39 12.19 -8.47 -21.13
C LYS C 39 13.51 -7.76 -21.62
N TYR C 40 13.60 -6.45 -21.40
CA TYR C 40 14.80 -5.71 -21.83
C TYR C 40 15.77 -5.35 -20.76
N VAL C 41 15.51 -5.82 -19.53
CA VAL C 41 16.48 -5.68 -18.43
C VAL C 41 17.71 -6.57 -18.69
N PRO C 42 18.90 -5.97 -18.87
CA PRO C 42 20.13 -6.77 -19.16
C PRO C 42 20.38 -7.89 -18.13
N THR C 43 20.60 -9.12 -18.62
CA THR C 43 21.03 -10.27 -17.81
C THR C 43 22.35 -10.87 -18.31
N ALA C 44 23.11 -11.51 -17.45
CA ALA C 44 24.38 -12.07 -17.86
C ALA C 44 24.11 -13.21 -18.86
N ALA C 45 25.09 -13.51 -19.73
CA ALA C 45 25.00 -14.65 -20.61
C ALA C 45 25.90 -15.76 -20.04
N TRP C 46 25.38 -16.96 -19.91
CA TRP C 46 26.10 -18.06 -19.30
C TRP C 46 26.73 -18.94 -20.34
N LEU C 47 28.02 -19.25 -20.13
CA LEU C 47 28.77 -20.20 -20.90
C LEU C 47 28.90 -21.49 -20.13
N ALA C 48 27.88 -22.34 -20.25
CA ALA C 48 27.65 -23.42 -19.25
C ALA C 48 27.66 -24.90 -19.77
N TRP C 49 28.19 -25.11 -20.97
CA TRP C 49 28.29 -26.45 -21.64
C TRP C 49 29.29 -26.36 -22.78
N SER C 50 29.79 -27.52 -23.27
CA SER C 50 30.97 -27.52 -24.21
C SER C 50 30.70 -26.73 -25.53
N GLY C 51 29.44 -26.71 -25.94
CA GLY C 51 29.07 -25.98 -27.14
C GLY C 51 29.06 -24.47 -27.04
N ALA C 52 29.17 -23.94 -25.82
CA ALA C 52 29.07 -22.50 -25.56
C ALA C 52 30.15 -21.70 -26.27
N THR C 53 31.28 -22.34 -26.56
CA THR C 53 32.37 -21.67 -27.30
C THR C 53 31.87 -21.10 -28.64
N ASN C 54 30.90 -21.77 -29.25
CA ASN C 54 30.26 -21.21 -30.46
C ASN C 54 29.25 -20.11 -30.23
N GLU C 55 28.76 -19.92 -29.00
CA GLU C 55 27.78 -18.88 -28.72
C GLU C 55 28.42 -17.47 -28.61
N VAL C 56 29.69 -17.43 -28.16
CA VAL C 56 30.42 -16.18 -27.87
C VAL C 56 30.32 -15.13 -28.99
N ALA C 57 30.68 -15.50 -30.21
CA ALA C 57 30.70 -14.52 -31.31
C ALA C 57 29.33 -13.88 -31.58
N ARG C 58 28.26 -14.67 -31.54
CA ARG C 58 26.94 -14.10 -31.81
C ARG C 58 26.62 -12.98 -30.81
N TYR C 59 26.81 -13.26 -29.47
CA TYR C 59 26.63 -12.27 -28.41
C TYR C 59 27.47 -11.03 -28.69
N LEU C 60 28.77 -11.21 -28.89
CA LEU C 60 29.65 -10.08 -29.26
C LEU C 60 29.24 -9.34 -30.52
N ASN C 61 28.73 -10.03 -31.55
CA ASN C 61 28.20 -9.30 -32.71
C ASN C 61 26.98 -8.45 -32.40
N GLU C 62 26.05 -8.97 -31.60
CA GLU C 62 24.73 -8.30 -31.40
C GLU C 62 24.84 -7.19 -30.36
N ALA C 63 25.98 -7.15 -29.68
CA ALA C 63 26.13 -6.24 -28.56
C ALA C 63 26.70 -4.89 -28.93
N GLY C 64 27.49 -4.86 -30.01
CA GLY C 64 28.17 -3.65 -30.41
C GLY C 64 29.08 -3.11 -29.32
N SER C 65 28.84 -1.84 -28.96
CA SER C 65 29.68 -1.23 -27.95
C SER C 65 29.08 -1.40 -26.53
N LYS C 66 27.96 -2.11 -26.41
CA LYS C 66 27.39 -2.33 -25.09
C LYS C 66 28.24 -3.33 -24.26
N THR C 67 28.28 -3.17 -22.93
CA THR C 67 28.95 -4.11 -22.06
C THR C 67 28.21 -5.44 -22.10
N VAL C 68 28.96 -6.50 -22.41
CA VAL C 68 28.52 -7.89 -22.40
C VAL C 68 29.01 -8.55 -21.13
N VAL C 69 28.16 -9.30 -20.43
CA VAL C 69 28.58 -9.92 -19.18
C VAL C 69 28.47 -11.40 -19.40
N PHE C 70 29.60 -12.11 -19.32
CA PHE C 70 29.69 -13.57 -19.52
C PHE C 70 29.94 -14.20 -18.17
N VAL C 71 29.45 -15.44 -18.01
CA VAL C 71 29.67 -16.20 -16.79
C VAL C 71 30.27 -17.48 -17.29
N LEU C 72 31.55 -17.65 -16.95
CA LEU C 72 32.24 -18.86 -17.30
C LEU C 72 31.87 -19.92 -16.29
N TYR C 73 31.19 -20.97 -16.73
CA TYR C 73 30.69 -22.01 -15.84
C TYR C 73 30.86 -23.42 -16.46
N MET C 74 32.07 -23.75 -16.89
CA MET C 74 32.35 -25.06 -17.62
C MET C 74 33.41 -25.90 -16.79
N ILE C 75 33.44 -25.59 -15.49
CA ILE C 75 34.41 -26.22 -14.56
C ILE C 75 34.17 -27.71 -14.69
N PRO C 76 35.23 -28.53 -14.64
CA PRO C 76 34.88 -29.95 -14.82
C PRO C 76 33.69 -30.56 -14.04
N THR C 77 33.73 -30.61 -12.71
CA THR C 77 32.60 -31.17 -11.95
C THR C 77 32.06 -30.13 -10.97
N ARG C 78 30.73 -29.98 -10.90
CA ARG C 78 30.07 -28.99 -10.00
C ARG C 78 30.33 -29.25 -8.52
N ASP C 79 30.20 -30.53 -8.15
CA ASP C 79 30.43 -31.05 -6.80
C ASP C 79 31.54 -32.11 -6.91
N CYS C 80 32.57 -32.01 -6.03
CA CYS C 80 33.72 -32.97 -6.16
C CYS C 80 33.45 -34.52 -5.81
N ASN C 81 33.02 -34.77 -4.58
CA ASN C 81 32.66 -36.16 -4.13
C ASN C 81 31.34 -36.81 -4.73
N ALA C 82 30.26 -36.02 -4.83
CA ALA C 82 28.94 -36.55 -5.31
C ALA C 82 28.92 -37.02 -6.80
N GLY C 83 29.62 -36.31 -7.67
CA GLY C 83 29.39 -36.67 -9.07
C GLY C 83 29.72 -35.56 -10.05
N GLY C 84 29.30 -35.71 -11.30
CA GLY C 84 29.61 -34.68 -12.31
C GLY C 84 28.33 -33.88 -12.72
N SER C 85 28.43 -32.62 -13.26
CA SER C 85 27.26 -31.77 -13.69
C SER C 85 27.57 -30.63 -14.75
N ASN C 86 26.54 -30.00 -15.34
CA ASN C 86 26.69 -28.92 -16.33
C ASN C 86 27.69 -29.31 -17.46
N GLY C 87 27.51 -30.49 -18.09
CA GLY C 87 28.37 -31.03 -19.14
C GLY C 87 29.58 -31.93 -18.77
N GLY C 88 29.92 -31.97 -17.49
CA GLY C 88 30.99 -32.83 -17.02
C GLY C 88 32.32 -32.76 -17.83
N ALA C 89 33.00 -31.58 -17.90
CA ALA C 89 34.29 -31.53 -18.67
C ALA C 89 35.26 -32.59 -18.04
N ASP C 90 35.91 -33.47 -18.83
CA ASP C 90 36.79 -34.55 -18.26
C ASP C 90 38.12 -34.07 -17.57
N ASN C 91 38.78 -33.06 -18.12
CA ASN C 91 40.12 -32.84 -17.63
C ASN C 91 40.40 -31.36 -17.55
N LEU C 92 41.58 -31.05 -17.07
CA LEU C 92 41.99 -29.68 -17.00
C LEU C 92 42.35 -29.21 -18.37
N SER C 93 42.85 -30.14 -19.17
CA SER C 93 43.26 -29.79 -20.50
C SER C 93 42.05 -29.57 -21.35
N THR C 94 40.98 -30.30 -21.10
CA THR C 94 39.74 -30.07 -21.85
C THR C 94 39.28 -28.63 -21.54
N TYR C 95 39.42 -28.24 -20.27
CA TYR C 95 39.07 -26.95 -19.76
C TYR C 95 39.90 -25.83 -20.29
N GLN C 96 41.21 -26.02 -20.29
CA GLN C 96 42.08 -24.95 -20.75
C GLN C 96 41.76 -24.67 -22.20
N GLY C 97 41.24 -25.68 -22.89
CA GLY C 97 40.99 -25.53 -24.29
C GLY C 97 39.71 -24.79 -24.52
N TYR C 98 38.79 -24.85 -23.58
CA TYR C 98 37.55 -24.07 -23.62
C TYR C 98 37.91 -22.65 -23.37
N VAL C 99 38.82 -22.46 -22.45
CA VAL C 99 39.30 -21.14 -22.11
C VAL C 99 40.02 -20.53 -23.32
N ASN C 100 40.85 -21.33 -23.99
CA ASN C 100 41.67 -20.82 -25.08
C ASN C 100 40.76 -20.39 -26.19
N SER C 101 39.79 -21.25 -26.46
CA SER C 101 38.78 -20.95 -27.44
C SER C 101 38.02 -19.61 -27.17
N ILE C 102 37.47 -19.44 -25.96
CA ILE C 102 36.73 -18.22 -25.62
C ILE C 102 37.65 -17.01 -25.67
N TYR C 103 38.85 -17.17 -25.11
CA TYR C 103 39.92 -16.16 -25.12
C TYR C 103 40.25 -15.69 -26.53
N ASN C 104 40.44 -16.67 -27.44
CA ASN C 104 40.73 -16.39 -28.85
C ASN C 104 39.62 -15.61 -29.44
N THR C 105 38.36 -16.08 -29.32
CA THR C 105 37.24 -15.34 -29.86
C THR C 105 37.26 -13.92 -29.34
N ILE C 106 37.43 -13.73 -28.02
CA ILE C 106 37.38 -12.38 -27.46
C ILE C 106 38.40 -11.44 -28.15
N ASN C 107 39.59 -11.97 -28.46
CA ASN C 107 40.63 -11.20 -29.16
C ASN C 107 40.21 -10.60 -30.51
N GLN C 108 39.22 -11.20 -31.15
CA GLN C 108 38.75 -10.74 -32.41
C GLN C 108 37.91 -9.49 -32.21
N TYR C 109 37.67 -9.13 -30.95
CA TYR C 109 36.76 -8.02 -30.67
C TYR C 109 37.36 -6.95 -29.79
N PRO C 110 38.42 -6.31 -30.30
CA PRO C 110 39.15 -5.35 -29.42
C PRO C 110 38.29 -4.15 -28.96
N ASN C 111 37.13 -3.91 -29.57
CA ASN C 111 36.33 -2.73 -29.16
C ASN C 111 35.13 -3.07 -28.31
N SER C 112 34.85 -4.36 -28.16
CA SER C 112 33.81 -4.80 -27.24
C SER C 112 34.28 -4.54 -25.83
N ARG C 113 33.34 -4.34 -24.91
CA ARG C 113 33.65 -4.25 -23.49
C ARG C 113 33.02 -5.45 -22.78
N ILE C 114 33.87 -6.32 -22.23
CA ILE C 114 33.39 -7.63 -21.74
C ILE C 114 33.68 -7.84 -20.28
N VAL C 115 32.67 -8.23 -19.54
CA VAL C 115 32.86 -8.60 -18.12
C VAL C 115 32.79 -10.10 -18.09
N MET C 116 33.83 -10.73 -17.54
CA MET C 116 33.86 -12.15 -17.42
C MET C 116 33.81 -12.54 -15.93
N ILE C 117 32.76 -13.25 -15.53
CA ILE C 117 32.63 -13.72 -14.15
C ILE C 117 33.12 -15.16 -14.07
N ILE C 118 34.16 -15.44 -13.26
CA ILE C 118 34.79 -16.76 -13.21
C ILE C 118 34.12 -17.74 -12.20
N GLU C 119 33.57 -18.81 -12.75
CA GLU C 119 33.15 -20.05 -12.02
C GLU C 119 32.43 -19.91 -10.68
N PRO C 120 31.14 -19.52 -10.74
CA PRO C 120 30.26 -19.54 -9.56
C PRO C 120 30.30 -20.89 -8.83
N ASP C 121 30.39 -20.83 -7.49
CA ASP C 121 30.40 -21.99 -6.54
C ASP C 121 31.73 -22.68 -6.31
N THR C 122 32.75 -22.37 -7.09
CA THR C 122 33.97 -23.12 -7.01
C THR C 122 34.70 -22.70 -5.76
N ILE C 123 34.91 -21.40 -5.53
CA ILE C 123 35.59 -20.92 -4.32
C ILE C 123 34.83 -21.43 -3.08
N GLY C 124 33.52 -21.22 -3.05
CA GLY C 124 32.68 -21.67 -1.99
C GLY C 124 32.99 -23.09 -1.58
N ASN C 125 33.02 -23.98 -2.57
CA ASN C 125 33.34 -25.39 -2.37
C ASN C 125 34.77 -25.55 -1.84
N LEU C 126 35.73 -24.88 -2.47
CA LEU C 126 37.09 -24.95 -2.02
C LEU C 126 37.27 -24.67 -0.49
N VAL C 127 36.39 -23.83 0.05
CA VAL C 127 36.53 -23.38 1.41
C VAL C 127 35.75 -24.32 2.34
N THR C 128 34.54 -24.69 1.94
CA THR C 128 33.70 -25.56 2.76
C THR C 128 33.64 -27.00 2.28
N ALA C 129 34.74 -27.52 1.76
CA ALA C 129 34.77 -28.90 1.27
C ALA C 129 35.12 -29.92 2.35
N ASN C 130 34.23 -30.87 2.62
CA ASN C 130 34.47 -31.84 3.68
C ASN C 130 34.83 -33.31 3.30
N ASN C 131 34.09 -33.94 2.40
CA ASN C 131 34.46 -35.33 2.20
C ASN C 131 35.91 -35.33 1.77
N ALA C 132 36.72 -36.14 2.46
CA ALA C 132 38.14 -36.22 2.18
C ALA C 132 38.52 -37.27 1.15
N ASN C 133 38.22 -37.04 -0.12
CA ASN C 133 38.65 -38.04 -1.11
C ASN C 133 38.97 -37.45 -2.48
N CYS C 134 38.63 -36.16 -2.66
CA CYS C 134 38.79 -35.41 -3.91
C CYS C 134 39.85 -34.32 -3.87
N ARG C 135 41.00 -34.55 -3.23
CA ARG C 135 42.03 -33.50 -3.21
C ARG C 135 42.43 -33.19 -4.67
N ASN C 136 42.42 -34.18 -5.57
CA ASN C 136 42.82 -33.92 -6.99
C ASN C 136 41.88 -32.86 -7.66
N VAL C 137 40.57 -33.00 -7.42
CA VAL C 137 39.57 -32.01 -8.00
C VAL C 137 39.78 -30.65 -7.27
N HIS C 138 39.82 -30.69 -5.95
CA HIS C 138 40.28 -29.50 -5.20
C HIS C 138 41.49 -28.81 -5.90
N ASP C 139 42.61 -29.55 -6.03
CA ASP C 139 43.84 -29.03 -6.67
C ASP C 139 43.65 -28.66 -8.14
N MET C 140 42.78 -29.42 -8.77
CA MET C 140 42.46 -29.21 -10.19
C MET C 140 41.68 -27.88 -10.31
N HIS C 141 40.65 -27.71 -9.48
CA HIS C 141 39.86 -26.49 -9.62
C HIS C 141 40.76 -25.26 -9.43
N LYS C 142 41.67 -25.31 -8.46
CA LYS C 142 42.55 -24.17 -8.23
C LYS C 142 43.33 -23.85 -9.50
N GLN C 143 43.81 -24.90 -10.15
CA GLN C 143 44.55 -24.76 -11.42
C GLN C 143 43.65 -24.20 -12.54
N ALA C 144 42.45 -24.77 -12.64
CA ALA C 144 41.41 -24.34 -13.55
C ALA C 144 41.16 -22.85 -13.44
N LEU C 145 40.85 -22.37 -12.23
CA LEU C 145 40.62 -20.96 -11.96
C LEU C 145 41.82 -20.08 -12.27
N SER C 146 43.01 -20.54 -11.84
CA SER C 146 44.25 -19.81 -12.08
C SER C 146 44.50 -19.63 -13.60
N TYR C 147 44.26 -20.72 -14.33
CA TYR C 147 44.42 -20.70 -15.76
C TYR C 147 43.50 -19.65 -16.40
N ALA C 148 42.21 -19.74 -16.09
CA ALA C 148 41.22 -18.84 -16.67
C ALA C 148 41.60 -17.38 -16.38
N ILE C 149 41.98 -17.10 -15.14
CA ILE C 149 42.44 -15.74 -14.83
C ILE C 149 43.67 -15.31 -15.64
N SER C 150 44.62 -16.24 -15.86
CA SER C 150 45.87 -16.00 -16.62
C SER C 150 45.64 -15.59 -18.07
N LYS C 151 44.59 -16.14 -18.65
CA LYS C 151 44.12 -15.71 -19.96
C LYS C 151 43.22 -14.49 -20.07
N PHE C 152 42.08 -14.47 -19.38
CA PHE C 152 41.10 -13.37 -19.50
C PHE C 152 41.65 -12.15 -18.73
N GLY C 153 42.37 -12.40 -17.63
CA GLY C 153 43.02 -11.34 -16.85
C GLY C 153 44.05 -10.50 -17.57
N THR C 154 44.38 -10.86 -18.82
CA THR C 154 45.39 -10.09 -19.58
C THR C 154 44.76 -9.28 -20.68
N GLN C 155 43.49 -9.53 -21.00
CA GLN C 155 42.83 -8.92 -22.15
C GLN C 155 42.33 -7.54 -21.78
N LYS C 156 42.72 -6.53 -22.53
CA LYS C 156 42.29 -5.14 -22.25
C LYS C 156 40.82 -4.84 -22.46
N ASN C 157 40.12 -5.66 -23.24
CA ASN C 157 38.69 -5.43 -23.50
C ASN C 157 37.83 -6.29 -22.51
N VAL C 158 38.52 -6.94 -21.57
CA VAL C 158 37.85 -7.74 -20.56
C VAL C 158 38.12 -7.23 -19.14
N ARG C 159 37.12 -7.35 -18.28
CA ARG C 159 37.30 -7.09 -16.85
C ARG C 159 36.81 -8.31 -16.07
N VAL C 160 37.73 -8.98 -15.34
CA VAL C 160 37.36 -10.23 -14.67
C VAL C 160 36.87 -10.05 -13.19
N TYR C 161 35.73 -10.66 -12.90
CA TYR C 161 35.27 -10.83 -11.50
C TYR C 161 35.28 -12.29 -11.14
N LEU C 162 36.16 -12.62 -10.20
CA LEU C 162 36.17 -13.97 -9.59
C LEU C 162 34.97 -14.13 -8.68
N ASP C 163 34.25 -15.23 -8.83
CA ASP C 163 33.11 -15.44 -7.95
C ASP C 163 33.52 -15.97 -6.61
N ALA C 164 33.02 -15.32 -5.56
CA ALA C 164 33.28 -15.75 -4.14
C ALA C 164 32.04 -15.98 -3.26
N ALA C 165 31.14 -16.81 -3.75
CA ALA C 165 29.92 -17.23 -3.03
C ALA C 165 29.05 -16.08 -2.59
N HIS C 166 28.63 -16.22 -1.35
CA HIS C 166 27.83 -15.21 -0.68
C HIS C 166 28.00 -15.20 0.85
N GLY C 167 27.49 -14.15 1.46
CA GLY C 167 27.64 -13.95 2.91
C GLY C 167 27.14 -15.08 3.79
N GLY C 168 25.95 -15.61 3.50
CA GLY C 168 25.42 -16.76 4.18
C GLY C 168 26.29 -17.99 4.11
N TRP C 169 27.25 -18.00 3.19
CA TRP C 169 28.07 -19.18 2.94
C TRP C 169 29.47 -18.99 3.55
N LEU C 170 30.08 -17.83 3.37
CA LEU C 170 31.51 -17.64 3.61
C LEU C 170 31.82 -16.44 4.52
N ASN C 171 30.83 -15.65 4.91
CA ASN C 171 31.16 -14.49 5.76
C ASN C 171 31.89 -14.88 7.05
N SER C 172 31.52 -16.03 7.62
CA SER C 172 32.26 -16.48 8.77
C SER C 172 33.62 -17.17 8.46
N SER C 173 34.08 -17.10 7.19
CA SER C 173 35.33 -17.74 6.71
C SER C 173 36.04 -16.82 5.76
N ALA C 174 35.97 -15.55 5.99
CA ALA C 174 36.58 -14.63 5.08
C ALA C 174 38.07 -14.81 4.97
N ASP C 175 38.74 -15.14 6.05
CA ASP C 175 40.18 -15.31 6.00
C ASP C 175 40.62 -16.47 5.17
N ARG C 176 39.94 -17.59 5.30
CA ARG C 176 40.21 -18.81 4.55
C ARG C 176 39.92 -18.59 3.08
N THR C 177 38.82 -17.91 2.82
CA THR C 177 38.44 -17.46 1.49
C THR C 177 39.51 -16.57 0.85
N ALA C 178 39.98 -15.54 1.57
CA ALA C 178 41.06 -14.71 1.09
C ALA C 178 42.34 -15.52 0.85
N GLU C 179 42.61 -16.50 1.70
CA GLU C 179 43.78 -17.33 1.57
C GLU C 179 43.72 -18.03 0.20
N VAL C 180 42.59 -18.65 -0.10
CA VAL C 180 42.38 -19.37 -1.36
C VAL C 180 42.51 -18.43 -2.59
N ILE C 181 41.75 -17.33 -2.59
CA ILE C 181 41.84 -16.30 -3.61
C ILE C 181 43.28 -15.86 -3.82
N ALA C 182 44.00 -15.56 -2.74
CA ALA C 182 45.38 -15.04 -2.87
C ALA C 182 46.30 -16.06 -3.50
N GLU C 183 46.12 -17.33 -3.18
CA GLU C 183 46.89 -18.39 -3.83
C GLU C 183 46.61 -18.54 -5.35
N ILE C 184 45.32 -18.56 -5.71
CA ILE C 184 44.87 -18.57 -7.08
C ILE C 184 45.49 -17.43 -7.91
N LEU C 185 45.47 -16.21 -7.37
CA LEU C 185 46.02 -15.07 -8.06
C LEU C 185 47.55 -15.14 -8.22
N ARG C 186 48.19 -15.81 -7.29
CA ARG C 186 49.61 -15.99 -7.32
C ARG C 186 50.01 -16.82 -8.55
N ASN C 187 49.20 -17.83 -8.84
CA ASN C 187 49.43 -18.75 -9.96
C ASN C 187 48.81 -18.35 -11.30
N ALA C 188 48.42 -17.08 -11.42
CA ALA C 188 47.65 -16.67 -12.59
C ALA C 188 48.48 -15.87 -13.62
N GLY C 189 49.81 -16.09 -13.61
CA GLY C 189 50.75 -15.40 -14.50
C GLY C 189 50.56 -13.91 -14.36
N ASN C 190 50.31 -13.24 -15.47
CA ASN C 190 50.12 -11.79 -15.47
C ASN C 190 48.67 -11.35 -15.49
N GLY C 191 47.76 -12.29 -15.19
CA GLY C 191 46.31 -12.03 -15.16
C GLY C 191 45.96 -11.25 -13.90
N LYS C 192 45.18 -10.20 -14.07
CA LYS C 192 44.63 -9.37 -13.01
C LYS C 192 43.09 -9.52 -12.99
N ILE C 193 42.50 -9.56 -11.80
CA ILE C 193 41.06 -9.44 -11.66
C ILE C 193 40.69 -7.99 -11.31
N ARG C 194 39.53 -7.56 -11.75
CA ARG C 194 38.96 -6.28 -11.32
C ARG C 194 38.40 -6.42 -9.89
N GLY C 195 37.77 -7.57 -9.62
CA GLY C 195 37.23 -7.83 -8.29
C GLY C 195 36.54 -9.16 -8.14
N ILE C 196 35.52 -9.15 -7.30
CA ILE C 196 34.82 -10.33 -6.84
C ILE C 196 33.32 -10.12 -7.12
N SER C 197 32.66 -11.19 -7.52
CA SER C 197 31.20 -11.24 -7.61
C SER C 197 30.65 -12.09 -6.44
N THR C 198 29.53 -11.64 -5.88
CA THR C 198 28.88 -12.43 -4.84
C THR C 198 27.39 -12.59 -5.09
N ASN C 199 26.79 -13.51 -4.33
CA ASN C 199 25.34 -13.69 -4.30
C ASN C 199 24.83 -14.27 -5.59
N VAL C 200 25.71 -14.95 -6.33
CA VAL C 200 25.36 -15.43 -7.67
C VAL C 200 24.44 -16.62 -7.48
N SER C 201 23.23 -16.50 -8.03
CA SER C 201 22.16 -17.50 -7.93
C SER C 201 21.66 -17.64 -6.49
N ASN C 202 21.93 -16.65 -5.66
CA ASN C 202 21.38 -16.67 -4.35
C ASN C 202 20.54 -15.41 -3.94
N TYR C 203 20.00 -15.45 -2.73
CA TYR C 203 18.93 -14.51 -2.39
C TYR C 203 19.26 -13.53 -1.33
N GLN C 204 20.55 -13.35 -1.03
CA GLN C 204 20.98 -12.49 0.05
C GLN C 204 20.66 -11.03 -0.21
N PRO C 205 20.21 -10.29 0.83
CA PRO C 205 20.02 -8.79 0.71
C PRO C 205 21.33 -8.05 0.43
N VAL C 206 21.23 -6.92 -0.23
CA VAL C 206 22.42 -6.11 -0.59
C VAL C 206 23.09 -5.64 0.69
N TYR C 207 22.27 -5.29 1.69
CA TYR C 207 22.76 -4.89 3.01
C TYR C 207 23.80 -5.92 3.59
N SER C 208 23.43 -7.20 3.70
CA SER C 208 24.36 -8.17 4.29
C SER C 208 25.51 -8.55 3.36
N GLU C 209 25.21 -8.58 2.07
CA GLU C 209 26.25 -8.83 1.07
C GLU C 209 27.38 -7.78 1.11
N TYR C 210 27.01 -6.51 1.28
CA TYR C 210 28.03 -5.48 1.40
C TYR C 210 28.90 -5.62 2.64
N GLN C 211 28.27 -6.06 3.72
CA GLN C 211 28.98 -6.32 4.96
C GLN C 211 29.98 -7.46 4.69
N TYR C 212 29.54 -8.46 3.93
CA TYR C 212 30.40 -9.57 3.57
C TYR C 212 31.55 -9.05 2.71
N HIS C 213 31.25 -8.23 1.68
CA HIS C 213 32.31 -7.59 0.86
C HIS C 213 33.39 -6.90 1.71
N GLN C 214 32.96 -6.12 2.73
CA GLN C 214 33.89 -5.39 3.62
C GLN C 214 34.77 -6.36 4.37
N ASN C 215 34.19 -7.47 4.79
CA ASN C 215 34.93 -8.46 5.54
C ASN C 215 35.96 -9.15 4.63
N LEU C 216 35.47 -9.63 3.51
CA LEU C 216 36.31 -10.20 2.46
C LEU C 216 37.39 -9.23 1.97
N ASN C 217 37.02 -7.97 1.78
CA ASN C 217 38.02 -7.00 1.40
C ASN C 217 39.19 -6.85 2.37
N ARG C 218 38.88 -6.73 3.67
CA ARG C 218 39.88 -6.55 4.69
C ARG C 218 40.78 -7.81 4.74
N ALA C 219 40.17 -8.99 4.66
CA ALA C 219 40.94 -10.21 4.63
C ALA C 219 41.88 -10.28 3.43
N LEU C 220 41.37 -9.92 2.23
CA LEU C 220 42.20 -9.83 1.01
C LEU C 220 43.34 -8.80 1.10
N GLU C 221 43.03 -7.59 1.59
CA GLU C 221 44.05 -6.56 1.84
C GLU C 221 45.21 -7.06 2.73
N SER C 222 44.89 -7.82 3.76
CA SER C 222 45.89 -8.31 4.70
C SER C 222 46.77 -9.43 4.11
N ARG C 223 46.43 -9.89 2.91
CA ARG C 223 47.25 -10.87 2.21
C ARG C 223 47.78 -10.30 0.89
N GLY C 224 47.83 -8.96 0.79
CA GLY C 224 48.47 -8.30 -0.33
C GLY C 224 47.64 -8.09 -1.58
N VAL C 225 46.37 -8.56 -1.55
CA VAL C 225 45.41 -8.36 -2.65
C VAL C 225 44.61 -7.06 -2.45
N ARG C 226 45.01 -6.01 -3.17
CA ARG C 226 44.46 -4.67 -2.96
C ARG C 226 43.61 -4.16 -4.14
N GLY C 227 42.77 -3.15 -3.85
CA GLY C 227 41.93 -2.50 -4.84
C GLY C 227 40.74 -3.29 -5.39
N MET C 228 40.41 -4.44 -4.79
CA MET C 228 39.25 -5.24 -5.23
C MET C 228 37.94 -4.43 -5.21
N LYS C 229 37.16 -4.60 -6.25
CA LYS C 229 35.82 -4.04 -6.32
C LYS C 229 34.82 -5.22 -6.32
N PHE C 230 33.53 -4.96 -6.24
CA PHE C 230 32.58 -6.05 -6.04
C PHE C 230 31.33 -5.83 -6.89
N ILE C 231 30.74 -6.94 -7.32
CA ILE C 231 29.47 -6.85 -7.97
C ILE C 231 28.62 -7.87 -7.24
N VAL C 232 27.31 -7.62 -7.23
CA VAL C 232 26.41 -8.43 -6.44
C VAL C 232 25.20 -8.80 -7.28
N ASP C 233 24.87 -10.10 -7.27
CA ASP C 233 23.73 -10.53 -8.06
C ASP C 233 22.44 -10.10 -7.40
N THR C 234 21.71 -9.20 -8.02
CA THR C 234 20.40 -8.77 -7.49
C THR C 234 19.18 -9.35 -8.29
N SER C 235 19.39 -10.41 -9.06
CA SER C 235 18.32 -10.95 -9.84
C SER C 235 17.15 -11.48 -9.05
N ARG C 236 17.39 -12.03 -7.85
CA ARG C 236 16.34 -12.71 -7.09
C ARG C 236 16.41 -12.40 -5.62
N ASN C 237 16.87 -11.20 -5.29
CA ASN C 237 17.02 -10.86 -3.88
C ASN C 237 16.16 -9.70 -3.40
N GLY C 238 14.98 -9.58 -3.99
CA GLY C 238 14.04 -8.57 -3.57
C GLY C 238 13.44 -8.79 -2.20
N ARG C 239 13.34 -10.03 -1.71
CA ARG C 239 12.75 -10.30 -0.44
C ARG C 239 13.73 -11.15 0.30
N ASN C 240 13.83 -10.97 1.63
CA ASN C 240 14.75 -11.77 2.47
C ASN C 240 14.40 -13.28 2.35
N PRO C 241 15.41 -14.15 2.20
CA PRO C 241 15.14 -15.57 2.11
C PRO C 241 14.63 -16.14 3.43
N SER C 242 13.65 -17.04 3.32
CA SER C 242 13.10 -17.69 4.49
C SER C 242 14.05 -18.75 5.10
N SER C 243 14.97 -19.33 4.31
CA SER C 243 16.01 -20.30 4.82
C SER C 243 17.21 -20.35 3.88
N ALA C 244 18.16 -21.25 4.16
CA ALA C 244 19.33 -21.49 3.30
C ALA C 244 19.02 -22.38 2.06
N THR C 245 17.74 -22.65 1.78
CA THR C 245 17.38 -23.36 0.56
C THR C 245 17.84 -22.56 -0.69
N TRP C 246 18.64 -23.19 -1.55
CA TRP C 246 19.28 -22.45 -2.64
C TRP C 246 18.46 -22.70 -3.92
N CYS C 247 17.82 -23.87 -3.97
CA CYS C 247 17.20 -24.37 -5.18
C CYS C 247 15.78 -23.81 -5.21
N ASN C 248 15.52 -22.90 -6.16
CA ASN C 248 14.14 -22.47 -6.56
C ASN C 248 13.31 -22.00 -5.35
N LEU C 249 13.86 -21.04 -4.63
CA LEU C 249 13.30 -20.61 -3.38
C LEU C 249 11.97 -19.91 -3.55
N LYS C 250 10.97 -20.38 -2.82
CA LYS C 250 9.60 -19.82 -2.83
C LYS C 250 9.64 -18.47 -2.17
N GLY C 251 8.72 -17.57 -2.57
CA GLY C 251 8.73 -16.21 -2.00
C GLY C 251 9.86 -15.26 -2.43
N ALA C 252 10.79 -15.70 -3.28
CA ALA C 252 11.84 -14.82 -3.81
C ALA C 252 11.19 -13.77 -4.71
N GLY C 253 11.81 -12.60 -4.82
CA GLY C 253 11.33 -11.55 -5.73
C GLY C 253 12.48 -10.96 -6.52
N LEU C 254 12.18 -10.44 -7.72
CA LEU C 254 13.20 -9.68 -8.49
C LEU C 254 13.79 -8.58 -7.61
N GLY C 255 15.09 -8.36 -7.64
CA GLY C 255 15.68 -7.32 -6.81
C GLY C 255 15.98 -6.10 -7.66
N ALA C 256 16.88 -5.25 -7.21
CA ALA C 256 17.14 -3.98 -7.87
C ALA C 256 17.55 -4.18 -9.33
N ARG C 257 17.17 -3.27 -10.21
CA ARG C 257 17.55 -3.39 -11.62
C ARG C 257 19.06 -3.12 -11.77
N PRO C 258 19.72 -3.80 -12.70
CA PRO C 258 21.14 -3.58 -12.86
C PRO C 258 21.46 -2.04 -12.96
N GLN C 259 22.53 -1.64 -12.27
CA GLN C 259 23.00 -0.26 -12.24
C GLN C 259 24.47 -0.23 -11.80
N ALA C 260 25.18 0.83 -12.20
CA ALA C 260 26.60 0.99 -11.86
C ALA C 260 26.79 2.04 -10.77
N ASN C 261 27.57 1.71 -9.74
CA ASN C 261 27.81 2.63 -8.60
C ASN C 261 26.51 3.02 -7.89
N PRO C 262 25.77 2.01 -7.40
CA PRO C 262 24.40 2.33 -7.02
C PRO C 262 24.28 3.06 -5.69
N ASP C 263 25.34 3.10 -4.89
CA ASP C 263 25.27 3.72 -3.57
C ASP C 263 26.63 4.31 -3.14
N PRO C 264 26.66 5.65 -2.92
CA PRO C 264 27.96 6.31 -2.53
C PRO C 264 28.41 5.86 -1.14
N ASN C 265 27.47 5.36 -0.33
CA ASN C 265 27.80 4.70 0.97
C ASN C 265 28.35 3.30 0.81
N MET C 266 28.33 2.76 -0.42
CA MET C 266 28.93 1.44 -0.73
C MET C 266 29.99 1.60 -1.81
N PRO C 267 31.14 2.20 -1.42
CA PRO C 267 32.16 2.57 -2.41
C PRO C 267 32.99 1.41 -2.98
N LEU C 268 32.96 0.25 -2.31
CA LEU C 268 33.70 -0.93 -2.77
C LEU C 268 32.89 -1.73 -3.78
N LEU C 269 31.62 -1.37 -3.92
CA LEU C 269 30.74 -2.06 -4.86
C LEU C 269 30.75 -1.39 -6.23
N ASP C 270 30.91 -2.20 -7.27
CA ASP C 270 31.00 -1.70 -8.63
C ASP C 270 29.62 -1.60 -9.25
N ALA C 271 28.80 -2.62 -9.04
CA ALA C 271 27.45 -2.61 -9.62
C ALA C 271 26.54 -3.75 -9.18
N TYR C 272 25.24 -3.45 -9.21
CA TYR C 272 24.20 -4.46 -9.13
C TYR C 272 24.09 -5.07 -10.52
N VAL C 273 24.11 -6.40 -10.59
CA VAL C 273 24.09 -7.07 -11.90
C VAL C 273 23.08 -8.22 -11.78
N TRP C 274 22.31 -8.53 -12.84
CA TRP C 274 21.50 -9.74 -12.83
C TRP C 274 22.38 -10.88 -13.40
N ILE C 275 23.01 -11.66 -12.50
CA ILE C 275 23.90 -12.69 -12.96
C ILE C 275 23.16 -14.01 -13.24
N LYS C 276 22.45 -14.56 -12.26
CA LYS C 276 21.60 -15.71 -12.48
C LYS C 276 20.41 -15.24 -13.33
N THR C 277 19.92 -16.12 -14.19
CA THR C 277 18.84 -15.66 -15.06
C THR C 277 17.55 -15.85 -14.33
N PRO C 278 16.90 -14.77 -13.97
CA PRO C 278 15.63 -14.84 -13.23
C PRO C 278 14.54 -15.52 -14.03
N GLY C 279 14.01 -16.65 -13.54
CA GLY C 279 13.06 -17.48 -14.33
C GLY C 279 13.61 -18.84 -14.80
N GLU C 280 14.96 -18.98 -14.87
CA GLU C 280 15.62 -20.26 -15.17
C GLU C 280 15.68 -21.14 -13.93
N SER C 281 15.25 -22.40 -14.07
CA SER C 281 15.30 -23.28 -12.93
C SER C 281 16.75 -23.45 -12.43
N ASP C 282 16.87 -23.72 -11.12
CA ASP C 282 18.16 -23.93 -10.49
C ASP C 282 18.55 -25.35 -10.64
N SER C 283 17.51 -26.17 -10.74
CA SER C 283 17.57 -27.62 -10.84
C SER C 283 16.15 -28.20 -10.98
N ALA C 284 16.04 -29.41 -11.52
CA ALA C 284 14.74 -30.12 -11.64
C ALA C 284 14.39 -30.58 -10.26
N SER C 285 13.14 -30.46 -9.91
CA SER C 285 12.66 -30.90 -8.57
C SER C 285 13.07 -32.37 -8.22
N SER C 286 13.24 -33.23 -9.24
CA SER C 286 13.61 -34.61 -9.00
C SER C 286 15.14 -34.83 -8.95
N ALA C 287 15.95 -33.79 -9.07
CA ALA C 287 17.37 -34.01 -9.39
C ALA C 287 18.26 -34.06 -8.15
N ASP C 288 17.75 -33.53 -7.05
CA ASP C 288 18.49 -33.34 -5.82
C ASP C 288 17.44 -33.14 -4.72
N PRO C 289 17.57 -33.87 -3.57
CA PRO C 289 16.65 -33.80 -2.41
C PRO C 289 16.42 -32.38 -1.90
N VAL C 290 17.46 -31.54 -1.96
CA VAL C 290 17.32 -30.13 -1.55
C VAL C 290 16.25 -29.37 -2.38
N CYS C 291 16.07 -29.78 -3.67
CA CYS C 291 15.02 -29.23 -4.53
C CYS C 291 13.62 -29.64 -4.10
N ARG C 292 13.54 -30.54 -3.16
CA ARG C 292 12.24 -30.95 -2.65
C ARG C 292 11.98 -30.37 -1.26
N ASN C 293 12.80 -29.43 -0.77
CA ASN C 293 12.54 -28.75 0.53
C ASN C 293 11.18 -28.09 0.53
N SER C 294 10.69 -27.85 1.72
CA SER C 294 9.31 -27.34 1.85
C SER C 294 9.21 -25.92 1.23
N ASP C 295 10.29 -25.14 1.26
CA ASP C 295 10.28 -23.78 0.68
C ASP C 295 10.95 -23.66 -0.77
N SER C 296 11.00 -24.80 -1.48
CA SER C 296 11.42 -24.87 -2.82
C SER C 296 10.17 -25.08 -3.69
N LEU C 297 10.04 -24.30 -4.76
CA LEU C 297 8.89 -24.40 -5.66
C LEU C 297 8.97 -25.66 -6.49
N GLN C 298 7.90 -26.45 -6.46
CA GLN C 298 7.86 -27.75 -7.18
C GLN C 298 7.49 -27.70 -8.66
N GLY C 299 7.86 -28.74 -9.43
CA GLY C 299 7.49 -28.72 -10.85
C GLY C 299 8.55 -28.01 -11.68
N ALA C 300 9.77 -27.95 -11.14
CA ALA C 300 10.87 -27.24 -11.73
C ALA C 300 11.39 -28.12 -12.83
N PRO C 301 11.51 -27.57 -14.06
CA PRO C 301 12.22 -28.26 -15.15
C PRO C 301 13.76 -28.35 -14.85
N ALA C 302 14.54 -28.90 -15.78
CA ALA C 302 15.96 -29.07 -15.52
C ALA C 302 16.63 -27.71 -15.41
N ALA C 303 17.83 -27.75 -14.81
CA ALA C 303 18.66 -26.56 -14.59
C ALA C 303 18.84 -25.84 -15.89
N GLY C 304 18.60 -24.54 -15.87
CA GLY C 304 18.82 -23.78 -17.05
C GLY C 304 17.54 -23.59 -17.80
N SER C 305 16.55 -24.47 -17.66
CA SER C 305 15.30 -24.29 -18.42
C SER C 305 14.34 -23.27 -17.85
N TRP C 306 13.57 -22.64 -18.73
CA TRP C 306 12.58 -21.66 -18.34
C TRP C 306 11.56 -22.30 -17.46
N PHE C 307 11.34 -21.70 -16.30
CA PHE C 307 10.40 -22.14 -15.31
C PHE C 307 9.34 -21.00 -15.19
N HIS C 308 8.36 -21.01 -16.09
CA HIS C 308 7.30 -20.00 -16.08
C HIS C 308 6.66 -19.66 -14.73
N ASP C 309 6.20 -20.65 -13.96
CA ASP C 309 5.58 -20.34 -12.61
C ASP C 309 6.48 -19.53 -11.69
N TYR C 310 7.78 -19.89 -11.68
CA TYR C 310 8.77 -19.25 -10.87
C TYR C 310 8.95 -17.81 -11.26
N PHE C 311 9.09 -17.56 -12.58
CA PHE C 311 9.24 -16.21 -13.12
C PHE C 311 8.07 -15.35 -12.70
N VAL C 312 6.82 -15.85 -12.79
CA VAL C 312 5.65 -15.14 -12.34
C VAL C 312 5.84 -14.77 -10.85
N MET C 313 6.13 -15.74 -10.00
CA MET C 313 6.32 -15.44 -8.59
C MET C 313 7.37 -14.30 -8.43
N LEU C 314 8.50 -14.37 -9.18
CA LEU C 314 9.52 -13.32 -9.13
C LEU C 314 8.94 -11.96 -9.53
N LEU C 315 8.01 -11.97 -10.47
CA LEU C 315 7.36 -10.74 -10.93
C LEU C 315 6.44 -10.13 -9.88
N GLU C 316 5.69 -11.00 -9.19
CA GLU C 316 4.75 -10.53 -8.18
C GLU C 316 5.49 -10.01 -6.99
N ASN C 317 6.59 -10.66 -6.64
CA ASN C 317 7.33 -10.30 -5.42
C ASN C 317 8.41 -9.25 -5.59
N ALA C 318 8.52 -8.68 -6.80
CA ALA C 318 9.55 -7.71 -7.16
C ALA C 318 9.70 -6.61 -6.15
N ASN C 319 10.94 -6.29 -5.82
CA ASN C 319 11.21 -5.22 -4.89
C ASN C 319 12.57 -4.61 -5.20
N PRO C 320 12.66 -3.35 -5.64
CA PRO C 320 11.55 -2.35 -5.82
C PRO C 320 10.42 -2.81 -6.71
N PRO C 321 9.19 -2.39 -6.37
CA PRO C 321 7.94 -2.67 -7.07
C PRO C 321 7.75 -1.82 -8.33
N PHE C 322 6.78 -2.17 -9.17
CA PHE C 322 6.58 -1.42 -10.44
C PHE C 322 5.80 -0.08 -10.33
N THR D 1 -12.92 35.50 -21.29
CA THR D 1 -13.32 34.74 -22.48
C THR D 1 -13.84 33.37 -22.12
N SER D 2 -13.10 32.61 -21.34
CA SER D 2 -13.67 31.39 -20.76
C SER D 2 -14.73 31.79 -19.75
N ASP D 3 -15.90 31.16 -19.82
CA ASP D 3 -16.90 31.35 -18.77
C ASP D 3 -16.70 30.44 -17.53
N ASN D 4 -15.66 29.58 -17.60
CA ASN D 4 -15.21 28.75 -16.49
C ASN D 4 -14.00 29.40 -15.83
N PHE D 5 -14.26 30.19 -14.77
CA PHE D 5 -13.21 30.98 -14.13
C PHE D 5 -12.20 30.10 -13.40
N PHE D 6 -12.53 28.81 -13.25
CA PHE D 6 -11.57 27.89 -12.61
C PHE D 6 -10.44 27.46 -13.55
N GLU D 7 -10.56 27.75 -14.85
CA GLU D 7 -9.46 27.48 -15.79
C GLU D 7 -8.29 28.42 -15.57
N ASN D 8 -8.56 29.64 -15.09
CA ASN D 8 -7.55 30.52 -14.50
C ASN D 8 -6.91 29.93 -13.18
N GLU D 9 -5.71 30.38 -12.82
CA GLU D 9 -5.06 30.02 -11.57
C GLU D 9 -5.89 30.53 -10.40
N LEU D 10 -5.91 29.76 -9.30
CA LEU D 10 -6.80 30.05 -8.20
C LEU D 10 -6.09 30.73 -7.06
N TYR D 11 -6.83 31.62 -6.38
CA TYR D 11 -6.32 32.41 -5.29
C TYR D 11 -6.36 31.64 -3.95
N SER D 12 -5.19 31.55 -3.31
CA SER D 12 -4.99 31.00 -1.97
C SER D 12 -4.95 32.15 -0.97
N ASN D 13 -5.83 32.16 0.02
CA ASN D 13 -6.01 33.39 0.83
C ASN D 13 -5.28 33.29 2.15
N TYR D 14 -4.90 34.48 2.66
CA TYR D 14 -4.27 34.67 3.96
C TYR D 14 -4.99 34.00 5.11
N LYS D 15 -6.31 33.80 5.04
CA LYS D 15 -7.05 33.40 6.24
C LYS D 15 -6.79 31.93 6.46
N PHE D 16 -6.98 31.16 5.40
CA PHE D 16 -6.74 29.72 5.44
C PHE D 16 -5.23 29.44 5.71
N GLN D 17 -4.36 30.18 5.01
CA GLN D 17 -2.92 30.06 5.29
C GLN D 17 -2.62 30.18 6.77
N GLY D 18 -3.18 31.20 7.45
CA GLY D 18 -2.95 31.36 8.87
C GLY D 18 -3.59 30.27 9.69
N GLU D 19 -4.72 29.73 9.21
CA GLU D 19 -5.42 28.65 9.92
C GLU D 19 -4.54 27.40 9.91
N VAL D 20 -3.96 27.12 8.74
CA VAL D 20 -3.10 25.94 8.61
C VAL D 20 -1.76 26.09 9.36
N ASP D 21 -1.25 27.33 9.45
CA ASP D 21 -0.06 27.67 10.29
C ASP D 21 -0.28 27.30 11.74
N GLN D 22 -1.47 27.59 12.29
CA GLN D 22 -1.80 27.18 13.66
C GLN D 22 -1.54 25.67 13.82
N SER D 23 -1.95 24.86 12.82
CA SER D 23 -1.73 23.39 12.80
C SER D 23 -0.26 22.93 12.61
N ILE D 24 0.38 23.46 11.57
CA ILE D 24 1.83 23.33 11.41
C ILE D 24 2.63 23.52 12.72
N GLN D 25 2.43 24.54 13.48
CA GLN D 25 3.16 24.66 14.69
C GLN D 25 2.89 23.53 15.66
N ARG D 26 1.74 22.94 15.63
CA ARG D 26 1.49 21.86 16.53
C ARG D 26 1.97 20.52 16.05
N LEU D 27 2.52 20.45 14.85
CA LEU D 27 2.91 19.20 14.27
C LEU D 27 4.34 19.10 13.77
N SER D 28 4.85 17.86 13.73
CA SER D 28 6.21 17.53 13.31
C SER D 28 6.31 16.47 12.23
N GLY D 29 7.31 16.63 11.38
CA GLY D 29 7.55 15.63 10.39
C GLY D 29 6.58 15.31 9.34
N SER D 30 6.10 14.06 9.32
CA SER D 30 5.26 13.64 8.22
C SER D 30 3.98 14.41 8.07
N LEU D 31 3.21 14.55 9.11
CA LEU D 31 2.00 15.34 9.06
C LEU D 31 2.33 16.80 8.92
N GLN D 32 3.32 17.27 9.66
CA GLN D 32 3.73 18.66 9.50
C GLN D 32 4.06 18.95 8.03
N GLU D 33 4.65 17.96 7.37
CA GLU D 33 5.00 18.08 5.96
C GLU D 33 3.73 18.15 5.12
N LYS D 34 2.81 17.22 5.36
CA LYS D 34 1.54 17.19 4.64
C LYS D 34 0.80 18.51 4.84
N ALA D 35 0.74 18.97 6.08
CA ALA D 35 0.09 20.23 6.40
C ALA D 35 0.71 21.36 5.59
N LYS D 36 1.96 21.44 5.54
CA LYS D 36 2.61 22.49 4.80
C LYS D 36 2.26 22.47 3.33
N LYS D 37 1.88 21.30 2.74
CA LYS D 37 1.39 21.27 1.35
C LYS D 37 -0.11 21.73 1.22
N VAL D 38 -0.91 21.44 2.25
CA VAL D 38 -2.29 21.82 2.30
C VAL D 38 -2.42 23.36 2.39
N LYS D 39 -1.47 23.99 3.07
CA LYS D 39 -1.47 25.43 3.32
C LYS D 39 -1.75 26.25 2.04
N TYR D 40 -1.14 25.86 0.90
CA TYR D 40 -1.28 26.64 -0.33
C TYR D 40 -2.34 26.19 -1.29
N VAL D 41 -3.09 25.16 -0.91
CA VAL D 41 -4.24 24.71 -1.70
C VAL D 41 -5.40 25.75 -1.58
N PRO D 42 -5.80 26.37 -2.71
CA PRO D 42 -6.91 27.37 -2.71
C PRO D 42 -8.22 26.89 -2.05
N THR D 43 -8.72 27.67 -1.12
CA THR D 43 -10.02 27.45 -0.48
C THR D 43 -10.91 28.68 -0.71
N ALA D 44 -12.22 28.46 -0.80
CA ALA D 44 -13.18 29.60 -0.91
C ALA D 44 -13.11 30.48 0.35
N ALA D 45 -13.28 31.79 0.14
CA ALA D 45 -13.42 32.75 1.26
C ALA D 45 -14.93 33.02 1.58
N TRP D 46 -15.32 32.79 2.85
CA TRP D 46 -16.70 32.86 3.27
C TRP D 46 -17.12 34.23 3.79
N LEU D 47 -18.18 34.83 3.18
CA LEU D 47 -18.81 36.09 3.66
C LEU D 47 -19.95 35.69 4.59
N ALA D 48 -19.67 35.52 5.87
CA ALA D 48 -20.62 34.87 6.77
C ALA D 48 -21.08 35.60 8.02
N TRP D 49 -21.01 36.93 8.00
CA TRP D 49 -21.55 37.79 9.06
C TRP D 49 -21.62 39.19 8.48
N SER D 50 -22.34 40.10 9.16
CA SER D 50 -22.56 41.50 8.67
C SER D 50 -21.27 42.31 8.35
N GLY D 51 -20.19 42.06 9.13
CA GLY D 51 -18.88 42.71 8.89
C GLY D 51 -18.14 42.35 7.63
N ALA D 52 -18.48 41.18 7.03
CA ALA D 52 -17.80 40.63 5.89
C ALA D 52 -17.76 41.56 4.69
N THR D 53 -18.72 42.49 4.59
CA THR D 53 -18.67 43.48 3.52
C THR D 53 -17.32 44.24 3.48
N ASN D 54 -16.70 44.42 4.67
CA ASN D 54 -15.34 45.04 4.76
C ASN D 54 -14.18 44.12 4.35
N GLU D 55 -14.41 42.80 4.41
CA GLU D 55 -13.40 41.85 4.02
C GLU D 55 -13.17 41.77 2.53
N VAL D 56 -14.16 42.12 1.74
CA VAL D 56 -14.12 41.87 0.29
C VAL D 56 -12.94 42.52 -0.39
N ALA D 57 -12.67 43.79 -0.06
CA ALA D 57 -11.61 44.55 -0.76
C ALA D 57 -10.21 43.95 -0.51
N ARG D 58 -9.94 43.54 0.72
CA ARG D 58 -8.65 42.91 1.03
C ARG D 58 -8.36 41.69 0.14
N TYR D 59 -9.29 40.73 0.09
CA TYR D 59 -9.19 39.56 -0.76
C TYR D 59 -8.90 40.00 -2.19
N LEU D 60 -9.69 40.92 -2.73
CA LEU D 60 -9.55 41.28 -4.14
C LEU D 60 -8.21 41.93 -4.44
N ASN D 61 -7.67 42.71 -3.49
CA ASN D 61 -6.34 43.35 -3.62
C ASN D 61 -5.24 42.30 -3.64
N GLU D 62 -5.30 41.35 -2.70
CA GLU D 62 -4.25 40.35 -2.55
C GLU D 62 -4.27 39.22 -3.61
N ALA D 63 -5.29 39.23 -4.47
CA ALA D 63 -5.50 38.13 -5.40
C ALA D 63 -4.96 38.45 -6.79
N GLY D 64 -4.90 39.74 -7.11
CA GLY D 64 -4.51 40.15 -8.45
C GLY D 64 -5.42 39.53 -9.50
N SER D 65 -4.80 38.84 -10.45
CA SER D 65 -5.56 38.25 -11.57
C SER D 65 -6.04 36.79 -11.32
N LYS D 66 -5.77 36.27 -10.12
CA LYS D 66 -6.17 34.90 -9.76
C LYS D 66 -7.67 34.86 -9.47
N THR D 67 -8.30 33.70 -9.70
CA THR D 67 -9.74 33.52 -9.43
C THR D 67 -10.03 33.50 -7.92
N VAL D 68 -10.90 34.40 -7.50
CA VAL D 68 -11.33 34.48 -6.12
C VAL D 68 -12.67 33.74 -6.04
N VAL D 69 -12.83 32.90 -5.00
CA VAL D 69 -14.09 32.20 -4.83
C VAL D 69 -14.65 32.68 -3.53
N PHE D 70 -15.80 33.36 -3.61
CA PHE D 70 -16.52 33.86 -2.44
C PHE D 70 -17.71 32.96 -2.19
N VAL D 71 -18.10 32.84 -0.92
CA VAL D 71 -19.32 32.16 -0.57
C VAL D 71 -20.18 33.16 0.16
N LEU D 72 -21.27 33.60 -0.47
CA LEU D 72 -22.20 34.51 0.16
C LEU D 72 -23.04 33.70 1.10
N TYR D 73 -22.93 33.98 2.39
CA TYR D 73 -23.64 33.26 3.42
C TYR D 73 -24.17 34.19 4.52
N MET D 74 -25.09 35.08 4.15
CA MET D 74 -25.47 36.18 5.04
C MET D 74 -26.97 36.33 5.29
N ILE D 75 -27.77 35.37 4.86
CA ILE D 75 -29.23 35.49 5.01
C ILE D 75 -29.54 35.70 6.46
N PRO D 76 -30.45 36.59 6.79
CA PRO D 76 -30.62 36.97 8.23
C PRO D 76 -31.07 35.90 9.33
N THR D 77 -32.08 35.08 9.07
CA THR D 77 -32.36 34.04 10.03
C THR D 77 -32.87 32.79 9.32
N ARG D 78 -32.47 31.64 9.85
CA ARG D 78 -32.91 30.32 9.34
C ARG D 78 -33.68 29.51 10.39
N ASP D 79 -34.19 30.21 11.38
CA ASP D 79 -34.94 29.56 12.43
C ASP D 79 -36.36 30.07 12.44
N CYS D 80 -37.32 29.16 12.35
CA CYS D 80 -38.74 29.52 12.33
C CYS D 80 -39.54 28.78 13.39
N ASN D 81 -38.98 28.66 14.59
CA ASN D 81 -39.64 27.93 15.67
C ASN D 81 -40.99 28.52 16.06
N ALA D 82 -41.09 29.86 16.09
CA ALA D 82 -42.30 30.58 16.49
C ALA D 82 -42.98 31.30 15.33
N GLY D 83 -44.29 31.55 15.46
CA GLY D 83 -45.04 32.20 14.38
C GLY D 83 -45.13 33.68 14.13
N GLY D 84 -45.70 34.41 15.09
CA GLY D 84 -45.92 35.81 14.98
C GLY D 84 -45.70 36.63 16.25
N SER D 85 -45.09 35.99 17.24
CA SER D 85 -44.86 36.61 18.51
C SER D 85 -43.87 37.76 18.62
N ASN D 86 -42.62 37.37 18.38
CA ASN D 86 -41.42 38.21 18.44
C ASN D 86 -40.58 37.97 17.18
N GLY D 87 -39.64 38.88 16.90
CA GLY D 87 -38.86 38.80 15.68
C GLY D 87 -39.30 39.72 14.56
N GLY D 88 -39.31 41.03 14.84
CA GLY D 88 -39.68 41.99 13.82
C GLY D 88 -38.72 42.99 13.20
N ALA D 89 -38.25 42.68 12.00
CA ALA D 89 -37.37 43.56 11.26
C ALA D 89 -37.40 43.10 9.82
N ASP D 90 -37.00 43.99 8.91
CA ASP D 90 -37.03 43.71 7.51
C ASP D 90 -35.71 43.15 7.12
N ASN D 91 -35.70 41.84 7.09
CA ASN D 91 -34.60 41.07 6.69
C ASN D 91 -34.37 41.22 5.24
N LEU D 92 -35.40 41.22 4.43
CA LEU D 92 -35.15 41.46 3.04
C LEU D 92 -34.32 42.73 2.87
N SER D 93 -34.83 43.86 3.35
CA SER D 93 -34.12 45.14 3.19
C SER D 93 -32.69 45.02 3.75
N THR D 94 -32.55 44.44 4.93
CA THR D 94 -31.22 44.24 5.52
C THR D 94 -30.30 43.46 4.57
N TYR D 95 -30.84 42.41 3.94
CA TYR D 95 -30.08 41.59 3.02
C TYR D 95 -29.65 42.41 1.81
N GLN D 96 -30.60 43.08 1.17
CA GLN D 96 -30.30 43.88 -0.01
C GLN D 96 -29.11 44.80 0.24
N GLY D 97 -29.10 45.41 1.41
CA GLY D 97 -28.00 46.27 1.82
C GLY D 97 -26.65 45.58 1.68
N TYR D 98 -26.51 44.41 2.31
CA TYR D 98 -25.32 43.54 2.20
C TYR D 98 -24.96 43.21 0.74
N VAL D 99 -25.95 42.78 -0.04
CA VAL D 99 -25.70 42.50 -1.45
C VAL D 99 -25.13 43.74 -2.18
N ASN D 100 -25.81 44.90 -1.99
CA ASN D 100 -25.48 46.15 -2.68
C ASN D 100 -24.05 46.56 -2.37
N SER D 101 -23.69 46.45 -1.09
CA SER D 101 -22.35 46.78 -0.63
C SER D 101 -21.30 45.91 -1.36
N ILE D 102 -21.46 44.57 -1.35
CA ILE D 102 -20.51 43.62 -1.96
C ILE D 102 -20.52 43.86 -3.47
N TYR D 103 -21.70 44.06 -4.01
CA TYR D 103 -21.87 44.35 -5.44
C TYR D 103 -21.05 45.58 -5.85
N ASN D 104 -21.09 46.62 -4.99
CA ASN D 104 -20.43 47.90 -5.23
C ASN D 104 -18.93 47.72 -5.18
N THR D 105 -18.41 47.12 -4.09
CA THR D 105 -16.98 46.77 -4.00
C THR D 105 -16.51 46.02 -5.25
N ILE D 106 -17.23 44.96 -5.65
CA ILE D 106 -16.85 44.18 -6.85
C ILE D 106 -16.69 45.03 -8.12
N ASN D 107 -17.47 46.08 -8.25
CA ASN D 107 -17.45 46.94 -9.41
C ASN D 107 -16.16 47.68 -9.61
N GLN D 108 -15.46 47.86 -8.51
CA GLN D 108 -14.19 48.49 -8.48
C GLN D 108 -13.04 47.68 -9.07
N TYR D 109 -13.22 46.40 -9.30
CA TYR D 109 -12.21 45.56 -9.79
C TYR D 109 -12.69 44.91 -11.05
N PRO D 110 -12.80 45.71 -12.10
CA PRO D 110 -13.26 45.14 -13.38
C PRO D 110 -12.31 44.07 -13.96
N ASN D 111 -11.10 43.96 -13.42
CA ASN D 111 -10.13 42.95 -13.93
C ASN D 111 -9.98 41.70 -13.10
N SER D 112 -10.49 41.72 -11.85
CA SER D 112 -10.57 40.51 -11.04
C SER D 112 -11.49 39.48 -11.70
N ARG D 113 -11.23 38.20 -11.42
CA ARG D 113 -12.12 37.12 -11.82
C ARG D 113 -12.69 36.50 -10.54
N ILE D 114 -14.03 36.62 -10.40
CA ILE D 114 -14.72 36.30 -9.16
C ILE D 114 -15.76 35.22 -9.40
N VAL D 115 -15.69 34.18 -8.56
CA VAL D 115 -16.74 33.16 -8.46
C VAL D 115 -17.54 33.40 -7.17
N MET D 116 -18.85 33.58 -7.33
CA MET D 116 -19.70 33.86 -6.22
C MET D 116 -20.61 32.66 -6.09
N ILE D 117 -20.57 32.03 -4.94
CA ILE D 117 -21.45 30.89 -4.67
C ILE D 117 -22.55 31.38 -3.77
N ILE D 118 -23.81 31.32 -4.20
CA ILE D 118 -24.93 31.86 -3.44
C ILE D 118 -25.67 30.94 -2.45
N GLU D 119 -25.57 31.31 -1.18
CA GLU D 119 -26.34 30.69 -0.11
C GLU D 119 -26.52 29.18 0.06
N PRO D 120 -25.42 28.52 0.42
CA PRO D 120 -25.47 27.13 0.89
C PRO D 120 -26.56 26.80 1.91
N ASP D 121 -27.30 25.74 1.62
CA ASP D 121 -28.42 25.23 2.45
C ASP D 121 -29.78 25.93 2.36
N THR D 122 -29.92 26.90 1.47
CA THR D 122 -31.15 27.63 1.41
C THR D 122 -32.07 26.78 0.56
N ILE D 123 -31.69 26.50 -0.68
CA ILE D 123 -32.53 25.67 -1.57
C ILE D 123 -32.87 24.35 -0.88
N GLY D 124 -31.89 23.73 -0.26
CA GLY D 124 -32.09 22.48 0.47
C GLY D 124 -33.28 22.55 1.38
N ASN D 125 -33.29 23.55 2.27
CA ASN D 125 -34.46 23.87 3.14
C ASN D 125 -35.78 24.27 2.44
N LEU D 126 -35.71 25.06 1.36
CA LEU D 126 -36.87 25.40 0.60
C LEU D 126 -37.60 24.14 0.10
N VAL D 127 -36.84 23.10 -0.19
CA VAL D 127 -37.40 21.89 -0.78
C VAL D 127 -37.89 20.93 0.29
N THR D 128 -37.10 20.72 1.33
CA THR D 128 -37.42 19.66 2.27
C THR D 128 -37.99 20.09 3.58
N ALA D 129 -37.69 21.30 4.03
CA ALA D 129 -38.20 21.79 5.30
C ALA D 129 -39.71 22.04 5.23
N ASN D 130 -40.40 21.77 6.34
CA ASN D 130 -41.84 21.92 6.54
C ASN D 130 -42.37 23.33 6.27
N ASN D 131 -43.59 23.46 5.76
CA ASN D 131 -44.14 24.78 5.45
C ASN D 131 -45.32 25.23 6.31
N ALA D 132 -45.39 24.68 7.51
CA ALA D 132 -46.47 25.07 8.42
C ALA D 132 -45.84 26.24 9.23
N ASN D 133 -46.37 27.47 9.12
CA ASN D 133 -45.88 28.68 9.80
C ASN D 133 -44.46 29.13 9.41
N CYS D 134 -43.97 28.75 8.24
CA CYS D 134 -42.66 29.26 7.83
C CYS D 134 -42.88 29.94 6.48
N ARG D 135 -44.14 30.14 6.14
CA ARG D 135 -44.55 30.67 4.90
C ARG D 135 -43.80 31.96 4.61
N ASN D 136 -43.74 32.84 5.61
CA ASN D 136 -43.09 34.14 5.47
C ASN D 136 -41.58 34.07 5.30
N VAL D 137 -40.89 33.52 6.29
CA VAL D 137 -39.43 33.49 6.29
C VAL D 137 -38.92 32.71 5.08
N HIS D 138 -39.65 31.68 4.67
CA HIS D 138 -39.26 30.96 3.46
C HIS D 138 -39.45 31.83 2.23
N ASP D 139 -40.58 32.54 2.18
CA ASP D 139 -40.88 33.37 1.03
C ASP D 139 -39.80 34.42 0.82
N MET D 140 -39.31 34.96 1.93
CA MET D 140 -38.26 35.96 1.89
C MET D 140 -36.99 35.34 1.29
N HIS D 141 -36.72 34.08 1.62
CA HIS D 141 -35.50 33.43 1.14
C HIS D 141 -35.45 33.43 -0.36
N LYS D 142 -36.54 33.14 -1.01
CA LYS D 142 -36.52 33.15 -2.43
C LYS D 142 -36.28 34.55 -2.96
N GLN D 143 -36.86 35.56 -2.28
CA GLN D 143 -36.68 36.96 -2.68
C GLN D 143 -35.21 37.34 -2.53
N ALA D 144 -34.63 36.91 -1.42
CA ALA D 144 -33.23 37.08 -1.11
C ALA D 144 -32.33 36.52 -2.20
N LEU D 145 -32.51 35.24 -2.55
CA LEU D 145 -31.67 34.60 -3.54
C LEU D 145 -31.86 35.23 -4.90
N SER D 146 -33.12 35.61 -5.21
CA SER D 146 -33.44 36.23 -6.50
C SER D 146 -32.68 37.55 -6.57
N TYR D 147 -32.67 38.27 -5.45
CA TYR D 147 -32.13 39.60 -5.47
C TYR D 147 -30.64 39.47 -5.69
N ALA D 148 -30.00 38.60 -4.90
CA ALA D 148 -28.54 38.38 -5.01
C ALA D 148 -28.15 38.03 -6.42
N ILE D 149 -28.91 37.17 -7.09
CA ILE D 149 -28.63 36.84 -8.47
C ILE D 149 -28.84 38.04 -9.39
N SER D 150 -29.83 38.90 -9.11
CA SER D 150 -30.13 40.05 -9.98
C SER D 150 -28.96 41.01 -10.05
N LYS D 151 -28.20 41.06 -8.96
CA LYS D 151 -27.04 41.94 -8.89
C LYS D 151 -25.72 41.30 -9.36
N PHE D 152 -25.33 40.19 -8.73
CA PHE D 152 -24.06 39.51 -9.04
C PHE D 152 -24.16 38.89 -10.42
N GLY D 153 -25.34 38.39 -10.78
CA GLY D 153 -25.58 37.81 -12.10
C GLY D 153 -25.52 38.76 -13.27
N THR D 154 -25.24 40.05 -13.01
CA THR D 154 -25.10 41.02 -14.11
C THR D 154 -23.69 41.52 -14.31
N GLN D 155 -22.83 41.28 -13.33
CA GLN D 155 -21.44 41.73 -13.37
C GLN D 155 -20.54 40.84 -14.20
N LYS D 156 -19.86 41.41 -15.20
CA LYS D 156 -19.02 40.65 -16.14
C LYS D 156 -17.73 40.02 -15.57
N ASN D 157 -17.25 40.54 -14.44
CA ASN D 157 -16.13 39.94 -13.70
C ASN D 157 -16.57 38.89 -12.64
N VAL D 158 -17.87 38.52 -12.66
CA VAL D 158 -18.39 37.52 -11.74
C VAL D 158 -19.05 36.35 -12.46
N ARG D 159 -18.84 35.15 -11.93
CA ARG D 159 -19.66 34.00 -12.33
C ARG D 159 -20.36 33.43 -11.09
N VAL D 160 -21.68 33.33 -11.17
CA VAL D 160 -22.44 32.89 -10.01
C VAL D 160 -22.98 31.47 -10.04
N TYR D 161 -22.63 30.73 -9.00
CA TYR D 161 -23.09 29.37 -8.80
C TYR D 161 -24.12 29.38 -7.69
N LEU D 162 -25.36 29.08 -8.03
CA LEU D 162 -26.38 28.96 -7.01
C LEU D 162 -26.17 27.59 -6.32
N ASP D 163 -26.14 27.56 -4.99
CA ASP D 163 -25.99 26.29 -4.30
C ASP D 163 -27.26 25.44 -4.22
N ALA D 164 -27.13 24.16 -4.63
CA ALA D 164 -28.24 23.23 -4.56
C ALA D 164 -28.01 21.95 -3.72
N ALA D 165 -27.64 22.13 -2.45
CA ALA D 165 -27.46 21.02 -1.51
C ALA D 165 -26.51 19.88 -1.99
N HIS D 166 -26.91 18.62 -1.81
CA HIS D 166 -26.18 17.46 -2.27
C HIS D 166 -27.15 16.27 -2.56
N GLY D 167 -26.64 15.24 -3.26
CA GLY D 167 -27.42 14.08 -3.66
C GLY D 167 -28.08 13.36 -2.51
N GLY D 168 -27.41 13.24 -1.36
CA GLY D 168 -28.00 12.61 -0.18
C GLY D 168 -29.24 13.32 0.33
N TRP D 169 -29.39 14.59 -0.06
CA TRP D 169 -30.46 15.47 0.41
C TRP D 169 -31.60 15.65 -0.62
N LEU D 170 -31.24 15.87 -1.87
CA LEU D 170 -32.15 16.32 -2.87
C LEU D 170 -32.25 15.44 -4.13
N ASN D 171 -31.50 14.32 -4.19
CA ASN D 171 -31.49 13.55 -5.45
C ASN D 171 -32.87 12.94 -5.78
N SER D 172 -33.65 12.66 -4.75
CA SER D 172 -34.98 12.11 -4.94
C SER D 172 -36.01 13.22 -5.16
N SER D 173 -35.55 14.48 -5.12
CA SER D 173 -36.45 15.64 -5.24
C SER D 173 -35.95 16.60 -6.29
N ALA D 174 -35.43 16.04 -7.38
CA ALA D 174 -34.78 16.87 -8.38
C ALA D 174 -35.83 17.68 -9.06
N ASP D 175 -37.03 17.14 -9.26
CA ASP D 175 -38.09 17.88 -9.93
C ASP D 175 -38.58 19.13 -9.18
N ARG D 176 -38.81 18.97 -7.88
CA ARG D 176 -39.18 20.05 -7.00
C ARG D 176 -38.08 21.11 -6.86
N THR D 177 -36.83 20.64 -6.66
CA THR D 177 -35.64 21.49 -6.65
C THR D 177 -35.51 22.31 -7.92
N ALA D 178 -35.61 21.72 -9.11
CA ALA D 178 -35.62 22.50 -10.33
C ALA D 178 -36.78 23.50 -10.31
N GLU D 179 -37.95 23.10 -9.83
CA GLU D 179 -39.10 24.01 -9.82
C GLU D 179 -38.72 25.31 -9.08
N VAL D 180 -38.20 25.15 -7.86
CA VAL D 180 -37.71 26.24 -7.04
C VAL D 180 -36.65 27.12 -7.71
N ILE D 181 -35.57 26.51 -8.21
CA ILE D 181 -34.52 27.23 -8.95
C ILE D 181 -35.08 28.03 -10.16
N ALA D 182 -35.94 27.41 -10.97
CA ALA D 182 -36.52 28.07 -12.14
C ALA D 182 -37.31 29.31 -11.75
N GLU D 183 -37.97 29.26 -10.61
CA GLU D 183 -38.77 30.32 -10.02
C GLU D 183 -37.88 31.44 -9.68
N ILE D 184 -36.92 31.14 -8.84
CA ILE D 184 -35.87 32.06 -8.45
C ILE D 184 -35.19 32.78 -9.64
N LEU D 185 -34.86 32.05 -10.70
CA LEU D 185 -34.26 32.69 -11.86
C LEU D 185 -35.20 33.59 -12.59
N ARG D 186 -36.50 33.27 -12.59
CA ARG D 186 -37.48 34.11 -13.26
C ARG D 186 -37.52 35.50 -12.62
N ASN D 187 -37.41 35.54 -11.29
CA ASN D 187 -37.44 36.79 -10.52
C ASN D 187 -36.08 37.48 -10.30
N ALA D 188 -35.10 37.18 -11.12
CA ALA D 188 -33.77 37.67 -10.85
C ALA D 188 -33.34 38.79 -11.83
N GLY D 189 -34.32 39.47 -12.42
CA GLY D 189 -34.04 40.56 -13.36
C GLY D 189 -33.24 40.03 -14.51
N ASN D 190 -32.15 40.71 -14.81
CA ASN D 190 -31.25 40.27 -15.89
C ASN D 190 -30.02 39.48 -15.43
N GLY D 191 -30.03 39.05 -14.17
CA GLY D 191 -29.01 38.18 -13.61
C GLY D 191 -29.04 36.78 -14.24
N LYS D 192 -27.87 36.28 -14.61
CA LYS D 192 -27.70 34.94 -15.16
C LYS D 192 -26.80 34.20 -14.17
N ILE D 193 -27.07 32.90 -13.94
CA ILE D 193 -26.12 32.03 -13.21
C ILE D 193 -25.30 31.26 -14.22
N ARG D 194 -24.04 31.00 -13.89
CA ARG D 194 -23.24 30.03 -14.63
C ARG D 194 -23.72 28.58 -14.33
N GLY D 195 -24.01 28.29 -13.06
CA GLY D 195 -24.49 26.98 -12.71
C GLY D 195 -24.72 26.79 -11.24
N ILE D 196 -24.57 25.55 -10.80
CA ILE D 196 -24.99 25.08 -9.49
C ILE D 196 -23.79 24.46 -8.79
N SER D 197 -23.69 24.74 -7.51
CA SER D 197 -22.72 24.14 -6.64
C SER D 197 -23.36 23.08 -5.73
N THR D 198 -22.68 21.95 -5.56
CA THR D 198 -23.22 20.92 -4.69
C THR D 198 -22.16 20.39 -3.69
N ASN D 199 -22.66 19.64 -2.71
CA ASN D 199 -21.84 18.99 -1.71
C ASN D 199 -21.14 19.93 -0.76
N VAL D 200 -21.56 21.21 -0.78
CA VAL D 200 -20.94 22.25 0.05
C VAL D 200 -21.11 21.90 1.51
N SER D 201 -19.97 21.69 2.17
CA SER D 201 -19.88 21.31 3.60
C SER D 201 -20.37 19.92 3.90
N ASN D 202 -20.43 19.09 2.86
CA ASN D 202 -20.79 17.68 3.00
C ASN D 202 -19.76 16.68 2.35
N TYR D 203 -20.06 15.40 2.51
CA TYR D 203 -19.08 14.40 2.29
C TYR D 203 -19.38 13.43 1.15
N GLN D 204 -20.19 13.84 0.19
CA GLN D 204 -20.66 12.90 -0.83
C GLN D 204 -19.55 12.66 -1.80
N PRO D 205 -19.41 11.40 -2.33
CA PRO D 205 -18.44 11.06 -3.38
C PRO D 205 -18.77 11.78 -4.66
N VAL D 206 -17.76 12.13 -5.42
CA VAL D 206 -17.95 12.75 -6.70
C VAL D 206 -18.79 11.90 -7.59
N TYR D 207 -18.61 10.57 -7.51
CA TYR D 207 -19.37 9.66 -8.34
C TYR D 207 -20.92 9.90 -8.19
N SER D 208 -21.46 9.78 -6.96
CA SER D 208 -22.88 9.97 -6.76
C SER D 208 -23.34 11.42 -6.97
N GLU D 209 -22.50 12.39 -6.63
CA GLU D 209 -22.81 13.80 -6.85
C GLU D 209 -22.97 14.07 -8.33
N TYR D 210 -22.14 13.46 -9.17
CA TYR D 210 -22.31 13.72 -10.59
C TYR D 210 -23.66 13.15 -11.12
N GLN D 211 -24.07 12.02 -10.53
CA GLN D 211 -25.32 11.36 -10.85
C GLN D 211 -26.44 12.32 -10.46
N TYR D 212 -26.31 12.93 -9.27
CA TYR D 212 -27.23 13.97 -8.85
C TYR D 212 -27.26 15.17 -9.84
N HIS D 213 -26.11 15.67 -10.22
CA HIS D 213 -26.04 16.72 -11.25
C HIS D 213 -26.82 16.39 -12.50
N GLN D 214 -26.74 15.13 -12.96
CA GLN D 214 -27.39 14.72 -14.19
C GLN D 214 -28.91 14.71 -14.01
N ASN D 215 -29.32 14.25 -12.85
CA ASN D 215 -30.71 14.25 -12.47
C ASN D 215 -31.24 15.69 -12.46
N LEU D 216 -30.55 16.54 -11.69
CA LEU D 216 -30.92 17.93 -11.56
C LEU D 216 -30.85 18.67 -12.89
N ASN D 217 -29.81 18.43 -13.66
CA ASN D 217 -29.75 19.05 -14.98
C ASN D 217 -30.94 18.71 -15.91
N ARG D 218 -31.33 17.43 -15.98
CA ARG D 218 -32.47 17.01 -16.75
C ARG D 218 -33.78 17.72 -16.30
N ALA D 219 -34.02 17.74 -14.99
CA ALA D 219 -35.14 18.48 -14.39
C ALA D 219 -35.13 19.98 -14.74
N LEU D 220 -33.97 20.62 -14.64
CA LEU D 220 -33.85 22.02 -15.02
C LEU D 220 -34.13 22.23 -16.51
N GLU D 221 -33.58 21.36 -17.36
CA GLU D 221 -33.74 21.51 -18.80
C GLU D 221 -35.21 21.43 -19.21
N SER D 222 -35.98 20.63 -18.47
CA SER D 222 -37.39 20.40 -18.76
C SER D 222 -38.26 21.60 -18.32
N ARG D 223 -37.65 22.57 -17.63
CA ARG D 223 -38.31 23.80 -17.17
C ARG D 223 -37.65 25.03 -17.79
N GLY D 224 -36.99 24.84 -18.94
CA GLY D 224 -36.38 25.93 -19.70
C GLY D 224 -35.03 26.48 -19.27
N VAL D 225 -34.48 25.96 -18.16
CA VAL D 225 -33.18 26.38 -17.62
C VAL D 225 -32.06 25.54 -18.27
N ARG D 226 -31.36 26.13 -19.23
CA ARG D 226 -30.43 25.36 -20.09
C ARG D 226 -28.97 25.76 -19.90
N GLY D 227 -28.07 24.85 -20.25
CA GLY D 227 -26.62 25.10 -20.18
C GLY D 227 -25.97 25.19 -18.81
N MET D 228 -26.68 24.75 -17.75
CA MET D 228 -26.10 24.71 -16.39
C MET D 228 -24.83 23.87 -16.30
N LYS D 229 -23.83 24.45 -15.65
CA LYS D 229 -22.61 23.72 -15.31
C LYS D 229 -22.59 23.49 -13.79
N PHE D 230 -21.65 22.71 -13.29
CA PHE D 230 -21.67 22.32 -11.88
C PHE D 230 -20.26 22.37 -11.30
N ILE D 231 -20.22 22.62 -9.99
CA ILE D 231 -19.00 22.54 -9.25
C ILE D 231 -19.38 21.76 -8.07
N VAL D 232 -18.45 20.98 -7.55
CA VAL D 232 -18.71 20.14 -6.37
C VAL D 232 -17.65 20.33 -5.30
N ASP D 233 -18.09 20.45 -4.05
CA ASP D 233 -17.19 20.62 -2.96
C ASP D 233 -16.40 19.31 -2.67
N THR D 234 -15.10 19.31 -2.92
CA THR D 234 -14.30 18.11 -2.64
C THR D 234 -13.40 18.24 -1.41
N SER D 235 -13.66 19.26 -0.58
CA SER D 235 -12.87 19.51 0.61
C SER D 235 -12.84 18.35 1.57
N ARG D 236 -13.92 17.63 1.75
CA ARG D 236 -13.97 16.63 2.85
C ARG D 236 -14.57 15.32 2.42
N ASN D 237 -14.48 15.01 1.12
CA ASN D 237 -15.14 13.82 0.61
C ASN D 237 -14.16 12.74 0.08
N GLY D 238 -12.99 12.64 0.67
CA GLY D 238 -12.07 11.57 0.31
C GLY D 238 -12.53 10.16 0.71
N ARG D 239 -13.36 10.04 1.76
CA ARG D 239 -13.90 8.71 2.16
C ARG D 239 -15.42 8.73 2.20
N ASN D 240 -16.04 7.62 1.82
CA ASN D 240 -17.50 7.55 1.83
C ASN D 240 -17.98 7.76 3.26
N PRO D 241 -19.08 8.56 3.43
CA PRO D 241 -19.59 8.85 4.77
C PRO D 241 -20.18 7.61 5.36
N SER D 242 -19.95 7.40 6.65
CA SER D 242 -20.62 6.35 7.41
C SER D 242 -22.13 6.59 7.63
N SER D 243 -22.55 7.84 7.78
CA SER D 243 -23.94 8.18 8.04
C SER D 243 -24.32 9.53 7.48
N ALA D 244 -25.53 9.94 7.77
CA ALA D 244 -26.10 11.21 7.31
C ALA D 244 -25.73 12.38 8.17
N THR D 245 -24.91 12.11 9.15
CA THR D 245 -24.35 13.09 10.07
C THR D 245 -23.56 14.15 9.30
N TRP D 246 -23.98 15.42 9.41
CA TRP D 246 -23.40 16.52 8.62
C TRP D 246 -22.36 17.27 9.43
N CYS D 247 -22.52 17.23 10.74
CA CYS D 247 -21.74 18.02 11.68
C CYS D 247 -20.44 17.29 12.04
N ASN D 248 -19.29 17.79 11.61
CA ASN D 248 -17.94 17.31 12.06
C ASN D 248 -17.77 15.80 11.99
N LEU D 249 -17.97 15.25 10.79
CA LEU D 249 -18.07 13.80 10.61
C LEU D 249 -16.73 13.09 10.83
N LYS D 250 -16.74 12.06 11.69
CA LYS D 250 -15.56 11.20 11.95
C LYS D 250 -15.22 10.37 10.73
N GLY D 251 -13.93 10.14 10.48
CA GLY D 251 -13.53 9.31 9.35
C GLY D 251 -13.44 10.02 8.00
N ALA D 252 -13.90 11.29 7.90
CA ALA D 252 -13.79 12.08 6.67
C ALA D 252 -12.32 12.26 6.35
N GLY D 253 -12.02 12.44 5.07
CA GLY D 253 -10.66 12.77 4.61
C GLY D 253 -10.69 13.77 3.48
N LEU D 254 -9.62 14.52 3.34
CA LEU D 254 -9.55 15.51 2.28
C LEU D 254 -9.75 14.78 0.98
N GLY D 255 -10.55 15.31 0.07
CA GLY D 255 -10.74 14.74 -1.23
C GLY D 255 -9.84 15.43 -2.23
N ALA D 256 -10.17 15.27 -3.52
CA ALA D 256 -9.36 15.74 -4.64
C ALA D 256 -9.02 17.19 -4.50
N ARG D 257 -7.86 17.56 -5.02
CA ARG D 257 -7.47 18.96 -5.00
C ARG D 257 -8.28 19.72 -6.01
N PRO D 258 -8.38 21.02 -5.79
CA PRO D 258 -9.18 21.91 -6.63
C PRO D 258 -8.60 21.75 -8.03
N GLN D 259 -9.47 21.73 -9.01
CA GLN D 259 -9.07 21.48 -10.40
C GLN D 259 -10.21 21.80 -11.34
N ALA D 260 -9.91 22.49 -12.45
CA ALA D 260 -10.90 22.71 -13.52
C ALA D 260 -11.06 21.47 -14.37
N ASN D 261 -12.28 21.23 -14.86
CA ASN D 261 -12.54 20.21 -15.88
C ASN D 261 -11.93 18.85 -15.57
N PRO D 262 -12.15 18.32 -14.36
CA PRO D 262 -11.30 17.22 -13.91
C PRO D 262 -11.54 15.89 -14.61
N ASP D 263 -12.66 15.75 -15.34
CA ASP D 263 -13.01 14.46 -15.99
C ASP D 263 -13.77 14.64 -17.28
N PRO D 264 -13.17 14.26 -18.43
CA PRO D 264 -13.90 14.41 -19.70
C PRO D 264 -15.19 13.55 -19.75
N ASN D 265 -15.28 12.50 -18.94
CA ASN D 265 -16.52 11.71 -18.76
C ASN D 265 -17.58 12.39 -17.88
N MET D 266 -17.21 13.54 -17.31
CA MET D 266 -18.13 14.39 -16.56
C MET D 266 -18.21 15.78 -17.21
N PRO D 267 -18.80 15.87 -18.39
CA PRO D 267 -18.76 17.15 -19.12
C PRO D 267 -19.56 18.31 -18.48
N LEU D 268 -20.51 17.98 -17.60
CA LEU D 268 -21.29 19.02 -16.91
C LEU D 268 -20.53 19.71 -15.78
N LEU D 269 -19.37 19.16 -15.42
CA LEU D 269 -18.66 19.51 -14.19
C LEU D 269 -17.53 20.45 -14.46
N ASP D 270 -17.75 21.73 -14.19
CA ASP D 270 -16.75 22.79 -14.26
C ASP D 270 -15.49 22.56 -13.43
N ALA D 271 -15.64 22.13 -12.15
CA ALA D 271 -14.51 21.95 -11.27
C ALA D 271 -14.80 21.23 -9.95
N TYR D 272 -13.72 20.61 -9.41
CA TYR D 272 -13.60 20.33 -7.99
C TYR D 272 -13.14 21.61 -7.32
N VAL D 273 -13.73 21.97 -6.18
CA VAL D 273 -13.45 23.24 -5.49
C VAL D 273 -13.46 22.90 -4.00
N TRP D 274 -12.62 23.58 -3.20
CA TRP D 274 -12.70 23.41 -1.76
C TRP D 274 -13.53 24.51 -1.19
N ILE D 275 -14.84 24.28 -1.08
CA ILE D 275 -15.75 25.29 -0.75
C ILE D 275 -15.86 25.50 0.81
N LYS D 276 -16.20 24.44 1.55
CA LYS D 276 -16.08 24.44 2.93
C LYS D 276 -14.61 24.47 3.30
N THR D 277 -14.22 25.25 4.29
CA THR D 277 -12.83 25.26 4.73
C THR D 277 -12.54 24.02 5.57
N PRO D 278 -11.71 23.12 5.01
CA PRO D 278 -11.33 21.88 5.70
C PRO D 278 -10.55 22.18 6.97
N GLY D 279 -11.08 21.78 8.12
CA GLY D 279 -10.47 22.12 9.39
C GLY D 279 -11.28 23.04 10.29
N GLU D 280 -12.16 23.87 9.69
CA GLU D 280 -13.05 24.76 10.47
C GLU D 280 -14.21 23.95 10.95
N SER D 281 -14.49 23.94 12.26
CA SER D 281 -15.67 23.29 12.80
C SER D 281 -17.01 23.62 12.09
N ASP D 282 -17.89 22.65 11.97
CA ASP D 282 -19.21 22.90 11.42
C ASP D 282 -20.15 23.58 12.39
N SER D 283 -19.84 23.33 13.66
CA SER D 283 -20.63 23.75 14.79
C SER D 283 -19.90 23.31 16.05
N ALA D 284 -20.18 23.97 17.17
CA ALA D 284 -19.68 23.55 18.49
C ALA D 284 -20.48 22.32 18.95
N SER D 285 -19.89 21.44 19.74
CA SER D 285 -20.54 20.18 20.12
C SER D 285 -21.82 20.32 20.85
N SER D 286 -21.91 21.30 21.71
CA SER D 286 -23.10 21.61 22.47
C SER D 286 -24.21 22.23 21.63
N ALA D 287 -23.84 22.84 20.53
CA ALA D 287 -24.73 23.55 19.65
C ALA D 287 -25.88 22.85 19.03
N ASP D 288 -25.74 21.60 18.68
CA ASP D 288 -26.81 20.88 18.03
C ASP D 288 -26.81 19.49 18.51
N PRO D 289 -27.92 19.02 19.01
CA PRO D 289 -27.90 17.58 19.31
C PRO D 289 -27.23 16.69 18.28
N VAL D 290 -27.30 17.05 17.00
CA VAL D 290 -26.65 16.27 15.95
C VAL D 290 -25.14 16.29 16.10
N CYS D 291 -24.63 17.38 16.60
CA CYS D 291 -23.19 17.49 16.78
C CYS D 291 -22.69 16.61 17.89
N ARG D 292 -23.62 15.95 18.58
CA ARG D 292 -23.28 14.96 19.60
C ARG D 292 -23.62 13.51 19.15
N ASN D 293 -23.66 13.28 17.87
CA ASN D 293 -23.87 11.95 17.39
C ASN D 293 -22.66 11.09 17.64
N SER D 294 -22.81 9.81 17.45
CA SER D 294 -21.74 8.89 17.66
C SER D 294 -20.56 9.09 16.73
N ASP D 295 -20.85 9.47 15.49
CA ASP D 295 -19.85 9.66 14.46
C ASP D 295 -19.46 11.08 14.19
N SER D 296 -19.82 11.94 15.10
CA SER D 296 -19.43 13.35 15.08
C SER D 296 -18.23 13.47 16.04
N LEU D 297 -17.11 14.02 15.55
CA LEU D 297 -15.95 14.24 16.41
C LEU D 297 -16.20 15.29 17.53
N GLN D 298 -15.82 14.93 18.77
CA GLN D 298 -16.19 15.74 19.96
C GLN D 298 -15.16 16.82 20.30
N GLY D 299 -15.56 17.87 21.02
CA GLY D 299 -14.64 18.96 21.38
C GLY D 299 -14.49 19.99 20.26
N ALA D 300 -15.54 20.13 19.45
CA ALA D 300 -15.53 21.07 18.36
C ALA D 300 -15.68 22.47 18.96
N PRO D 301 -14.81 23.41 18.55
CA PRO D 301 -15.09 24.83 18.78
C PRO D 301 -16.32 25.35 17.97
N ALA D 302 -16.63 26.65 18.06
CA ALA D 302 -17.80 27.22 17.38
C ALA D 302 -17.63 27.12 15.86
N ALA D 303 -18.76 27.05 15.18
CA ALA D 303 -18.82 27.06 13.73
C ALA D 303 -17.88 28.13 13.23
N GLY D 304 -17.08 27.77 12.24
CA GLY D 304 -16.10 28.68 11.66
C GLY D 304 -14.72 28.63 12.34
N SER D 305 -14.66 28.20 13.60
CA SER D 305 -13.36 28.22 14.30
C SER D 305 -12.54 27.02 13.96
N TRP D 306 -11.21 27.22 13.91
CA TRP D 306 -10.24 26.16 13.63
C TRP D 306 -10.26 25.00 14.61
N PHE D 307 -10.32 23.80 14.05
CA PHE D 307 -10.55 22.59 14.82
C PHE D 307 -9.38 21.67 14.55
N HIS D 308 -8.28 21.96 15.22
CA HIS D 308 -7.03 21.26 14.94
C HIS D 308 -7.08 19.70 14.87
N ASP D 309 -7.64 19.04 15.88
CA ASP D 309 -7.81 17.57 15.78
C ASP D 309 -8.49 17.12 14.47
N TYR D 310 -9.56 17.82 14.04
CA TYR D 310 -10.32 17.42 12.89
C TYR D 310 -9.46 17.58 11.68
N PHE D 311 -8.78 18.71 11.58
CA PHE D 311 -7.86 18.92 10.47
C PHE D 311 -6.85 17.81 10.33
N VAL D 312 -6.38 17.29 11.46
CA VAL D 312 -5.40 16.20 11.47
C VAL D 312 -6.02 14.93 10.89
N MET D 313 -7.22 14.57 11.33
CA MET D 313 -7.96 13.41 10.82
C MET D 313 -8.15 13.60 9.30
N LEU D 314 -8.56 14.81 8.86
CA LEU D 314 -8.69 15.07 7.41
C LEU D 314 -7.40 14.81 6.66
N LEU D 315 -6.28 15.08 7.33
CA LEU D 315 -4.95 14.94 6.73
C LEU D 315 -4.52 13.47 6.58
N GLU D 316 -4.74 12.69 7.64
CA GLU D 316 -4.45 11.25 7.70
C GLU D 316 -5.33 10.49 6.71
N ASN D 317 -6.64 10.80 6.65
CA ASN D 317 -7.56 10.11 5.74
C ASN D 317 -7.60 10.62 4.31
N ALA D 318 -6.78 11.61 3.97
CA ALA D 318 -6.74 12.19 2.61
C ALA D 318 -6.84 11.16 1.51
N ASN D 319 -7.73 11.39 0.57
CA ASN D 319 -7.80 10.52 -0.61
C ASN D 319 -8.19 11.28 -1.87
N PRO D 320 -7.37 11.40 -2.91
CA PRO D 320 -6.00 10.81 -3.08
C PRO D 320 -5.01 11.13 -1.97
N PRO D 321 -4.12 10.17 -1.67
CA PRO D 321 -3.11 10.32 -0.59
C PRO D 321 -1.95 11.18 -1.03
N PHE D 322 -0.94 11.35 -0.15
CA PHE D 322 0.26 12.18 -0.48
C PHE D 322 1.43 11.40 -1.12
#